data_8FKO
#
_entry.id   8FKO
#
_cell.length_a   58.074
_cell.length_b   86.996
_cell.length_c   109.817
_cell.angle_alpha   95.73
_cell.angle_beta   100.64
_cell.angle_gamma   108.89
#
_symmetry.space_group_name_H-M   'P 1'
#
loop_
_entity.id
_entity.type
_entity.pdbx_description
1 polymer 'Mitogen-activated protein kinase kinase kinase kinase 1'
2 non-polymer (3P)-3-{4-[(2S,5R)-5-amino-2-methylpiperidin-1-yl]-6-chloro-7H-pyrrolo[2,3-d]pyrimidin-5-yl}benzonitrile
3 water water
#
_entity_poly.entity_id   1
_entity_poly.type   'polypeptide(L)'
_entity_poly.pdbx_seq_one_letter_code
;MASHHHHHHDYDGATTENLYFQGSMDVVDPDIFNRDPRDHYDLLQRLGGGTYGEVFKARDKVSGDLVALKMVKMEPDDDV
STLQKEILILKTCRHANIVAYHGSYLWLQKLWICMEFCGAGSLQDIYQVTGSLSELQISYVCREVLQGLAYLHSQKKIHR
DIKGANILINDAGEVRLADFGISAQIGAELARRLEFIGTPYWMAPEVAAVALKGGYNELCDIWSLGITAIELAELQPPLF
DVHPLRVLFLMTKSGYQPPRLKEKGKWSAAFHNFIKVTLTKSPKKRPSATKMLSHQLVSQPGLNRGLILDLLDKLKNPGK
GPSIGDIEDEE
;
_entity_poly.pdbx_strand_id   A,B,C,D,E,F
#
loop_
_chem_comp.id
_chem_comp.type
_chem_comp.name
_chem_comp.formula
Y3O non-polymer (3P)-3-{4-[(2S,5R)-5-amino-2-methylpiperidin-1-yl]-6-chloro-7H-pyrrolo[2,3-d]pyrimidin-5-yl}benzonitrile 'C19 H19 Cl N6'
#
# COMPACT_ATOMS: atom_id res chain seq x y z
N VAL A 28 -11.49 -2.47 -15.38
CA VAL A 28 -11.42 -1.13 -14.77
C VAL A 28 -12.50 -0.21 -15.30
N ASP A 29 -12.83 -0.34 -16.61
CA ASP A 29 -13.84 0.52 -17.23
C ASP A 29 -14.29 -0.10 -18.54
N PRO A 30 -15.58 -0.45 -18.67
CA PRO A 30 -16.07 -0.97 -19.97
C PRO A 30 -15.96 0.03 -21.13
N ASP A 31 -15.87 1.35 -20.84
CA ASP A 31 -15.74 2.35 -21.93
C ASP A 31 -14.31 2.81 -22.22
N ILE A 32 -13.31 2.12 -21.64
CA ILE A 32 -11.90 2.46 -21.82
C ILE A 32 -11.43 2.36 -23.26
N PHE A 33 -10.47 3.22 -23.60
CA PHE A 33 -9.85 3.19 -24.91
C PHE A 33 -8.51 2.46 -24.73
N ASN A 34 -8.36 1.29 -25.37
CA ASN A 34 -7.09 0.56 -25.32
C ASN A 34 -6.21 1.11 -26.41
N ARG A 35 -5.87 2.39 -26.29
CA ARG A 35 -5.05 3.15 -27.22
C ARG A 35 -4.19 4.14 -26.43
N ASP A 36 -3.06 4.52 -27.03
CA ASP A 36 -2.15 5.50 -26.49
C ASP A 36 -2.84 6.85 -26.60
N PRO A 37 -3.02 7.57 -25.47
CA PRO A 37 -3.62 8.92 -25.56
C PRO A 37 -2.76 9.86 -26.37
N ARG A 38 -1.44 9.64 -26.43
CA ARG A 38 -0.56 10.46 -27.25
C ARG A 38 -0.88 10.37 -28.75
N ASP A 39 -1.78 9.44 -29.18
CA ASP A 39 -2.24 9.43 -30.58
C ASP A 39 -3.17 10.64 -30.83
N HIS A 40 -3.95 11.04 -29.82
CA HIS A 40 -4.88 12.15 -29.93
C HIS A 40 -4.37 13.44 -29.25
N TYR A 41 -3.41 13.34 -28.32
CA TYR A 41 -2.96 14.49 -27.57
C TYR A 41 -1.47 14.73 -27.52
N ASP A 42 -1.10 16.00 -27.54
CA ASP A 42 0.27 16.40 -27.31
C ASP A 42 0.41 16.68 -25.81
N LEU A 43 1.29 15.98 -25.11
CA LEU A 43 1.52 16.25 -23.69
C LEU A 43 2.34 17.53 -23.62
N LEU A 44 1.78 18.59 -23.02
CA LEU A 44 2.41 19.91 -22.97
C LEU A 44 3.28 20.14 -21.76
N GLN A 45 2.84 19.70 -20.58
CA GLN A 45 3.62 19.84 -19.36
C GLN A 45 3.00 19.09 -18.19
N ARG A 46 3.84 18.72 -17.24
CA ARG A 46 3.40 18.04 -16.04
C ARG A 46 2.92 19.15 -15.11
N LEU A 47 1.59 19.26 -14.88
CA LEU A 47 1.05 20.33 -14.04
C LEU A 47 1.18 20.06 -12.54
N GLY A 48 1.27 18.80 -12.15
CA GLY A 48 1.35 18.44 -10.74
C GLY A 48 0.70 17.10 -10.50
N GLY A 49 -0.10 17.00 -9.45
CA GLY A 49 -0.79 15.76 -9.13
C GLY A 49 -1.91 15.91 -8.12
N GLY A 50 -2.61 14.82 -7.88
CA GLY A 50 -3.69 14.81 -6.90
C GLY A 50 -3.33 13.88 -5.76
N THR A 51 -4.34 13.21 -5.16
CA THR A 51 -4.12 12.22 -4.08
C THR A 51 -3.12 11.13 -4.55
N TYR A 52 -3.26 10.73 -5.82
CA TYR A 52 -2.38 9.79 -6.50
C TYR A 52 -2.29 10.20 -7.98
N GLY A 53 -1.37 9.60 -8.73
CA GLY A 53 -1.23 9.91 -10.13
C GLY A 53 -0.51 11.21 -10.44
N GLU A 54 -0.22 11.43 -11.72
CA GLU A 54 0.46 12.61 -12.19
C GLU A 54 -0.45 13.26 -13.22
N VAL A 55 -0.63 14.58 -13.12
CA VAL A 55 -1.49 15.27 -14.07
C VAL A 55 -0.69 16.03 -15.11
N PHE A 56 -1.09 15.87 -16.38
CA PHE A 56 -0.44 16.52 -17.48
C PHE A 56 -1.44 17.44 -18.18
N LYS A 57 -0.95 18.60 -18.60
CA LYS A 57 -1.67 19.50 -19.45
C LYS A 57 -1.50 18.88 -20.84
N ALA A 58 -2.58 18.79 -21.62
CA ALA A 58 -2.49 18.20 -22.95
C ALA A 58 -3.33 18.96 -23.94
N ARG A 59 -2.98 18.86 -25.22
CA ARG A 59 -3.66 19.58 -26.27
C ARG A 59 -4.05 18.64 -27.39
N ASP A 60 -5.30 18.67 -27.81
CA ASP A 60 -5.82 17.89 -28.95
C ASP A 60 -4.98 18.25 -30.20
N LYS A 61 -4.41 17.25 -30.88
CA LYS A 61 -3.51 17.45 -32.03
C LYS A 61 -4.10 18.24 -33.21
N VAL A 62 -5.41 18.12 -33.44
CA VAL A 62 -6.05 18.79 -34.56
C VAL A 62 -6.78 20.08 -34.19
N SER A 63 -7.60 20.04 -33.12
CA SER A 63 -8.38 21.20 -32.71
C SER A 63 -7.61 22.19 -31.84
N GLY A 64 -6.76 21.67 -30.96
CA GLY A 64 -6.01 22.53 -30.04
C GLY A 64 -6.63 22.67 -28.66
N ASP A 65 -7.79 22.02 -28.43
CA ASP A 65 -8.51 22.04 -27.15
C ASP A 65 -7.66 21.43 -26.06
N LEU A 66 -7.63 22.08 -24.90
CA LEU A 66 -6.84 21.65 -23.76
C LEU A 66 -7.61 20.69 -22.89
N VAL A 67 -6.92 19.68 -22.34
CA VAL A 67 -7.46 18.71 -21.41
C VAL A 67 -6.40 18.47 -20.30
N ALA A 68 -6.83 17.89 -19.19
CA ALA A 68 -5.92 17.48 -18.13
C ALA A 68 -5.94 15.93 -18.17
N LEU A 69 -4.78 15.29 -18.33
CA LEU A 69 -4.68 13.83 -18.35
C LEU A 69 -4.01 13.34 -17.08
N LYS A 70 -4.76 12.64 -16.24
CA LYS A 70 -4.21 12.08 -15.01
C LYS A 70 -3.70 10.66 -15.28
N MET A 71 -2.39 10.44 -15.18
CA MET A 71 -1.76 9.14 -15.43
C MET A 71 -1.47 8.40 -14.13
N VAL A 72 -1.87 7.12 -14.05
CA VAL A 72 -1.63 6.24 -12.90
C VAL A 72 -1.02 4.92 -13.43
N LYS A 73 -0.05 4.34 -12.72
CA LYS A 73 0.55 3.07 -13.13
C LYS A 73 -0.47 1.98 -12.83
N MET A 74 -0.76 1.15 -13.85
CA MET A 74 -1.78 0.10 -13.77
C MET A 74 -1.30 -1.25 -14.32
N GLU A 75 -0.64 -2.05 -13.48
CA GLU A 75 -0.15 -3.37 -13.87
C GLU A 75 -1.29 -4.43 -13.82
N PRO A 76 -1.14 -5.60 -14.50
CA PRO A 76 -2.20 -6.62 -14.44
C PRO A 76 -2.41 -7.26 -13.06
N ASP A 77 -1.38 -7.22 -12.21
CA ASP A 77 -1.46 -7.78 -10.86
C ASP A 77 -2.10 -6.82 -9.84
N ASP A 78 -2.02 -5.51 -10.08
CA ASP A 78 -2.54 -4.47 -9.18
C ASP A 78 -4.03 -4.54 -8.92
N ASP A 79 -4.47 -4.06 -7.74
CA ASP A 79 -5.89 -4.00 -7.43
C ASP A 79 -6.46 -2.85 -8.23
N VAL A 80 -7.42 -3.16 -9.07
CA VAL A 80 -8.06 -2.26 -10.01
C VAL A 80 -9.30 -1.50 -9.42
N SER A 81 -9.76 -1.92 -8.23
CA SER A 81 -10.93 -1.38 -7.56
C SER A 81 -10.93 0.12 -7.30
N THR A 82 -9.81 0.73 -6.86
CA THR A 82 -9.80 2.17 -6.58
C THR A 82 -10.05 2.98 -7.84
N LEU A 83 -9.27 2.74 -8.89
CA LEU A 83 -9.37 3.44 -10.18
C LEU A 83 -10.70 3.13 -10.87
N GLN A 84 -11.22 1.91 -10.71
CA GLN A 84 -12.52 1.51 -11.28
C GLN A 84 -13.61 2.40 -10.67
N LYS A 85 -13.54 2.64 -9.36
CA LYS A 85 -14.48 3.47 -8.63
C LYS A 85 -14.33 4.94 -8.92
N GLU A 86 -13.10 5.43 -9.16
CA GLU A 86 -12.91 6.84 -9.48
C GLU A 86 -13.54 7.13 -10.85
N ILE A 87 -13.26 6.27 -11.84
CA ILE A 87 -13.84 6.44 -13.17
C ILE A 87 -15.39 6.38 -13.12
N LEU A 88 -15.95 5.44 -12.33
CA LEU A 88 -17.38 5.28 -12.16
C LEU A 88 -18.04 6.54 -11.57
N ILE A 89 -17.39 7.18 -10.60
CA ILE A 89 -17.91 8.42 -10.02
C ILE A 89 -17.87 9.52 -11.09
N LEU A 90 -16.73 9.69 -11.79
CA LEU A 90 -16.59 10.72 -12.84
C LEU A 90 -17.58 10.55 -14.02
N LYS A 91 -17.79 9.31 -14.45
CA LYS A 91 -18.66 8.92 -15.57
C LYS A 91 -20.14 9.09 -15.23
N THR A 92 -20.54 8.75 -13.99
CA THR A 92 -21.92 8.85 -13.58
C THR A 92 -22.32 10.23 -13.00
N CYS A 93 -21.38 11.19 -12.90
CA CYS A 93 -21.67 12.57 -12.47
C CYS A 93 -22.02 13.43 -13.66
N ARG A 94 -23.24 13.91 -13.68
CA ARG A 94 -23.67 14.80 -14.73
C ARG A 94 -23.99 16.07 -14.01
N HIS A 95 -22.95 16.91 -13.72
CA HIS A 95 -23.24 18.14 -13.00
C HIS A 95 -22.33 19.33 -13.30
N ALA A 96 -22.94 20.52 -13.45
CA ALA A 96 -22.25 21.81 -13.71
C ALA A 96 -21.22 22.21 -12.63
N ASN A 97 -21.30 21.62 -11.42
CA ASN A 97 -20.32 21.91 -10.38
C ASN A 97 -19.35 20.75 -10.11
N ILE A 98 -19.19 19.85 -11.08
CA ILE A 98 -18.25 18.73 -10.99
C ILE A 98 -17.39 18.76 -12.22
N VAL A 99 -16.06 18.66 -12.06
CA VAL A 99 -15.12 18.66 -13.20
C VAL A 99 -15.57 17.72 -14.37
N ALA A 100 -15.54 18.21 -15.62
CA ALA A 100 -15.98 17.41 -16.76
C ALA A 100 -15.04 16.23 -17.00
N TYR A 101 -15.60 15.09 -17.43
CA TYR A 101 -14.88 13.84 -17.70
C TYR A 101 -15.04 13.52 -19.20
N HIS A 102 -13.94 13.18 -19.88
CA HIS A 102 -13.97 12.93 -21.32
C HIS A 102 -13.74 11.46 -21.70
N GLY A 103 -13.13 10.70 -20.82
CA GLY A 103 -12.85 9.30 -21.07
C GLY A 103 -11.55 8.84 -20.46
N SER A 104 -11.24 7.53 -20.61
CA SER A 104 -10.03 6.95 -20.08
C SER A 104 -9.32 6.07 -21.10
N TYR A 105 -7.99 5.99 -20.95
CA TYR A 105 -7.10 5.26 -21.84
C TYR A 105 -6.28 4.29 -21.03
N LEU A 106 -6.05 3.10 -21.56
CA LEU A 106 -5.21 2.09 -20.94
C LEU A 106 -4.21 1.71 -22.01
N TRP A 107 -2.92 1.96 -21.75
CA TRP A 107 -1.87 1.72 -22.71
C TRP A 107 -0.54 1.47 -22.03
N LEU A 108 0.03 0.26 -22.23
CA LEU A 108 1.33 -0.18 -21.72
C LEU A 108 1.43 0.01 -20.21
N GLN A 109 0.49 -0.59 -19.48
CA GLN A 109 0.43 -0.54 -18.02
C GLN A 109 0.27 0.89 -17.43
N LYS A 110 -0.34 1.80 -18.17
CA LYS A 110 -0.60 3.16 -17.67
C LYS A 110 -2.04 3.53 -17.97
N LEU A 111 -2.77 3.94 -16.93
CA LEU A 111 -4.14 4.39 -17.03
C LEU A 111 -4.11 5.91 -17.11
N TRP A 112 -4.82 6.49 -18.05
CA TRP A 112 -4.88 7.92 -18.27
C TRP A 112 -6.33 8.36 -18.16
N ILE A 113 -6.65 9.23 -17.21
CA ILE A 113 -8.00 9.73 -17.02
C ILE A 113 -8.05 11.12 -17.64
N CYS A 114 -8.88 11.29 -18.66
CA CYS A 114 -9.00 12.54 -19.36
C CYS A 114 -10.11 13.40 -18.80
N MET A 115 -9.76 14.57 -18.26
CA MET A 115 -10.72 15.48 -17.67
C MET A 115 -10.54 16.91 -18.17
N GLU A 116 -11.46 17.78 -17.76
CA GLU A 116 -11.47 19.18 -18.10
C GLU A 116 -10.18 19.86 -17.64
N PHE A 117 -9.63 20.74 -18.46
CA PHE A 117 -8.46 21.53 -18.11
C PHE A 117 -9.00 22.88 -17.64
N CYS A 118 -8.93 23.18 -16.34
CA CYS A 118 -9.47 24.47 -15.84
C CYS A 118 -8.35 25.51 -15.80
N GLY A 119 -8.37 26.42 -16.79
CA GLY A 119 -7.35 27.44 -17.00
C GLY A 119 -6.83 28.21 -15.80
N ALA A 120 -7.68 28.53 -14.82
CA ALA A 120 -7.23 29.24 -13.60
C ALA A 120 -6.63 28.32 -12.51
N GLY A 121 -6.80 27.02 -12.68
CA GLY A 121 -6.32 26.05 -11.72
C GLY A 121 -7.28 25.97 -10.56
N SER A 122 -6.75 25.64 -9.39
CA SER A 122 -7.52 25.51 -8.18
C SER A 122 -7.71 26.87 -7.48
N LEU A 123 -8.59 26.91 -6.49
CA LEU A 123 -8.75 28.13 -5.69
C LEU A 123 -7.50 28.40 -4.87
N GLN A 124 -6.69 27.38 -4.54
CA GLN A 124 -5.42 27.61 -3.85
C GLN A 124 -4.41 28.31 -4.81
N ASP A 125 -4.38 27.88 -6.10
CA ASP A 125 -3.56 28.55 -7.11
C ASP A 125 -3.93 30.05 -7.20
N ILE A 126 -5.23 30.36 -7.07
CA ILE A 126 -5.78 31.70 -7.15
C ILE A 126 -5.49 32.55 -5.93
N TYR A 127 -5.82 32.05 -4.71
CA TYR A 127 -5.67 32.87 -3.53
C TYR A 127 -4.22 33.12 -3.14
N GLN A 128 -3.25 32.29 -3.61
CA GLN A 128 -1.87 32.59 -3.27
C GLN A 128 -1.32 33.74 -4.15
N VAL A 129 -1.93 34.02 -5.31
CA VAL A 129 -1.52 35.15 -6.14
C VAL A 129 -2.34 36.42 -5.79
N THR A 130 -3.63 36.22 -5.59
CA THR A 130 -4.66 37.26 -5.41
C THR A 130 -4.87 37.67 -3.93
N GLY A 131 -4.48 36.81 -3.02
CA GLY A 131 -4.73 37.00 -1.60
C GLY A 131 -6.14 36.53 -1.26
N SER A 132 -6.63 36.94 -0.10
CA SER A 132 -7.95 36.61 0.41
C SER A 132 -9.03 36.94 -0.57
N LEU A 133 -10.01 36.04 -0.71
CA LEU A 133 -11.14 36.32 -1.54
C LEU A 133 -12.04 37.23 -0.72
N SER A 134 -12.86 38.01 -1.41
CA SER A 134 -13.83 38.86 -0.75
C SER A 134 -14.94 37.95 -0.16
N GLU A 135 -15.81 38.50 0.70
CA GLU A 135 -16.90 37.72 1.30
C GLU A 135 -17.90 37.27 0.24
N LEU A 136 -18.22 38.12 -0.73
CA LEU A 136 -19.15 37.76 -1.80
C LEU A 136 -18.54 36.67 -2.70
N GLN A 137 -17.24 36.72 -2.98
CA GLN A 137 -16.60 35.66 -3.78
C GLN A 137 -16.65 34.33 -3.01
N ILE A 138 -16.40 34.34 -1.71
CA ILE A 138 -16.47 33.15 -0.89
C ILE A 138 -17.90 32.62 -0.87
N SER A 139 -18.89 33.52 -0.69
CA SER A 139 -20.31 33.17 -0.66
C SER A 139 -20.71 32.45 -1.93
N TYR A 140 -20.26 32.96 -3.09
CA TYR A 140 -20.56 32.37 -4.39
C TYR A 140 -19.89 30.99 -4.51
N VAL A 141 -18.60 30.86 -4.14
CA VAL A 141 -17.90 29.57 -4.17
C VAL A 141 -18.64 28.56 -3.26
N CYS A 142 -19.07 29.01 -2.07
CA CYS A 142 -19.76 28.11 -1.13
C CYS A 142 -21.08 27.64 -1.72
N ARG A 143 -21.84 28.53 -2.34
CA ARG A 143 -23.11 28.13 -2.98
C ARG A 143 -22.86 27.10 -4.09
N GLU A 144 -21.88 27.36 -4.98
CA GLU A 144 -21.58 26.46 -6.07
C GLU A 144 -21.09 25.09 -5.57
N VAL A 145 -20.28 25.07 -4.50
CA VAL A 145 -19.78 23.84 -3.90
C VAL A 145 -20.94 23.06 -3.26
N LEU A 146 -21.85 23.77 -2.57
CA LEU A 146 -23.03 23.17 -1.96
C LEU A 146 -23.96 22.57 -3.03
N GLN A 147 -24.05 23.19 -4.25
CA GLN A 147 -24.84 22.58 -5.32
C GLN A 147 -24.18 21.25 -5.78
N GLY A 148 -22.86 21.25 -5.94
CA GLY A 148 -22.13 20.03 -6.30
C GLY A 148 -22.29 18.94 -5.24
N LEU A 149 -22.24 19.32 -3.94
CA LEU A 149 -22.35 18.38 -2.83
C LEU A 149 -23.75 17.84 -2.72
N ALA A 150 -24.79 18.70 -2.87
CA ALA A 150 -26.18 18.23 -2.87
C ALA A 150 -26.40 17.20 -3.99
N TYR A 151 -25.81 17.45 -5.16
CA TYR A 151 -25.90 16.49 -6.26
C TYR A 151 -25.20 15.18 -5.91
N LEU A 152 -23.91 15.23 -5.46
CA LEU A 152 -23.14 14.05 -5.10
C LEU A 152 -23.86 13.22 -4.04
N HIS A 153 -24.34 13.87 -3.00
CA HIS A 153 -25.01 13.17 -1.91
C HIS A 153 -26.31 12.49 -2.37
N SER A 154 -27.07 13.13 -3.29
CA SER A 154 -28.30 12.55 -3.87
C SER A 154 -28.03 11.28 -4.68
N GLN A 155 -26.81 11.14 -5.23
CA GLN A 155 -26.40 9.95 -5.97
C GLN A 155 -25.64 8.95 -5.09
N LYS A 156 -25.72 9.08 -3.77
CA LYS A 156 -25.08 8.23 -2.77
C LYS A 156 -23.56 8.31 -2.76
N LYS A 157 -22.99 9.48 -3.10
CA LYS A 157 -21.54 9.65 -3.08
C LYS A 157 -21.11 10.67 -2.02
N ILE A 158 -19.87 10.55 -1.56
CA ILE A 158 -19.26 11.47 -0.59
C ILE A 158 -17.94 11.86 -1.19
N HIS A 159 -17.61 13.17 -1.25
CA HIS A 159 -16.34 13.61 -1.83
C HIS A 159 -15.16 13.27 -0.86
N ARG A 160 -15.30 13.64 0.43
CA ARG A 160 -14.34 13.37 1.49
C ARG A 160 -13.02 14.14 1.36
N ASP A 161 -12.85 14.97 0.32
CA ASP A 161 -11.63 15.73 0.17
C ASP A 161 -11.90 17.18 -0.27
N ILE A 162 -12.93 17.80 0.28
CA ILE A 162 -13.27 19.18 -0.01
C ILE A 162 -12.21 20.07 0.57
N LYS A 163 -11.60 20.90 -0.28
CA LYS A 163 -10.57 21.86 0.11
C LYS A 163 -10.31 22.76 -1.11
N GLY A 164 -9.65 23.90 -0.91
CA GLY A 164 -9.35 24.84 -1.98
C GLY A 164 -8.59 24.24 -3.14
N ALA A 165 -7.63 23.35 -2.87
CA ALA A 165 -6.86 22.67 -3.90
C ALA A 165 -7.75 21.76 -4.80
N ASN A 166 -8.93 21.33 -4.29
CA ASN A 166 -9.83 20.46 -5.05
C ASN A 166 -11.06 21.18 -5.63
N ILE A 167 -11.07 22.50 -5.64
CA ILE A 167 -12.15 23.27 -6.19
C ILE A 167 -11.53 24.07 -7.32
N LEU A 168 -11.92 23.79 -8.56
CA LEU A 168 -11.30 24.43 -9.70
C LEU A 168 -12.17 25.51 -10.30
N ILE A 169 -11.55 26.48 -10.98
CA ILE A 169 -12.29 27.52 -11.68
C ILE A 169 -11.90 27.40 -13.14
N ASN A 170 -12.88 27.16 -14.05
CA ASN A 170 -12.52 27.05 -15.46
C ASN A 170 -12.52 28.44 -16.13
N ASP A 171 -12.17 28.56 -17.42
CA ASP A 171 -12.14 29.88 -18.10
C ASP A 171 -13.53 30.50 -18.22
N ALA A 172 -14.62 29.67 -18.18
CA ALA A 172 -15.96 30.24 -18.20
C ALA A 172 -16.42 30.76 -16.80
N GLY A 173 -15.54 30.75 -15.80
CA GLY A 173 -15.86 31.23 -14.46
C GLY A 173 -16.70 30.27 -13.65
N GLU A 174 -16.68 28.98 -14.01
CA GLU A 174 -17.48 27.99 -13.30
C GLU A 174 -16.68 27.33 -12.17
N VAL A 175 -17.37 26.99 -11.06
CA VAL A 175 -16.75 26.39 -9.91
C VAL A 175 -17.00 24.88 -10.01
N ARG A 176 -15.91 24.07 -10.08
CA ARG A 176 -16.02 22.62 -10.28
C ARG A 176 -15.20 21.81 -9.27
N LEU A 177 -15.86 20.85 -8.61
CA LEU A 177 -15.24 19.94 -7.65
C LEU A 177 -14.38 18.96 -8.41
N ALA A 178 -13.18 18.67 -7.91
CA ALA A 178 -12.26 17.77 -8.57
C ALA A 178 -11.62 16.79 -7.55
N ASP A 179 -10.81 15.82 -8.03
CA ASP A 179 -10.12 14.85 -7.22
C ASP A 179 -11.02 13.92 -6.41
N PHE A 180 -11.54 12.90 -7.10
CA PHE A 180 -12.33 11.89 -6.41
C PHE A 180 -11.49 10.70 -5.92
N GLY A 181 -10.16 10.90 -5.80
CA GLY A 181 -9.18 9.91 -5.36
C GLY A 181 -9.43 9.36 -3.97
N ILE A 182 -9.64 10.24 -2.98
CA ILE A 182 -9.95 9.79 -1.62
C ILE A 182 -11.29 9.06 -1.61
N SER A 183 -12.28 9.61 -2.29
CA SER A 183 -13.61 9.01 -2.37
C SER A 183 -13.54 7.58 -2.95
N ALA A 184 -12.75 7.41 -4.00
CA ALA A 184 -12.56 6.11 -4.64
C ALA A 184 -11.85 5.14 -3.67
N GLN A 185 -10.78 5.58 -2.99
CA GLN A 185 -10.03 4.77 -2.04
C GLN A 185 -10.93 4.28 -0.91
N ILE A 186 -11.82 5.16 -0.42
CA ILE A 186 -12.75 4.85 0.65
C ILE A 186 -13.86 3.89 0.20
N GLY A 187 -14.33 4.04 -1.02
CA GLY A 187 -15.31 3.12 -1.57
C GLY A 187 -14.70 1.74 -1.75
N ALA A 188 -13.44 1.70 -2.21
CA ALA A 188 -12.72 0.43 -2.42
C ALA A 188 -12.42 -0.27 -1.08
N GLU A 189 -12.01 0.50 -0.06
CA GLU A 189 -11.73 -0.01 1.28
C GLU A 189 -13.01 -0.59 1.91
N LEU A 190 -14.16 0.05 1.69
CA LEU A 190 -15.47 -0.40 2.21
C LEU A 190 -15.94 -1.69 1.51
N ALA A 191 -15.64 -1.84 0.23
CA ALA A 191 -16.03 -3.05 -0.52
C ALA A 191 -15.17 -4.24 -0.08
N ARG A 192 -13.88 -4.02 0.23
CA ARG A 192 -12.95 -5.05 0.70
C ARG A 192 -13.34 -5.55 2.10
N ARG A 193 -13.73 -4.63 2.99
CA ARG A 193 -14.13 -4.96 4.37
C ARG A 193 -15.36 -5.84 4.40
N LEU A 194 -16.30 -5.61 3.50
CA LEU A 194 -17.52 -6.41 3.40
C LEU A 194 -17.21 -7.84 2.94
N GLU A 195 -16.24 -7.97 2.03
CA GLU A 195 -15.78 -9.22 1.46
C GLU A 195 -15.13 -10.10 2.54
N PHE A 196 -14.41 -9.50 3.49
CA PHE A 196 -13.76 -10.25 4.55
C PHE A 196 -14.40 -10.03 5.92
N ILE A 197 -15.69 -9.64 5.96
CA ILE A 197 -16.37 -9.40 7.24
C ILE A 197 -16.62 -10.71 8.01
N GLY A 198 -16.78 -11.81 7.30
CA GLY A 198 -16.97 -13.11 7.92
C GLY A 198 -18.41 -13.34 8.32
N THR A 199 -18.64 -14.35 9.16
CA THR A 199 -19.98 -14.69 9.61
C THR A 199 -20.50 -13.55 10.52
N PRO A 200 -21.72 -13.05 10.29
CA PRO A 200 -22.20 -11.89 11.05
C PRO A 200 -23.25 -12.20 12.14
N TYR A 201 -23.58 -13.46 12.40
CA TYR A 201 -24.68 -13.82 13.31
C TYR A 201 -24.52 -13.39 14.74
N TRP A 202 -23.29 -13.20 15.21
CA TRP A 202 -23.03 -12.75 16.60
C TRP A 202 -22.65 -11.25 16.65
N MET A 203 -22.59 -10.55 15.50
CA MET A 203 -22.22 -9.14 15.41
C MET A 203 -23.30 -8.22 15.93
N ALA A 204 -22.89 -7.25 16.71
CA ALA A 204 -23.77 -6.22 17.23
C ALA A 204 -24.21 -5.36 16.01
N PRO A 205 -25.42 -4.76 16.05
CA PRO A 205 -25.91 -4.00 14.89
C PRO A 205 -25.02 -2.83 14.51
N GLU A 206 -24.43 -2.15 15.48
CA GLU A 206 -23.54 -1.04 15.20
C GLU A 206 -22.24 -1.53 14.50
N VAL A 207 -21.82 -2.79 14.76
CA VAL A 207 -20.64 -3.36 14.08
C VAL A 207 -21.03 -3.60 12.64
N ALA A 208 -22.23 -4.17 12.40
CA ALA A 208 -22.75 -4.42 11.05
C ALA A 208 -22.92 -3.11 10.28
N ALA A 209 -23.34 -2.03 10.96
CA ALA A 209 -23.52 -0.71 10.37
C ALA A 209 -22.20 -0.09 9.90
N VAL A 210 -21.12 -0.13 10.70
CA VAL A 210 -19.84 0.44 10.23
C VAL A 210 -19.20 -0.44 9.12
N ALA A 211 -19.53 -1.75 9.08
CA ALA A 211 -19.05 -2.61 8.03
C ALA A 211 -19.76 -2.28 6.70
N LEU A 212 -21.06 -1.92 6.76
CA LEU A 212 -21.86 -1.58 5.57
C LEU A 212 -21.73 -0.09 5.13
N LYS A 213 -21.72 0.87 6.07
CA LYS A 213 -21.72 2.31 5.79
C LYS A 213 -20.41 3.04 6.14
N GLY A 214 -19.74 2.67 7.24
CA GLY A 214 -18.45 3.24 7.57
C GLY A 214 -18.20 3.96 8.88
N GLY A 215 -19.23 4.32 9.62
CA GLY A 215 -19.03 5.03 10.89
C GLY A 215 -19.30 6.52 10.80
N TYR A 216 -19.29 7.07 9.57
CA TYR A 216 -19.63 8.46 9.32
C TYR A 216 -20.47 8.56 8.02
N ASN A 217 -20.99 9.75 7.72
CA ASN A 217 -21.84 9.95 6.56
C ASN A 217 -21.39 11.20 5.72
N GLU A 218 -22.18 11.59 4.73
CA GLU A 218 -21.90 12.67 3.80
C GLU A 218 -21.77 14.06 4.44
N LEU A 219 -22.21 14.21 5.70
CA LEU A 219 -22.14 15.49 6.40
C LEU A 219 -20.73 15.92 6.72
N CYS A 220 -19.76 14.99 6.63
CA CYS A 220 -18.35 15.28 6.80
C CYS A 220 -17.92 16.32 5.71
N ASP A 221 -18.56 16.29 4.48
CA ASP A 221 -18.31 17.26 3.39
C ASP A 221 -18.78 18.68 3.76
N ILE A 222 -19.82 18.78 4.61
CA ILE A 222 -20.30 20.08 5.06
C ILE A 222 -19.27 20.74 6.00
N TRP A 223 -18.64 19.95 6.85
CA TRP A 223 -17.58 20.44 7.74
C TRP A 223 -16.36 20.87 6.89
N SER A 224 -15.97 20.08 5.88
CA SER A 224 -14.82 20.46 5.04
C SER A 224 -15.09 21.76 4.27
N LEU A 225 -16.35 22.06 3.93
CA LEU A 225 -16.67 23.30 3.23
C LEU A 225 -16.53 24.49 4.20
N GLY A 226 -16.90 24.31 5.46
CA GLY A 226 -16.69 25.32 6.49
C GLY A 226 -15.21 25.62 6.66
N ILE A 227 -14.35 24.58 6.71
CA ILE A 227 -12.90 24.77 6.82
C ILE A 227 -12.36 25.44 5.55
N THR A 228 -12.89 25.06 4.36
CA THR A 228 -12.44 25.65 3.11
C THR A 228 -12.78 27.16 3.05
N ALA A 229 -13.99 27.56 3.52
CA ALA A 229 -14.37 28.97 3.51
C ALA A 229 -13.40 29.80 4.39
N ILE A 230 -12.93 29.21 5.51
CA ILE A 230 -11.92 29.87 6.34
C ILE A 230 -10.60 29.92 5.55
N GLU A 231 -10.25 28.82 4.86
CA GLU A 231 -9.06 28.78 4.03
C GLU A 231 -9.08 29.86 2.92
N LEU A 232 -10.25 30.16 2.29
CA LEU A 232 -10.33 31.17 1.23
C LEU A 232 -10.20 32.60 1.80
N ALA A 233 -10.58 32.77 3.08
CA ALA A 233 -10.54 34.03 3.80
C ALA A 233 -9.15 34.25 4.40
N GLU A 234 -8.47 33.21 4.86
CA GLU A 234 -7.21 33.35 5.58
C GLU A 234 -5.98 32.77 4.94
N LEU A 235 -6.12 32.14 3.74
CA LEU A 235 -5.00 31.55 2.95
C LEU A 235 -4.38 30.28 3.57
N GLN A 236 -5.02 29.74 4.60
CA GLN A 236 -4.60 28.55 5.32
C GLN A 236 -5.81 28.04 6.06
N PRO A 237 -5.96 26.72 6.21
CA PRO A 237 -7.00 26.21 7.10
C PRO A 237 -6.58 26.51 8.56
N PRO A 238 -7.54 26.52 9.50
CA PRO A 238 -7.17 26.70 10.91
C PRO A 238 -6.22 25.61 11.40
N LEU A 239 -5.39 25.96 12.39
CA LEU A 239 -4.41 25.05 13.00
C LEU A 239 -3.38 24.47 12.00
N PHE A 240 -3.13 25.12 10.85
CA PHE A 240 -2.16 24.63 9.84
C PHE A 240 -0.75 24.48 10.38
N ASP A 241 -0.39 25.31 11.35
CA ASP A 241 0.92 25.29 11.99
C ASP A 241 1.04 24.21 13.08
N VAL A 242 -0.10 23.65 13.54
CA VAL A 242 -0.15 22.61 14.55
C VAL A 242 0.12 21.26 13.90
N HIS A 243 0.84 20.38 14.62
CA HIS A 243 1.19 19.06 14.14
C HIS A 243 -0.07 18.24 13.82
N PRO A 244 -0.10 17.59 12.65
CA PRO A 244 -1.30 16.85 12.22
C PRO A 244 -1.87 15.86 13.22
N LEU A 245 -1.02 15.15 13.98
CA LEU A 245 -1.49 14.19 14.98
C LEU A 245 -2.14 14.88 16.16
N ARG A 246 -1.65 16.08 16.54
CA ARG A 246 -2.23 16.82 17.66
C ARG A 246 -3.63 17.31 17.29
N VAL A 247 -3.80 17.77 16.02
CA VAL A 247 -5.08 18.22 15.46
C VAL A 247 -6.10 17.07 15.56
N LEU A 248 -5.71 15.86 15.12
CA LEU A 248 -6.59 14.69 15.14
C LEU A 248 -6.99 14.26 16.55
N PHE A 249 -6.02 14.23 17.48
CA PHE A 249 -6.28 13.83 18.87
C PHE A 249 -7.23 14.82 19.56
N LEU A 250 -7.00 16.13 19.37
CA LEU A 250 -7.85 17.16 19.97
C LEU A 250 -9.31 17.07 19.53
N MET A 251 -9.58 16.66 18.26
CA MET A 251 -10.94 16.49 17.79
C MET A 251 -11.69 15.37 18.52
N THR A 252 -10.96 14.40 19.09
CA THR A 252 -11.57 13.29 19.83
C THR A 252 -11.83 13.65 21.30
N LYS A 253 -11.09 14.64 21.86
CA LYS A 253 -11.24 15.09 23.24
C LYS A 253 -12.64 15.62 23.54
N SER A 254 -13.06 15.54 24.81
CA SER A 254 -14.39 15.94 25.26
C SER A 254 -14.66 17.44 25.16
N GLY A 255 -13.70 18.25 25.59
CA GLY A 255 -13.85 19.71 25.56
C GLY A 255 -13.56 20.37 24.24
N TYR A 256 -13.59 19.61 23.13
CA TYR A 256 -13.32 20.13 21.78
C TYR A 256 -14.25 21.25 21.31
N GLN A 257 -13.66 22.36 20.87
CA GLN A 257 -14.40 23.47 20.30
C GLN A 257 -13.94 23.68 18.84
N PRO A 258 -14.88 23.73 17.90
CA PRO A 258 -14.51 23.91 16.48
C PRO A 258 -13.82 25.25 16.17
N PRO A 259 -13.08 25.31 15.06
CA PRO A 259 -12.42 26.57 14.70
C PRO A 259 -13.36 27.68 14.25
N ARG A 260 -12.84 28.90 14.19
CA ARG A 260 -13.57 30.12 13.84
C ARG A 260 -12.71 31.02 12.94
N LEU A 261 -13.28 32.11 12.39
CA LEU A 261 -12.49 33.07 11.61
C LEU A 261 -11.66 33.91 12.58
N LYS A 262 -10.38 34.18 12.25
CA LYS A 262 -9.47 34.93 13.13
C LYS A 262 -9.82 36.40 13.31
N GLU A 263 -10.13 37.10 12.22
CA GLU A 263 -10.43 38.52 12.28
C GLU A 263 -11.92 38.79 12.17
N LYS A 264 -12.59 38.94 13.31
CA LYS A 264 -14.04 39.15 13.41
C LYS A 264 -14.62 40.33 12.62
N GLY A 265 -14.01 41.50 12.75
CA GLY A 265 -14.48 42.72 12.12
C GLY A 265 -14.37 42.78 10.62
N LYS A 266 -13.53 41.92 10.04
CA LYS A 266 -13.36 41.88 8.59
C LYS A 266 -14.59 41.23 7.90
N TRP A 267 -15.32 40.37 8.63
CA TRP A 267 -16.40 39.61 8.04
C TRP A 267 -17.78 39.88 8.61
N SER A 268 -18.84 39.81 7.78
CA SER A 268 -20.22 40.01 8.31
C SER A 268 -20.68 38.84 9.18
N ALA A 269 -21.79 39.04 9.90
CA ALA A 269 -22.40 38.04 10.78
C ALA A 269 -22.91 36.83 10.00
N ALA A 270 -23.25 37.01 8.72
CA ALA A 270 -23.69 35.92 7.87
C ALA A 270 -22.52 34.96 7.63
N PHE A 271 -21.29 35.48 7.42
CA PHE A 271 -20.11 34.62 7.20
C PHE A 271 -19.75 33.91 8.51
N HIS A 272 -19.72 34.63 9.65
CA HIS A 272 -19.47 33.98 10.95
C HIS A 272 -20.51 32.89 11.24
N ASN A 273 -21.78 33.13 10.89
CA ASN A 273 -22.82 32.13 11.13
C ASN A 273 -22.65 30.93 10.22
N PHE A 274 -22.19 31.12 8.98
CA PHE A 274 -21.95 30.02 8.05
C PHE A 274 -20.87 29.12 8.57
N ILE A 275 -19.81 29.71 9.13
CA ILE A 275 -18.74 28.94 9.75
C ILE A 275 -19.28 28.21 10.98
N LYS A 276 -20.07 28.92 11.81
CA LYS A 276 -20.62 28.31 13.03
C LYS A 276 -21.49 27.08 12.74
N VAL A 277 -22.42 27.17 11.76
CA VAL A 277 -23.31 26.04 11.48
C VAL A 277 -22.65 24.89 10.67
N THR A 278 -21.77 25.20 9.71
CA THR A 278 -21.10 24.13 8.95
C THR A 278 -20.14 23.40 9.86
N LEU A 279 -19.49 24.12 10.78
CA LEU A 279 -18.59 23.50 11.71
C LEU A 279 -19.31 23.06 12.98
N THR A 280 -20.50 22.46 12.84
CA THR A 280 -21.19 21.90 13.99
C THR A 280 -20.50 20.57 14.29
N LYS A 281 -19.96 20.45 15.48
CA LYS A 281 -19.19 19.30 15.98
C LYS A 281 -19.97 17.98 15.83
N SER A 282 -21.23 17.95 16.28
CA SER A 282 -22.06 16.74 16.17
C SER A 282 -22.62 16.61 14.77
N PRO A 283 -22.40 15.46 14.09
CA PRO A 283 -22.99 15.28 12.75
C PRO A 283 -24.51 15.20 12.76
N LYS A 284 -25.13 14.79 13.88
CA LYS A 284 -26.59 14.73 13.96
C LYS A 284 -27.23 16.12 13.85
N LYS A 285 -26.52 17.18 14.28
CA LYS A 285 -27.05 18.52 14.16
C LYS A 285 -26.40 19.37 13.03
N ARG A 286 -25.53 18.77 12.19
CA ARG A 286 -24.90 19.50 11.09
C ARG A 286 -25.87 19.55 9.89
N PRO A 287 -26.20 20.72 9.36
CA PRO A 287 -27.15 20.78 8.24
C PRO A 287 -26.67 20.08 6.99
N SER A 288 -27.62 19.56 6.21
CA SER A 288 -27.31 18.90 4.94
C SER A 288 -26.94 19.97 3.88
N ALA A 289 -26.48 19.54 2.71
CA ALA A 289 -26.10 20.48 1.64
C ALA A 289 -27.31 21.26 1.16
N THR A 290 -28.48 20.60 0.95
CA THR A 290 -29.67 21.32 0.49
C THR A 290 -30.13 22.34 1.51
N LYS A 291 -30.11 21.97 2.81
CA LYS A 291 -30.49 22.90 3.89
C LYS A 291 -29.55 24.08 3.93
N MET A 292 -28.25 23.86 3.71
CA MET A 292 -27.27 24.96 3.69
C MET A 292 -27.48 25.92 2.52
N LEU A 293 -28.10 25.47 1.42
CA LEU A 293 -28.38 26.35 0.29
C LEU A 293 -29.40 27.47 0.65
N SER A 294 -30.20 27.28 1.72
CA SER A 294 -31.11 28.37 2.13
C SER A 294 -30.55 29.23 3.27
N HIS A 295 -29.24 29.05 3.60
CA HIS A 295 -28.55 29.83 4.61
C HIS A 295 -28.32 31.24 4.09
N GLN A 296 -28.46 32.25 4.99
CA GLN A 296 -28.27 33.67 4.69
C GLN A 296 -27.06 34.04 3.85
N LEU A 297 -25.90 33.40 4.07
CA LEU A 297 -24.70 33.73 3.33
C LEU A 297 -24.87 33.40 1.84
N VAL A 298 -25.37 32.19 1.49
CA VAL A 298 -25.44 31.75 0.10
C VAL A 298 -26.76 32.03 -0.59
N SER A 299 -27.75 32.59 0.11
CA SER A 299 -29.04 32.94 -0.51
C SER A 299 -29.13 34.47 -0.80
N GLN A 300 -28.07 35.27 -0.46
CA GLN A 300 -27.95 36.71 -0.69
C GLN A 300 -28.17 37.03 -2.17
N PRO A 301 -28.69 38.25 -2.47
CA PRO A 301 -28.92 38.67 -3.88
C PRO A 301 -27.79 38.80 -4.92
N GLY A 302 -26.59 39.23 -4.54
CA GLY A 302 -25.57 39.52 -5.57
C GLY A 302 -24.59 38.43 -5.93
N LEU A 303 -25.02 37.16 -5.89
CA LEU A 303 -24.11 36.05 -6.16
C LEU A 303 -24.23 35.52 -7.59
N ASN A 304 -23.39 36.03 -8.50
CA ASN A 304 -23.39 35.64 -9.91
C ASN A 304 -21.97 35.30 -10.40
N ARG A 305 -21.83 34.73 -11.61
CA ARG A 305 -20.52 34.38 -12.15
C ARG A 305 -19.59 35.59 -12.35
N GLY A 306 -20.16 36.81 -12.42
CA GLY A 306 -19.40 38.04 -12.57
C GLY A 306 -18.39 38.25 -11.46
N LEU A 307 -18.69 37.76 -10.24
CA LEU A 307 -17.74 37.84 -9.12
C LEU A 307 -16.50 37.00 -9.42
N ILE A 308 -16.69 35.82 -10.04
CA ILE A 308 -15.58 34.93 -10.38
C ILE A 308 -14.84 35.41 -11.60
N LEU A 309 -15.56 35.92 -12.60
CA LEU A 309 -14.91 36.49 -13.81
C LEU A 309 -14.03 37.69 -13.40
N ASP A 310 -14.47 38.48 -12.40
CA ASP A 310 -13.67 39.60 -11.90
C ASP A 310 -12.45 39.06 -11.09
N LEU A 311 -12.59 37.93 -10.37
CA LEU A 311 -11.46 37.30 -9.68
C LEU A 311 -10.40 36.88 -10.72
N LEU A 312 -10.84 36.29 -11.85
CA LEU A 312 -9.95 35.88 -12.94
C LEU A 312 -9.26 37.07 -13.60
N ASP A 313 -9.94 38.20 -13.74
CA ASP A 313 -9.37 39.43 -14.31
C ASP A 313 -8.19 39.92 -13.46
N LYS A 314 -8.32 39.83 -12.11
CA LYS A 314 -7.27 40.23 -11.18
C LYS A 314 -6.00 39.39 -11.37
N LEU A 315 -6.15 38.11 -11.74
CA LEU A 315 -5.01 37.22 -12.01
C LEU A 315 -4.13 37.69 -13.16
N LYS A 316 -4.72 38.22 -14.22
CA LYS A 316 -3.97 38.65 -15.39
C LYS A 316 -3.21 39.95 -15.18
N ASP B 29 11.61 -10.32 -45.14
CA ASP B 29 11.67 -10.63 -43.71
C ASP B 29 12.89 -11.51 -43.41
N PRO B 30 13.63 -11.22 -42.32
CA PRO B 30 14.79 -12.05 -41.99
C PRO B 30 14.45 -13.34 -41.23
N ASP B 31 13.23 -13.44 -40.68
CA ASP B 31 12.83 -14.61 -39.91
C ASP B 31 12.16 -15.72 -40.74
N ILE B 32 12.11 -15.58 -42.06
CA ILE B 32 11.55 -16.57 -42.96
C ILE B 32 12.55 -17.72 -43.13
N PHE B 33 12.10 -18.97 -43.03
CA PHE B 33 12.98 -20.13 -43.20
C PHE B 33 13.19 -20.35 -44.68
N ASN B 34 14.42 -20.17 -45.16
CA ASN B 34 14.73 -20.36 -46.57
C ASN B 34 15.03 -21.81 -46.90
N ARG B 35 14.05 -22.68 -46.68
CA ARG B 35 14.15 -24.11 -46.91
C ARG B 35 12.80 -24.72 -47.27
N ASP B 36 12.84 -25.90 -47.90
CA ASP B 36 11.69 -26.67 -48.29
C ASP B 36 10.99 -27.14 -47.02
N PRO B 37 9.73 -26.73 -46.81
CA PRO B 37 8.98 -27.19 -45.63
C PRO B 37 8.84 -28.71 -45.54
N ARG B 38 8.89 -29.40 -46.69
CA ARG B 38 8.79 -30.85 -46.71
C ARG B 38 10.02 -31.54 -46.08
N ASP B 39 11.10 -30.79 -45.78
CA ASP B 39 12.24 -31.32 -45.01
C ASP B 39 11.80 -31.58 -43.56
N HIS B 40 10.85 -30.77 -43.02
CA HIS B 40 10.38 -30.92 -41.66
C HIS B 40 9.00 -31.56 -41.58
N TYR B 41 8.19 -31.43 -42.63
CA TYR B 41 6.82 -31.90 -42.60
C TYR B 41 6.46 -32.87 -43.67
N ASP B 42 5.46 -33.69 -43.35
CA ASP B 42 4.84 -34.62 -44.26
C ASP B 42 3.44 -34.07 -44.50
N LEU B 43 3.06 -33.82 -45.76
CA LEU B 43 1.73 -33.31 -46.07
C LEU B 43 0.75 -34.47 -46.15
N LEU B 44 -0.19 -34.54 -45.20
CA LEU B 44 -1.14 -35.65 -45.09
C LEU B 44 -2.37 -35.48 -45.96
N GLN B 45 -2.90 -34.25 -46.03
CA GLN B 45 -4.09 -34.01 -46.84
C GLN B 45 -4.36 -32.53 -47.12
N ARG B 46 -5.14 -32.25 -48.14
CA ARG B 46 -5.55 -30.89 -48.44
C ARG B 46 -6.80 -30.69 -47.60
N LEU B 47 -6.81 -29.70 -46.72
CA LEU B 47 -7.97 -29.45 -45.85
C LEU B 47 -9.01 -28.58 -46.52
N GLY B 48 -8.57 -27.63 -47.31
CA GLY B 48 -9.47 -26.72 -48.00
C GLY B 48 -8.75 -25.46 -48.41
N GLY B 49 -9.32 -24.31 -48.08
CA GLY B 49 -8.70 -23.03 -48.40
C GLY B 49 -9.34 -21.84 -47.71
N GLY B 50 -8.57 -20.76 -47.61
CA GLY B 50 -9.05 -19.51 -47.02
C GLY B 50 -9.41 -18.52 -48.10
N THR B 51 -9.24 -17.21 -47.81
CA THR B 51 -9.49 -16.12 -48.77
C THR B 51 -8.66 -16.33 -50.04
N TYR B 52 -7.42 -16.76 -49.88
CA TYR B 52 -6.49 -17.12 -50.93
C TYR B 52 -5.55 -18.24 -50.44
N GLY B 53 -4.97 -18.98 -51.38
CA GLY B 53 -4.06 -20.07 -51.04
C GLY B 53 -4.72 -21.41 -50.78
N GLU B 54 -3.89 -22.44 -50.59
CA GLU B 54 -4.32 -23.82 -50.31
C GLU B 54 -3.83 -24.18 -48.91
N VAL B 55 -4.63 -24.92 -48.13
CA VAL B 55 -4.22 -25.28 -46.77
C VAL B 55 -4.08 -26.79 -46.63
N PHE B 56 -2.93 -27.24 -46.12
CA PHE B 56 -2.70 -28.65 -45.94
C PHE B 56 -2.57 -29.02 -44.48
N LYS B 57 -3.02 -30.21 -44.13
CA LYS B 57 -2.80 -30.76 -42.81
C LYS B 57 -1.42 -31.39 -42.95
N ALA B 58 -0.49 -30.97 -42.09
CA ALA B 58 0.88 -31.47 -42.16
C ALA B 58 1.33 -32.01 -40.81
N ARG B 59 2.27 -32.96 -40.83
CA ARG B 59 2.76 -33.58 -39.61
C ARG B 59 4.25 -33.41 -39.45
N ASP B 60 4.70 -32.99 -38.27
CA ASP B 60 6.11 -32.84 -37.97
C ASP B 60 6.79 -34.20 -38.04
N LYS B 61 7.86 -34.32 -38.83
CA LYS B 61 8.57 -35.59 -39.06
C LYS B 61 9.15 -36.22 -37.79
N VAL B 62 9.61 -35.40 -36.83
CA VAL B 62 10.20 -35.93 -35.61
C VAL B 62 9.18 -35.95 -34.45
N SER B 63 8.54 -34.79 -34.13
CA SER B 63 7.57 -34.68 -33.04
C SER B 63 6.23 -35.34 -33.27
N GLY B 64 5.82 -35.48 -34.54
CA GLY B 64 4.50 -36.01 -34.85
C GLY B 64 3.40 -34.99 -34.63
N ASP B 65 3.74 -33.73 -34.29
CA ASP B 65 2.78 -32.66 -34.06
C ASP B 65 2.11 -32.21 -35.36
N LEU B 66 0.79 -32.03 -35.33
CA LEU B 66 0.04 -31.57 -36.49
C LEU B 66 0.08 -30.05 -36.59
N VAL B 67 0.22 -29.55 -37.82
CA VAL B 67 0.20 -28.12 -38.17
C VAL B 67 -0.67 -27.93 -39.45
N ALA B 68 -1.07 -26.68 -39.74
CA ALA B 68 -1.80 -26.31 -40.95
C ALA B 68 -0.81 -25.49 -41.75
N LEU B 69 -0.51 -25.92 -42.98
CA LEU B 69 0.46 -25.23 -43.82
C LEU B 69 -0.30 -24.59 -44.92
N LYS B 70 -0.27 -23.27 -44.99
CA LYS B 70 -0.98 -22.54 -46.03
C LYS B 70 0.01 -22.15 -47.11
N MET B 71 -0.20 -22.65 -48.32
CA MET B 71 0.68 -22.39 -49.44
C MET B 71 0.11 -21.27 -50.31
N VAL B 72 0.96 -20.28 -50.61
CA VAL B 72 0.67 -19.15 -51.46
C VAL B 72 1.61 -19.21 -52.68
N LYS B 73 1.06 -19.40 -53.89
CA LYS B 73 1.88 -19.43 -55.11
C LYS B 73 2.31 -18.00 -55.49
N MET B 74 3.56 -17.85 -55.92
CA MET B 74 4.13 -16.56 -56.29
C MET B 74 4.86 -16.62 -57.66
N GLU B 75 5.22 -15.45 -58.20
CA GLU B 75 5.97 -15.22 -59.43
C GLU B 75 7.09 -14.22 -59.11
N PRO B 76 8.24 -14.27 -59.83
CA PRO B 76 9.35 -13.35 -59.52
C PRO B 76 9.05 -11.85 -59.59
N ASP B 77 8.19 -11.44 -60.53
CA ASP B 77 7.82 -10.04 -60.70
C ASP B 77 6.94 -9.50 -59.55
N ASP B 78 5.93 -10.29 -59.15
CA ASP B 78 4.86 -10.03 -58.18
C ASP B 78 5.11 -9.02 -57.06
N ASP B 79 4.05 -8.30 -56.70
CA ASP B 79 4.02 -7.37 -55.60
C ASP B 79 3.65 -8.24 -54.40
N VAL B 80 4.59 -8.41 -53.47
CA VAL B 80 4.38 -9.26 -52.31
C VAL B 80 3.95 -8.45 -51.05
N SER B 81 3.41 -7.22 -51.25
CA SER B 81 2.98 -6.33 -50.19
C SER B 81 1.87 -6.88 -49.28
N THR B 82 0.80 -7.47 -49.86
CA THR B 82 -0.28 -8.01 -49.04
C THR B 82 0.17 -9.29 -48.31
N LEU B 83 1.10 -10.08 -48.91
CA LEU B 83 1.65 -11.27 -48.24
C LEU B 83 2.52 -10.85 -47.06
N GLN B 84 3.33 -9.81 -47.25
CA GLN B 84 4.18 -9.26 -46.19
C GLN B 84 3.33 -8.72 -45.05
N LYS B 85 2.20 -8.06 -45.38
CA LYS B 85 1.30 -7.52 -44.36
C LYS B 85 0.66 -8.66 -43.57
N GLU B 86 0.31 -9.77 -44.25
CA GLU B 86 -0.30 -10.94 -43.59
C GLU B 86 0.66 -11.59 -42.61
N ILE B 87 1.93 -11.73 -43.02
CA ILE B 87 2.97 -12.28 -42.17
C ILE B 87 3.23 -11.36 -41.00
N LEU B 88 3.23 -10.05 -41.21
CA LEU B 88 3.42 -9.08 -40.13
C LEU B 88 2.29 -9.18 -39.11
N ILE B 89 1.05 -9.33 -39.56
CA ILE B 89 -0.10 -9.49 -38.67
C ILE B 89 0.02 -10.77 -37.85
N LEU B 90 0.42 -11.89 -38.49
CA LEU B 90 0.53 -13.18 -37.78
C LEU B 90 1.69 -13.19 -36.80
N LYS B 91 2.84 -12.61 -37.18
CA LYS B 91 4.00 -12.58 -36.31
C LYS B 91 3.79 -11.69 -35.09
N THR B 92 3.15 -10.53 -35.27
CA THR B 92 2.95 -9.61 -34.14
C THR B 92 1.67 -9.92 -33.34
N CYS B 93 0.88 -10.94 -33.74
CA CYS B 93 -0.28 -11.37 -32.97
C CYS B 93 0.12 -12.40 -31.97
N ARG B 94 0.00 -12.04 -30.72
CA ARG B 94 0.31 -12.93 -29.63
C ARG B 94 -0.90 -12.87 -28.75
N HIS B 95 -1.88 -13.72 -29.03
CA HIS B 95 -3.09 -13.78 -28.21
C HIS B 95 -3.70 -15.18 -28.19
N ALA B 96 -4.13 -15.63 -27.01
CA ALA B 96 -4.77 -16.93 -26.82
C ALA B 96 -6.01 -17.16 -27.75
N ASN B 97 -6.65 -16.10 -28.24
CA ASN B 97 -7.81 -16.26 -29.10
C ASN B 97 -7.50 -16.04 -30.58
N ILE B 98 -6.20 -16.06 -30.96
CA ILE B 98 -5.75 -15.92 -32.35
C ILE B 98 -4.95 -17.19 -32.66
N VAL B 99 -5.21 -17.82 -33.82
CA VAL B 99 -4.50 -19.04 -34.20
C VAL B 99 -2.96 -18.86 -34.11
N ALA B 100 -2.26 -19.80 -33.47
CA ALA B 100 -0.82 -19.67 -33.27
C ALA B 100 -0.08 -19.69 -34.60
N TYR B 101 0.97 -18.88 -34.69
CA TYR B 101 1.78 -18.76 -35.88
C TYR B 101 3.15 -19.38 -35.58
N HIS B 102 3.62 -20.32 -36.40
CA HIS B 102 4.91 -20.99 -36.13
C HIS B 102 6.10 -20.49 -36.96
N GLY B 103 5.81 -19.81 -38.05
CA GLY B 103 6.81 -19.34 -38.98
C GLY B 103 6.37 -19.54 -40.42
N SER B 104 7.19 -19.09 -41.39
CA SER B 104 6.91 -19.19 -42.82
C SER B 104 8.13 -19.72 -43.61
N TYR B 105 7.91 -20.59 -44.58
CA TYR B 105 8.95 -21.16 -45.42
C TYR B 105 8.89 -20.59 -46.82
N LEU B 106 9.97 -20.00 -47.31
CA LEU B 106 10.02 -19.55 -48.69
C LEU B 106 10.83 -20.59 -49.47
N TRP B 107 10.21 -21.24 -50.45
CA TRP B 107 10.92 -22.22 -51.27
C TRP B 107 10.40 -22.21 -52.70
N LEU B 108 11.28 -21.94 -53.70
CA LEU B 108 10.94 -21.97 -55.12
C LEU B 108 9.65 -21.23 -55.58
N GLN B 109 9.47 -19.96 -55.22
CA GLN B 109 8.24 -19.23 -55.65
C GLN B 109 6.99 -19.65 -54.88
N LYS B 110 7.15 -20.27 -53.70
CA LYS B 110 6.02 -20.65 -52.87
C LYS B 110 6.30 -20.23 -51.45
N LEU B 111 5.35 -19.56 -50.82
CA LEU B 111 5.46 -19.21 -49.41
C LEU B 111 4.51 -20.12 -48.66
N TRP B 112 4.99 -20.78 -47.61
CA TRP B 112 4.21 -21.71 -46.84
C TRP B 112 4.13 -21.13 -45.45
N ILE B 113 2.93 -20.76 -45.02
CA ILE B 113 2.69 -20.16 -43.72
C ILE B 113 2.28 -21.26 -42.77
N CYS B 114 3.08 -21.50 -41.76
CA CYS B 114 2.82 -22.56 -40.81
C CYS B 114 2.01 -22.02 -39.63
N MET B 115 0.86 -22.61 -39.40
CA MET B 115 -0.04 -22.18 -38.35
C MET B 115 -0.55 -23.37 -37.53
N GLU B 116 -1.15 -23.06 -36.40
CA GLU B 116 -1.72 -24.05 -35.51
C GLU B 116 -2.82 -24.81 -36.20
N PHE B 117 -2.83 -26.14 -36.06
CA PHE B 117 -3.86 -26.97 -36.64
C PHE B 117 -4.88 -27.19 -35.55
N CYS B 118 -6.16 -26.83 -35.82
CA CYS B 118 -7.25 -26.99 -34.86
C CYS B 118 -8.07 -28.19 -35.28
N GLY B 119 -7.91 -29.31 -34.57
CA GLY B 119 -8.54 -30.60 -34.87
C GLY B 119 -10.01 -30.63 -35.24
N ALA B 120 -10.81 -29.77 -34.59
CA ALA B 120 -12.24 -29.74 -34.89
C ALA B 120 -12.63 -28.82 -36.07
N GLY B 121 -11.66 -28.20 -36.71
CA GLY B 121 -11.94 -27.28 -37.82
C GLY B 121 -12.66 -26.02 -37.38
N SER B 122 -13.41 -25.41 -38.29
CA SER B 122 -14.12 -24.16 -37.98
C SER B 122 -15.48 -24.44 -37.34
N LEU B 123 -16.12 -23.39 -36.81
CA LEU B 123 -17.47 -23.53 -36.27
C LEU B 123 -18.46 -23.89 -37.39
N GLN B 124 -18.22 -23.47 -38.62
CA GLN B 124 -19.05 -23.83 -39.73
C GLN B 124 -18.92 -25.34 -40.02
N ASP B 125 -17.69 -25.90 -39.97
CA ASP B 125 -17.48 -27.34 -40.15
C ASP B 125 -18.25 -28.13 -39.10
N ILE B 126 -18.25 -27.62 -37.85
CA ILE B 126 -18.92 -28.25 -36.74
C ILE B 126 -20.45 -28.16 -36.83
N TYR B 127 -21.03 -26.94 -36.99
CA TYR B 127 -22.51 -26.83 -37.00
C TYR B 127 -23.14 -27.52 -38.23
N GLN B 128 -22.37 -27.71 -39.32
CA GLN B 128 -22.88 -28.45 -40.49
C GLN B 128 -23.11 -29.95 -40.13
N VAL B 129 -22.42 -30.46 -39.09
CA VAL B 129 -22.53 -31.83 -38.58
C VAL B 129 -23.42 -31.96 -37.32
N THR B 130 -23.35 -30.98 -36.39
CA THR B 130 -24.07 -31.06 -35.11
C THR B 130 -25.41 -30.32 -35.11
N GLY B 131 -25.61 -29.40 -36.04
CA GLY B 131 -26.77 -28.53 -36.04
C GLY B 131 -26.50 -27.30 -35.18
N SER B 132 -27.54 -26.54 -34.87
CA SER B 132 -27.48 -25.30 -34.09
C SER B 132 -26.75 -25.36 -32.78
N LEU B 133 -25.97 -24.32 -32.46
CA LEU B 133 -25.31 -24.25 -31.16
C LEU B 133 -26.36 -23.76 -30.14
N SER B 134 -26.15 -24.08 -28.87
CA SER B 134 -27.06 -23.62 -27.82
C SER B 134 -26.69 -22.15 -27.49
N GLU B 135 -27.54 -21.44 -26.75
CA GLU B 135 -27.29 -20.05 -26.41
C GLU B 135 -26.05 -19.93 -25.56
N LEU B 136 -25.82 -20.88 -24.64
CA LEU B 136 -24.62 -20.86 -23.80
C LEU B 136 -23.31 -21.14 -24.61
N GLN B 137 -23.36 -22.00 -25.61
CA GLN B 137 -22.19 -22.25 -26.47
C GLN B 137 -21.85 -20.99 -27.28
N ILE B 138 -22.86 -20.35 -27.85
CA ILE B 138 -22.69 -19.12 -28.62
C ILE B 138 -22.15 -18.01 -27.72
N SER B 139 -22.65 -17.93 -26.47
CA SER B 139 -22.22 -16.94 -25.49
C SER B 139 -20.74 -17.08 -25.21
N TYR B 140 -20.26 -18.30 -25.04
CA TYR B 140 -18.85 -18.56 -24.81
C TYR B 140 -18.01 -18.21 -26.05
N VAL B 141 -18.47 -18.57 -27.26
CA VAL B 141 -17.78 -18.27 -28.51
C VAL B 141 -17.68 -16.73 -28.65
N CYS B 142 -18.81 -16.03 -28.44
CA CYS B 142 -18.87 -14.57 -28.52
C CYS B 142 -17.88 -13.91 -27.57
N ARG B 143 -17.78 -14.37 -26.32
CA ARG B 143 -16.82 -13.81 -25.35
C ARG B 143 -15.36 -14.01 -25.81
N GLU B 144 -15.04 -15.20 -26.35
CA GLU B 144 -13.69 -15.53 -26.82
C GLU B 144 -13.30 -14.76 -28.06
N VAL B 145 -14.24 -14.57 -28.99
CA VAL B 145 -13.99 -13.79 -30.20
C VAL B 145 -13.88 -12.30 -29.80
N LEU B 146 -14.70 -11.83 -28.84
CA LEU B 146 -14.60 -10.44 -28.37
C LEU B 146 -13.22 -10.18 -27.72
N GLN B 147 -12.66 -11.16 -26.98
CA GLN B 147 -11.33 -11.00 -26.39
C GLN B 147 -10.25 -10.87 -27.49
N GLY B 148 -10.38 -11.68 -28.53
CA GLY B 148 -9.47 -11.64 -29.68
C GLY B 148 -9.58 -10.32 -30.41
N LEU B 149 -10.82 -9.87 -30.62
CA LEU B 149 -11.09 -8.63 -31.32
C LEU B 149 -10.55 -7.42 -30.54
N ALA B 150 -10.72 -7.42 -29.22
CA ALA B 150 -10.23 -6.32 -28.37
C ALA B 150 -8.70 -6.23 -28.47
N TYR B 151 -8.02 -7.37 -28.52
CA TYR B 151 -6.57 -7.40 -28.66
C TYR B 151 -6.20 -6.86 -30.05
N LEU B 152 -6.82 -7.42 -31.13
CA LEU B 152 -6.57 -6.99 -32.50
C LEU B 152 -6.78 -5.47 -32.67
N HIS B 153 -7.90 -4.95 -32.16
CA HIS B 153 -8.23 -3.53 -32.23
C HIS B 153 -7.21 -2.66 -31.48
N SER B 154 -6.71 -3.12 -30.32
CA SER B 154 -5.69 -2.37 -29.58
C SER B 154 -4.36 -2.28 -30.38
N GLN B 155 -4.10 -3.25 -31.28
CA GLN B 155 -2.94 -3.25 -32.18
C GLN B 155 -3.24 -2.57 -33.54
N LYS B 156 -4.33 -1.81 -33.62
CA LYS B 156 -4.81 -1.12 -34.81
C LYS B 156 -5.04 -2.06 -35.99
N LYS B 157 -5.49 -3.28 -35.70
CA LYS B 157 -5.81 -4.23 -36.76
C LYS B 157 -7.33 -4.42 -36.81
N ILE B 158 -7.86 -4.62 -38.00
CA ILE B 158 -9.25 -4.95 -38.22
C ILE B 158 -9.25 -6.35 -38.84
N HIS B 159 -10.06 -7.28 -38.32
CA HIS B 159 -10.15 -8.62 -38.88
C HIS B 159 -10.87 -8.55 -40.24
N ARG B 160 -12.09 -7.95 -40.27
CA ARG B 160 -12.91 -7.72 -41.46
C ARG B 160 -13.57 -8.96 -42.07
N ASP B 161 -13.33 -10.15 -41.52
CA ASP B 161 -13.95 -11.37 -42.06
C ASP B 161 -14.42 -12.32 -40.95
N ILE B 162 -14.96 -11.73 -39.88
CA ILE B 162 -15.51 -12.53 -38.79
C ILE B 162 -16.77 -13.25 -39.28
N LYS B 163 -16.79 -14.57 -39.16
CA LYS B 163 -17.87 -15.49 -39.55
C LYS B 163 -17.51 -16.88 -39.00
N GLY B 164 -18.45 -17.81 -38.97
CA GLY B 164 -18.23 -19.16 -38.46
C GLY B 164 -17.05 -19.90 -39.10
N ALA B 165 -16.83 -19.68 -40.40
CA ALA B 165 -15.72 -20.33 -41.10
C ALA B 165 -14.36 -19.83 -40.62
N ASN B 166 -14.28 -18.62 -40.01
CA ASN B 166 -13.00 -18.10 -39.56
C ASN B 166 -12.79 -18.18 -38.05
N ILE B 167 -13.62 -18.96 -37.36
CA ILE B 167 -13.44 -19.17 -35.93
C ILE B 167 -13.20 -20.65 -35.76
N LEU B 168 -11.99 -21.00 -35.38
CA LEU B 168 -11.60 -22.38 -35.21
C LEU B 168 -11.76 -22.84 -33.78
N ILE B 169 -11.90 -24.16 -33.60
CA ILE B 169 -12.00 -24.80 -32.30
C ILE B 169 -10.88 -25.86 -32.22
N ASN B 170 -9.97 -25.78 -31.24
CA ASN B 170 -8.95 -26.82 -31.08
C ASN B 170 -9.53 -27.99 -30.24
N ASP B 171 -8.81 -29.11 -30.12
CA ASP B 171 -9.28 -30.30 -29.41
C ASP B 171 -9.68 -30.03 -27.95
N ALA B 172 -9.15 -28.97 -27.34
CA ALA B 172 -9.50 -28.59 -25.97
C ALA B 172 -10.74 -27.67 -25.86
N GLY B 173 -11.44 -27.41 -26.97
CA GLY B 173 -12.59 -26.51 -26.95
C GLY B 173 -12.25 -25.02 -26.92
N GLU B 174 -10.99 -24.68 -27.19
CA GLU B 174 -10.59 -23.28 -27.22
C GLU B 174 -10.90 -22.64 -28.57
N VAL B 175 -11.26 -21.35 -28.54
CA VAL B 175 -11.69 -20.55 -29.67
C VAL B 175 -10.53 -19.71 -30.23
N ARG B 176 -10.25 -19.84 -31.54
CA ARG B 176 -9.17 -19.07 -32.17
C ARG B 176 -9.61 -18.46 -33.47
N LEU B 177 -9.28 -17.18 -33.67
CA LEU B 177 -9.57 -16.47 -34.91
C LEU B 177 -8.53 -16.83 -35.94
N ALA B 178 -8.98 -17.02 -37.17
CA ALA B 178 -8.12 -17.40 -38.27
C ALA B 178 -8.40 -16.51 -39.52
N ASP B 179 -7.52 -16.61 -40.56
CA ASP B 179 -7.61 -15.97 -41.86
C ASP B 179 -7.52 -14.46 -41.81
N PHE B 180 -6.30 -13.95 -41.86
CA PHE B 180 -6.05 -12.53 -41.89
C PHE B 180 -5.83 -12.01 -43.33
N GLY B 181 -6.38 -12.70 -44.32
CA GLY B 181 -6.28 -12.38 -45.73
C GLY B 181 -6.89 -11.03 -46.05
N ILE B 182 -8.17 -10.82 -45.69
CA ILE B 182 -8.83 -9.53 -45.91
C ILE B 182 -8.13 -8.46 -45.08
N SER B 183 -7.80 -8.78 -43.81
CA SER B 183 -7.13 -7.87 -42.88
C SER B 183 -5.81 -7.34 -43.48
N ALA B 184 -5.08 -8.23 -44.20
CA ALA B 184 -3.80 -7.91 -44.87
C ALA B 184 -3.97 -7.04 -46.10
N GLN B 185 -4.98 -7.33 -46.95
CA GLN B 185 -5.26 -6.52 -48.14
C GLN B 185 -5.66 -5.10 -47.69
N ILE B 186 -6.53 -5.01 -46.70
CA ILE B 186 -7.00 -3.76 -46.11
C ILE B 186 -5.83 -2.96 -45.49
N GLY B 187 -4.86 -3.65 -44.91
CA GLY B 187 -3.69 -3.02 -44.33
C GLY B 187 -2.75 -2.47 -45.38
N ALA B 188 -2.61 -3.19 -46.50
CA ALA B 188 -1.76 -2.77 -47.60
C ALA B 188 -2.38 -1.59 -48.33
N GLU B 189 -3.71 -1.62 -48.55
CA GLU B 189 -4.48 -0.57 -49.22
C GLU B 189 -4.34 0.78 -48.52
N LEU B 190 -4.20 0.77 -47.18
CA LEU B 190 -4.05 1.99 -46.39
C LEU B 190 -2.79 2.78 -46.77
N ALA B 191 -1.70 2.08 -47.12
CA ALA B 191 -0.46 2.76 -47.51
C ALA B 191 0.13 2.18 -48.80
N THR B 199 -2.74 16.60 -53.15
CA THR B 199 -3.19 17.77 -52.41
C THR B 199 -4.66 17.67 -52.07
N PRO B 200 -5.04 18.01 -50.83
CA PRO B 200 -6.46 17.92 -50.44
C PRO B 200 -7.20 19.25 -50.43
N TYR B 201 -6.56 20.36 -50.84
CA TYR B 201 -7.16 21.69 -50.75
C TYR B 201 -8.49 21.86 -51.50
N TRP B 202 -8.70 21.15 -52.60
CA TRP B 202 -9.97 21.23 -53.34
C TRP B 202 -10.96 20.10 -52.99
N MET B 203 -10.55 19.14 -52.12
CA MET B 203 -11.43 18.03 -51.75
C MET B 203 -12.61 18.45 -50.90
N ALA B 204 -13.79 17.87 -51.20
CA ALA B 204 -14.99 18.07 -50.41
C ALA B 204 -14.81 17.30 -49.06
N PRO B 205 -15.42 17.73 -47.94
CA PRO B 205 -15.23 17.02 -46.66
C PRO B 205 -15.58 15.52 -46.68
N GLU B 206 -16.54 15.10 -47.51
CA GLU B 206 -16.89 13.67 -47.62
C GLU B 206 -15.83 12.88 -48.40
N VAL B 207 -15.09 13.55 -49.30
CA VAL B 207 -13.97 12.93 -50.01
C VAL B 207 -12.79 12.86 -49.04
N ALA B 208 -12.55 13.95 -48.28
CA ALA B 208 -11.48 14.04 -47.28
C ALA B 208 -11.62 12.94 -46.22
N ALA B 209 -12.87 12.65 -45.82
CA ALA B 209 -13.15 11.62 -44.82
C ALA B 209 -12.74 10.23 -45.29
N VAL B 210 -13.14 9.82 -46.51
CA VAL B 210 -12.76 8.49 -47.02
C VAL B 210 -11.27 8.38 -47.39
N ALA B 211 -10.61 9.52 -47.66
CA ALA B 211 -9.17 9.52 -47.96
C ALA B 211 -8.34 9.26 -46.70
N LEU B 212 -8.85 9.74 -45.53
CA LEU B 212 -8.18 9.63 -44.25
C LEU B 212 -8.62 8.43 -43.41
N LYS B 213 -9.87 7.98 -43.56
CA LYS B 213 -10.41 6.91 -42.72
C LYS B 213 -10.82 5.63 -43.47
N GLY B 214 -10.96 5.71 -44.79
CA GLY B 214 -11.34 4.56 -45.60
C GLY B 214 -12.82 4.24 -45.66
N GLY B 215 -13.64 4.97 -44.90
CA GLY B 215 -15.08 4.74 -44.91
C GLY B 215 -15.62 3.89 -43.77
N TYR B 216 -14.75 3.23 -43.02
CA TYR B 216 -15.15 2.42 -41.88
C TYR B 216 -13.99 2.22 -40.94
N ASN B 217 -14.29 1.75 -39.72
CA ASN B 217 -13.27 1.50 -38.73
C ASN B 217 -13.44 0.07 -38.11
N GLU B 218 -12.72 -0.24 -37.04
CA GLU B 218 -12.73 -1.54 -36.39
C GLU B 218 -14.08 -2.02 -35.90
N LEU B 219 -15.05 -1.11 -35.70
CA LEU B 219 -16.38 -1.50 -35.25
C LEU B 219 -17.13 -2.35 -36.27
N CYS B 220 -16.64 -2.46 -37.53
CA CYS B 220 -17.28 -3.35 -38.50
C CYS B 220 -17.21 -4.82 -38.00
N ASP B 221 -16.16 -5.19 -37.20
CA ASP B 221 -16.00 -6.54 -36.62
C ASP B 221 -17.06 -6.87 -35.59
N ILE B 222 -17.57 -5.84 -34.88
CA ILE B 222 -18.62 -6.00 -33.87
C ILE B 222 -19.92 -6.40 -34.58
N TRP B 223 -20.25 -5.70 -35.67
CA TRP B 223 -21.42 -6.05 -36.48
C TRP B 223 -21.27 -7.52 -37.01
N SER B 224 -20.10 -7.87 -37.58
CA SER B 224 -19.90 -9.24 -38.10
C SER B 224 -20.09 -10.29 -37.03
N LEU B 225 -19.68 -9.99 -35.78
CA LEU B 225 -19.90 -10.89 -34.67
C LEU B 225 -21.38 -11.09 -34.39
N GLY B 226 -22.19 -10.03 -34.47
CA GLY B 226 -23.63 -10.16 -34.26
C GLY B 226 -24.25 -11.09 -35.29
N ILE B 227 -23.81 -10.97 -36.55
CA ILE B 227 -24.27 -11.83 -37.63
C ILE B 227 -23.82 -13.26 -37.41
N THR B 228 -22.57 -13.44 -36.90
CA THR B 228 -22.03 -14.77 -36.63
C THR B 228 -22.83 -15.48 -35.54
N ALA B 229 -23.33 -14.72 -34.52
CA ALA B 229 -24.12 -15.27 -33.43
C ALA B 229 -25.44 -15.83 -33.97
N ILE B 230 -26.07 -15.11 -34.89
CA ILE B 230 -27.29 -15.60 -35.53
C ILE B 230 -26.94 -16.82 -36.47
N GLU B 231 -25.80 -16.77 -37.17
CA GLU B 231 -25.34 -17.88 -38.02
C GLU B 231 -25.16 -19.15 -37.19
N LEU B 232 -24.62 -19.05 -35.99
CA LEU B 232 -24.43 -20.18 -35.10
C LEU B 232 -25.74 -20.74 -34.57
N ALA B 233 -26.72 -19.84 -34.36
CA ALA B 233 -28.02 -20.17 -33.83
C ALA B 233 -28.96 -20.73 -34.89
N GLU B 234 -28.84 -20.23 -36.14
CA GLU B 234 -29.77 -20.55 -37.23
C GLU B 234 -29.17 -21.29 -38.43
N LEU B 235 -27.86 -21.58 -38.42
CA LEU B 235 -27.16 -22.36 -39.46
C LEU B 235 -26.88 -21.61 -40.76
N GLN B 236 -27.22 -20.33 -40.80
CA GLN B 236 -26.94 -19.46 -41.93
C GLN B 236 -27.15 -18.01 -41.48
N PRO B 237 -26.43 -17.07 -42.09
CA PRO B 237 -26.62 -15.66 -41.72
C PRO B 237 -27.99 -15.16 -42.22
N PRO B 238 -28.49 -14.05 -41.64
CA PRO B 238 -29.75 -13.48 -42.16
C PRO B 238 -29.63 -13.12 -43.65
N LEU B 239 -30.74 -13.25 -44.41
CA LEU B 239 -30.80 -12.93 -45.84
C LEU B 239 -29.93 -13.81 -46.75
N PHE B 240 -29.51 -14.99 -46.26
CA PHE B 240 -28.68 -15.94 -47.02
C PHE B 240 -29.37 -16.48 -48.28
N ASP B 241 -30.71 -16.53 -48.25
CA ASP B 241 -31.57 -16.97 -49.34
C ASP B 241 -31.74 -15.91 -50.44
N VAL B 242 -31.42 -14.63 -50.13
CA VAL B 242 -31.52 -13.46 -51.00
C VAL B 242 -30.22 -13.24 -51.81
N HIS B 243 -30.34 -12.85 -53.10
CA HIS B 243 -29.20 -12.59 -54.01
C HIS B 243 -28.16 -11.69 -53.35
N PRO B 244 -26.87 -12.10 -53.41
CA PRO B 244 -25.81 -11.31 -52.75
C PRO B 244 -25.73 -9.85 -53.15
N LEU B 245 -25.98 -9.55 -54.45
CA LEU B 245 -25.94 -8.16 -54.92
C LEU B 245 -27.13 -7.35 -54.40
N ARG B 246 -28.30 -7.99 -54.29
CA ARG B 246 -29.47 -7.30 -53.73
C ARG B 246 -29.26 -7.01 -52.23
N VAL B 247 -28.55 -7.92 -51.51
CA VAL B 247 -28.24 -7.72 -50.10
C VAL B 247 -27.29 -6.53 -49.97
N LEU B 248 -26.29 -6.41 -50.85
CA LEU B 248 -25.35 -5.30 -50.86
C LEU B 248 -26.06 -3.96 -51.01
N PHE B 249 -26.98 -3.83 -51.97
CA PHE B 249 -27.74 -2.59 -52.17
C PHE B 249 -28.64 -2.29 -50.98
N LEU B 250 -29.34 -3.32 -50.47
CA LEU B 250 -30.24 -3.20 -49.31
C LEU B 250 -29.56 -2.54 -48.10
N MET B 251 -28.32 -2.96 -47.75
CA MET B 251 -27.56 -2.42 -46.61
C MET B 251 -27.20 -0.93 -46.78
N THR B 252 -27.14 -0.44 -48.02
CA THR B 252 -26.82 0.96 -48.29
C THR B 252 -28.04 1.89 -48.18
N LYS B 253 -29.26 1.34 -48.22
CA LYS B 253 -30.47 2.16 -48.15
C LYS B 253 -30.77 2.63 -46.74
N SER B 254 -31.45 3.77 -46.63
CA SER B 254 -31.77 4.38 -45.34
C SER B 254 -32.78 3.58 -44.52
N GLY B 255 -33.73 2.93 -45.17
CA GLY B 255 -34.74 2.14 -44.48
C GLY B 255 -34.30 0.76 -44.02
N TYR B 256 -33.00 0.44 -44.16
CA TYR B 256 -32.47 -0.85 -43.77
C TYR B 256 -32.62 -1.16 -42.29
N GLN B 257 -33.30 -2.26 -41.97
CA GLN B 257 -33.48 -2.68 -40.59
C GLN B 257 -32.46 -3.76 -40.25
N PRO B 258 -31.72 -3.59 -39.16
CA PRO B 258 -30.76 -4.64 -38.75
C PRO B 258 -31.48 -5.96 -38.48
N PRO B 259 -30.84 -7.09 -38.80
CA PRO B 259 -31.50 -8.39 -38.56
C PRO B 259 -31.72 -8.74 -37.09
N ARG B 260 -32.62 -9.68 -36.85
CA ARG B 260 -33.02 -10.19 -35.54
C ARG B 260 -33.04 -11.72 -35.60
N LEU B 261 -33.06 -12.36 -34.43
CA LEU B 261 -33.19 -13.81 -34.32
C LEU B 261 -34.63 -14.14 -34.74
N LYS B 262 -34.81 -15.11 -35.63
CA LYS B 262 -36.13 -15.47 -36.15
C LYS B 262 -37.06 -16.16 -35.15
N GLU B 263 -36.54 -17.06 -34.30
CA GLU B 263 -37.38 -17.77 -33.34
C GLU B 263 -37.32 -17.10 -31.97
N LYS B 264 -38.13 -16.07 -31.74
CA LYS B 264 -38.10 -15.27 -30.53
C LYS B 264 -38.10 -16.07 -29.22
N GLY B 265 -39.08 -16.96 -29.06
CA GLY B 265 -39.26 -17.78 -27.85
C GLY B 265 -38.14 -18.73 -27.46
N LYS B 266 -37.23 -19.02 -28.37
CA LYS B 266 -36.11 -19.94 -28.12
C LYS B 266 -34.95 -19.30 -27.32
N TRP B 267 -34.88 -17.96 -27.29
CA TRP B 267 -33.71 -17.27 -26.77
C TRP B 267 -34.01 -16.33 -25.65
N SER B 268 -33.01 -16.06 -24.80
CA SER B 268 -33.19 -15.16 -23.67
C SER B 268 -33.25 -13.70 -24.11
N ALA B 269 -33.70 -12.80 -23.22
CA ALA B 269 -33.69 -11.37 -23.50
C ALA B 269 -32.25 -10.89 -23.65
N ALA B 270 -31.28 -11.46 -22.90
CA ALA B 270 -29.89 -11.01 -23.04
C ALA B 270 -29.36 -11.36 -24.44
N PHE B 271 -29.78 -12.50 -25.02
CA PHE B 271 -29.32 -12.87 -26.37
C PHE B 271 -29.91 -11.93 -27.40
N HIS B 272 -31.23 -11.66 -27.31
CA HIS B 272 -31.87 -10.68 -28.20
C HIS B 272 -31.22 -9.30 -28.07
N ASN B 273 -30.84 -8.89 -26.85
CA ASN B 273 -30.22 -7.59 -26.59
C ASN B 273 -28.82 -7.54 -27.17
N PHE B 274 -28.04 -8.63 -27.00
CA PHE B 274 -26.67 -8.72 -27.55
C PHE B 274 -26.73 -8.52 -29.08
N ILE B 275 -27.70 -9.18 -29.74
CA ILE B 275 -27.87 -9.02 -31.20
C ILE B 275 -28.24 -7.56 -31.51
N LYS B 276 -29.21 -7.01 -30.78
CA LYS B 276 -29.62 -5.63 -30.97
C LYS B 276 -28.47 -4.62 -30.87
N VAL B 277 -27.60 -4.73 -29.85
CA VAL B 277 -26.52 -3.75 -29.68
C VAL B 277 -25.33 -4.00 -30.62
N THR B 278 -24.96 -5.27 -30.90
CA THR B 278 -23.86 -5.52 -31.87
C THR B 278 -24.29 -5.09 -33.27
N LEU B 279 -25.58 -5.27 -33.60
CA LEU B 279 -26.08 -4.84 -34.89
C LEU B 279 -26.66 -3.42 -34.87
N THR B 280 -25.95 -2.49 -34.24
CA THR B 280 -26.34 -1.07 -34.24
C THR B 280 -25.92 -0.58 -35.62
N LYS B 281 -26.88 -0.04 -36.40
CA LYS B 281 -26.60 0.37 -37.76
C LYS B 281 -25.54 1.45 -37.85
N SER B 282 -25.65 2.48 -37.02
CA SER B 282 -24.71 3.59 -37.03
C SER B 282 -23.41 3.21 -36.34
N PRO B 283 -22.27 3.27 -37.06
CA PRO B 283 -20.98 2.95 -36.42
C PRO B 283 -20.57 3.93 -35.32
N LYS B 284 -21.19 5.12 -35.25
CA LYS B 284 -20.92 6.07 -34.17
C LYS B 284 -21.47 5.56 -32.81
N LYS B 285 -22.52 4.73 -32.85
CA LYS B 285 -23.16 4.23 -31.64
C LYS B 285 -22.86 2.77 -31.31
N ARG B 286 -22.23 2.04 -32.24
CA ARG B 286 -21.95 0.63 -32.04
C ARG B 286 -20.91 0.41 -30.97
N PRO B 287 -21.18 -0.40 -29.96
CA PRO B 287 -20.20 -0.57 -28.88
C PRO B 287 -18.91 -1.22 -29.33
N SER B 288 -17.83 -0.93 -28.60
CA SER B 288 -16.50 -1.48 -28.89
C SER B 288 -16.44 -2.94 -28.39
N ALA B 289 -15.38 -3.69 -28.72
CA ALA B 289 -15.22 -5.06 -28.23
C ALA B 289 -15.08 -5.07 -26.70
N THR B 290 -14.30 -4.12 -26.14
CA THR B 290 -14.11 -3.99 -24.69
C THR B 290 -15.44 -3.74 -23.97
N LYS B 291 -16.26 -2.88 -24.56
CA LYS B 291 -17.59 -2.55 -24.05
C LYS B 291 -18.48 -3.79 -24.13
N MET B 292 -18.37 -4.53 -25.24
CA MET B 292 -19.16 -5.75 -25.42
C MET B 292 -18.82 -6.83 -24.42
N LEU B 293 -17.57 -6.90 -23.93
CA LEU B 293 -17.17 -7.88 -22.93
C LEU B 293 -17.93 -7.70 -21.58
N SER B 294 -18.50 -6.51 -21.32
CA SER B 294 -19.27 -6.30 -20.08
C SER B 294 -20.76 -6.58 -20.26
N HIS B 295 -21.24 -6.91 -21.50
CA HIS B 295 -22.64 -7.23 -21.74
C HIS B 295 -23.00 -8.50 -20.95
N GLN B 296 -24.25 -8.56 -20.45
CA GLN B 296 -24.76 -9.67 -19.64
C GLN B 296 -24.60 -11.05 -20.33
N LEU B 297 -24.83 -11.12 -21.67
CA LEU B 297 -24.68 -12.40 -22.38
C LEU B 297 -23.32 -13.04 -22.22
N VAL B 298 -22.23 -12.25 -22.39
CA VAL B 298 -20.88 -12.81 -22.33
C VAL B 298 -20.20 -12.66 -20.97
N SER B 299 -20.82 -11.92 -20.02
CA SER B 299 -20.21 -11.80 -18.70
C SER B 299 -20.83 -12.78 -17.67
N GLN B 300 -21.79 -13.64 -18.09
CA GLN B 300 -22.41 -14.72 -17.31
C GLN B 300 -21.33 -15.58 -16.66
N PRO B 301 -21.59 -16.12 -15.46
CA PRO B 301 -20.57 -16.92 -14.77
C PRO B 301 -20.21 -18.33 -15.31
N GLY B 302 -21.12 -19.01 -16.00
CA GLY B 302 -20.82 -20.38 -16.44
C GLY B 302 -20.27 -20.61 -17.84
N LEU B 303 -19.52 -19.62 -18.40
CA LEU B 303 -18.96 -19.77 -19.73
C LEU B 303 -17.53 -20.31 -19.69
N ASN B 304 -17.31 -21.48 -20.30
CA ASN B 304 -15.98 -22.12 -20.38
C ASN B 304 -15.90 -23.12 -21.53
N ARG B 305 -14.67 -23.61 -21.86
CA ARG B 305 -14.42 -24.55 -22.96
C ARG B 305 -15.22 -25.85 -22.85
N GLY B 306 -15.69 -26.19 -21.66
CA GLY B 306 -16.52 -27.38 -21.44
C GLY B 306 -17.79 -27.36 -22.26
N LEU B 307 -18.39 -26.16 -22.44
CA LEU B 307 -19.57 -25.99 -23.29
C LEU B 307 -19.25 -26.42 -24.73
N ILE B 308 -18.01 -26.15 -25.20
CA ILE B 308 -17.62 -26.52 -26.56
C ILE B 308 -17.17 -27.98 -26.62
N LEU B 309 -16.61 -28.54 -25.53
CA LEU B 309 -16.30 -29.98 -25.48
C LEU B 309 -17.58 -30.79 -25.60
N ASP B 310 -18.70 -30.27 -25.02
CA ASP B 310 -20.04 -30.84 -25.13
C ASP B 310 -20.44 -30.87 -26.61
N LEU B 311 -20.16 -29.77 -27.34
CA LEU B 311 -20.51 -29.67 -28.75
C LEU B 311 -19.71 -30.70 -29.55
N LEU B 312 -18.42 -30.83 -29.24
CA LEU B 312 -17.53 -31.79 -29.93
C LEU B 312 -17.89 -33.24 -29.64
N ASP B 313 -18.53 -33.52 -28.50
CA ASP B 313 -18.97 -34.87 -28.17
C ASP B 313 -20.03 -35.38 -29.18
N LYS B 314 -20.78 -34.46 -29.80
CA LYS B 314 -21.76 -34.80 -30.83
C LYS B 314 -21.10 -35.28 -32.15
N LEU B 315 -19.81 -34.99 -32.35
CA LEU B 315 -19.07 -35.45 -33.54
C LEU B 315 -18.63 -36.91 -33.37
N LYS B 316 -18.32 -37.34 -32.14
CA LYS B 316 -17.91 -38.71 -31.88
C LYS B 316 -19.13 -39.63 -31.80
N ASP C 29 7.50 -9.25 18.91
CA ASP C 29 7.66 -9.30 20.36
C ASP C 29 9.13 -9.52 20.69
N PRO C 30 9.66 -8.79 21.69
CA PRO C 30 11.09 -8.96 22.04
C PRO C 30 11.41 -10.26 22.77
N ASP C 31 10.42 -10.85 23.46
CA ASP C 31 10.61 -12.08 24.22
C ASP C 31 10.46 -13.36 23.41
N ILE C 32 10.51 -13.28 22.08
CA ILE C 32 10.33 -14.46 21.23
C ILE C 32 11.54 -15.40 21.31
N PHE C 33 11.29 -16.71 21.51
CA PHE C 33 12.36 -17.68 21.60
C PHE C 33 12.80 -18.07 20.20
N ASN C 34 14.10 -17.97 19.91
CA ASN C 34 14.60 -18.34 18.60
C ASN C 34 15.08 -19.79 18.56
N ARG C 35 14.16 -20.68 18.92
CA ARG C 35 14.43 -22.10 18.94
C ARG C 35 13.23 -22.87 18.37
N ASP C 36 13.46 -24.14 18.07
CA ASP C 36 12.45 -25.05 17.60
C ASP C 36 11.54 -25.34 18.80
N PRO C 37 10.20 -25.16 18.68
CA PRO C 37 9.32 -25.47 19.82
C PRO C 37 9.35 -26.97 20.20
N ARG C 38 9.71 -27.84 19.24
CA ARG C 38 9.85 -29.27 19.42
C ARG C 38 10.98 -29.65 20.43
N ASP C 39 11.86 -28.70 20.80
CA ASP C 39 12.84 -28.91 21.85
C ASP C 39 12.12 -29.00 23.22
N HIS C 40 10.98 -28.31 23.39
CA HIS C 40 10.25 -28.26 24.65
C HIS C 40 8.92 -28.98 24.65
N TYR C 41 8.37 -29.25 23.46
CA TYR C 41 7.07 -29.87 23.35
C TYR C 41 7.06 -30.98 22.32
N ASP C 42 6.28 -32.01 22.59
CA ASP C 42 6.07 -33.09 21.62
C ASP C 42 4.77 -32.74 20.88
N LEU C 43 4.83 -32.57 19.54
CA LEU C 43 3.62 -32.28 18.78
C LEU C 43 2.80 -33.56 18.71
N LEU C 44 1.51 -33.50 19.08
CA LEU C 44 0.67 -34.71 19.11
C LEU C 44 -0.28 -34.84 17.92
N GLN C 45 -1.00 -33.78 17.56
CA GLN C 45 -1.90 -33.81 16.41
C GLN C 45 -2.36 -32.43 15.98
N ARG C 46 -2.64 -32.29 14.69
CA ARG C 46 -3.13 -31.05 14.11
C ARG C 46 -4.63 -31.00 14.40
N LEU C 47 -5.11 -29.87 14.91
CA LEU C 47 -6.53 -29.70 15.26
C LEU C 47 -7.24 -28.64 14.42
N GLY C 48 -6.50 -27.79 13.71
CA GLY C 48 -7.11 -26.72 12.93
C GLY C 48 -7.29 -25.48 13.78
N GLY C 49 -7.07 -24.32 13.17
CA GLY C 49 -7.09 -23.06 13.90
C GLY C 49 -8.42 -22.37 14.02
N GLY C 50 -8.36 -21.08 14.31
CA GLY C 50 -9.53 -20.22 14.39
C GLY C 50 -9.50 -19.23 13.25
N THR C 51 -9.49 -17.92 13.56
CA THR C 51 -9.45 -16.85 12.55
C THR C 51 -8.34 -17.07 11.51
N TYR C 52 -7.12 -17.38 11.96
CA TYR C 52 -6.00 -17.68 11.07
C TYR C 52 -5.06 -18.71 11.75
N GLY C 53 -4.17 -19.29 10.97
CA GLY C 53 -3.21 -20.27 11.48
C GLY C 53 -3.78 -21.65 11.72
N GLU C 54 -2.92 -22.57 12.16
CA GLU C 54 -3.28 -23.94 12.48
C GLU C 54 -2.92 -24.21 13.94
N VAL C 55 -3.75 -24.93 14.67
CA VAL C 55 -3.49 -25.21 16.08
C VAL C 55 -3.13 -26.66 16.29
N PHE C 56 -2.06 -26.92 17.05
CA PHE C 56 -1.62 -28.29 17.32
C PHE C 56 -1.77 -28.59 18.77
N LYS C 57 -2.28 -29.78 19.07
CA LYS C 57 -2.35 -30.25 20.45
C LYS C 57 -0.92 -30.74 20.72
N ALA C 58 -0.30 -30.28 21.81
CA ALA C 58 1.09 -30.65 22.11
C ALA C 58 1.28 -30.98 23.59
N ARG C 59 2.39 -31.66 23.95
CA ARG C 59 2.64 -32.04 25.33
C ARG C 59 3.98 -31.45 25.80
N ASP C 60 3.98 -30.77 26.96
CA ASP C 60 5.17 -30.19 27.56
C ASP C 60 6.07 -31.34 27.97
N LYS C 61 7.32 -31.35 27.48
CA LYS C 61 8.24 -32.44 27.72
C LYS C 61 8.62 -32.64 29.20
N VAL C 62 8.58 -31.57 30.01
CA VAL C 62 8.99 -31.70 31.42
C VAL C 62 7.81 -31.98 32.34
N SER C 63 6.68 -31.33 32.16
CA SER C 63 5.53 -31.51 33.05
C SER C 63 4.47 -32.49 32.56
N GLY C 64 4.47 -32.79 31.27
CA GLY C 64 3.43 -33.65 30.68
C GLY C 64 2.11 -32.95 30.44
N ASP C 65 2.03 -31.63 30.73
CA ASP C 65 0.83 -30.83 30.53
C ASP C 65 0.56 -30.62 29.05
N LEU C 66 -0.71 -30.58 28.65
CA LEU C 66 -1.05 -30.32 27.26
C LEU C 66 -1.04 -28.81 27.03
N VAL C 67 -0.68 -28.40 25.81
CA VAL C 67 -0.70 -27.01 25.40
C VAL C 67 -1.28 -26.98 23.98
N ALA C 68 -1.76 -25.81 23.55
CA ALA C 68 -2.23 -25.59 22.19
C ALA C 68 -1.18 -24.72 21.54
N LEU C 69 -0.62 -25.16 20.43
CA LEU C 69 0.42 -24.40 19.72
C LEU C 69 -0.15 -23.89 18.41
N LYS C 70 -0.31 -22.57 18.28
CA LYS C 70 -0.84 -21.98 17.06
C LYS C 70 0.33 -21.70 16.12
N MET C 71 0.32 -22.30 14.94
CA MET C 71 1.41 -22.14 13.99
C MET C 71 0.99 -21.29 12.80
N VAL C 72 1.76 -20.24 12.52
CA VAL C 72 1.51 -19.36 11.38
C VAL C 72 2.75 -19.34 10.48
N LYS C 73 2.57 -19.70 9.20
CA LYS C 73 3.66 -19.74 8.22
C LYS C 73 4.20 -18.34 7.97
N MET C 74 5.50 -18.23 7.75
CA MET C 74 6.11 -16.94 7.50
C MET C 74 6.75 -16.87 6.13
N GLU C 75 6.79 -15.66 5.59
CA GLU C 75 7.43 -15.30 4.35
C GLU C 75 8.24 -14.01 4.62
N PRO C 76 9.40 -13.83 3.98
CA PRO C 76 10.23 -12.63 4.25
C PRO C 76 9.54 -11.26 4.12
N ASP C 77 8.69 -11.08 3.09
CA ASP C 77 8.01 -9.79 2.90
C ASP C 77 6.59 -9.80 3.49
N ASP C 78 6.45 -10.25 4.74
CA ASP C 78 5.16 -10.33 5.39
C ASP C 78 4.95 -9.19 6.36
N ASP C 79 3.73 -8.63 6.40
CA ASP C 79 3.39 -7.61 7.39
C ASP C 79 3.20 -8.41 8.70
N VAL C 80 3.94 -8.06 9.74
CA VAL C 80 3.91 -8.78 10.99
C VAL C 80 3.04 -8.09 12.09
N SER C 81 2.34 -7.00 11.72
CA SER C 81 1.47 -6.19 12.57
C SER C 81 0.34 -6.96 13.31
N THR C 82 -0.45 -7.77 12.60
CA THR C 82 -1.52 -8.56 13.21
C THR C 82 -0.96 -9.57 14.24
N LEU C 83 0.08 -10.33 13.83
CA LEU C 83 0.75 -11.32 14.68
C LEU C 83 1.30 -10.67 15.94
N GLN C 84 1.93 -9.50 15.77
CA GLN C 84 2.51 -8.70 16.85
C GLN C 84 1.45 -8.22 17.82
N LYS C 85 0.27 -7.84 17.31
CA LYS C 85 -0.82 -7.38 18.18
C LYS C 85 -1.43 -8.54 18.97
N GLU C 86 -1.58 -9.73 18.33
CA GLU C 86 -2.11 -10.91 19.01
C GLU C 86 -1.21 -11.35 20.16
N ILE C 87 0.11 -11.44 19.93
CA ILE C 87 1.06 -11.83 20.97
C ILE C 87 1.01 -10.86 22.15
N LEU C 88 0.99 -9.57 21.87
CA LEU C 88 0.93 -8.51 22.87
C LEU C 88 -0.37 -8.59 23.69
N ILE C 89 -1.53 -8.86 23.06
CA ILE C 89 -2.81 -9.01 23.77
C ILE C 89 -2.72 -10.19 24.76
N LEU C 90 -2.22 -11.34 24.28
CA LEU C 90 -2.06 -12.57 25.08
C LEU C 90 -1.03 -12.45 26.22
N LYS C 91 0.10 -11.79 25.96
CA LYS C 91 1.17 -11.61 26.94
C LYS C 91 0.75 -10.66 28.07
N THR C 92 -0.13 -9.69 27.78
CA THR C 92 -0.57 -8.75 28.82
C THR C 92 -1.86 -9.21 29.55
N CYS C 93 -2.49 -10.31 29.10
CA CYS C 93 -3.67 -10.84 29.80
C CYS C 93 -3.24 -11.72 30.94
N ARG C 94 -3.76 -11.47 32.12
CA ARG C 94 -3.48 -12.28 33.29
C ARG C 94 -4.78 -12.41 34.06
N HIS C 95 -5.64 -13.31 33.59
CA HIS C 95 -6.93 -13.52 34.20
C HIS C 95 -7.35 -14.97 33.97
N ALA C 96 -7.93 -15.57 35.00
CA ALA C 96 -8.36 -16.97 34.92
C ALA C 96 -9.29 -17.30 33.72
N ASN C 97 -10.18 -16.38 33.34
CA ASN C 97 -11.13 -16.62 32.26
C ASN C 97 -10.62 -16.30 30.85
N ILE C 98 -9.31 -16.18 30.67
CA ILE C 98 -8.73 -15.95 29.33
C ILE C 98 -7.62 -16.98 29.17
N VAL C 99 -7.52 -17.71 28.03
CA VAL C 99 -6.42 -18.69 27.83
C VAL C 99 -5.04 -18.14 28.22
N ALA C 100 -4.33 -18.88 29.06
CA ALA C 100 -3.00 -18.50 29.52
C ALA C 100 -2.02 -18.55 28.35
N TYR C 101 -1.01 -17.68 28.40
CA TYR C 101 -0.01 -17.58 27.36
C TYR C 101 1.31 -18.14 27.89
N HIS C 102 1.97 -19.00 27.13
CA HIS C 102 3.24 -19.61 27.55
C HIS C 102 4.43 -19.23 26.67
N GLY C 103 4.30 -18.21 25.83
CA GLY C 103 5.41 -17.78 24.98
C GLY C 103 5.25 -18.10 23.51
N SER C 104 6.20 -17.60 22.69
CA SER C 104 6.17 -17.84 21.25
C SER C 104 7.56 -18.16 20.71
N TYR C 105 7.61 -19.05 19.71
CA TYR C 105 8.84 -19.54 19.09
C TYR C 105 8.89 -19.22 17.60
N LEU C 106 10.02 -18.69 17.13
CA LEU C 106 10.21 -18.44 15.70
C LEU C 106 11.31 -19.39 15.19
N TRP C 107 10.96 -20.31 14.28
CA TRP C 107 11.89 -21.31 13.81
C TRP C 107 11.55 -21.85 12.42
N LEU C 108 12.58 -22.02 11.56
CA LEU C 108 12.47 -22.54 10.20
C LEU C 108 11.27 -21.97 9.41
N GLN C 109 11.10 -20.64 9.46
CA GLN C 109 10.01 -19.92 8.76
C GLN C 109 8.60 -20.13 9.34
N LYS C 110 8.48 -20.41 10.65
CA LYS C 110 7.17 -20.60 11.27
C LYS C 110 7.10 -19.93 12.64
N LEU C 111 5.98 -19.26 12.94
CA LEU C 111 5.77 -18.66 14.26
C LEU C 111 4.83 -19.57 15.06
N TRP C 112 5.18 -19.91 16.31
CA TRP C 112 4.38 -20.80 17.14
C TRP C 112 3.98 -20.08 18.42
N ILE C 113 2.69 -19.78 18.60
CA ILE C 113 2.18 -19.15 19.80
C ILE C 113 1.64 -20.23 20.74
N CYS C 114 2.26 -20.35 21.92
CA CYS C 114 1.88 -21.37 22.89
C CYS C 114 0.86 -20.89 23.88
N MET C 115 -0.26 -21.63 24.01
CA MET C 115 -1.36 -21.25 24.89
C MET C 115 -1.93 -22.46 25.66
N GLU C 116 -2.78 -22.18 26.65
CA GLU C 116 -3.47 -23.17 27.47
C GLU C 116 -4.32 -24.12 26.60
N PHE C 117 -4.24 -25.43 26.84
CA PHE C 117 -5.07 -26.38 26.14
C PHE C 117 -6.26 -26.65 27.08
N CYS C 118 -7.48 -26.63 26.55
CA CYS C 118 -8.65 -26.94 27.36
C CYS C 118 -9.22 -28.25 26.86
N GLY C 119 -9.06 -29.29 27.68
CA GLY C 119 -9.42 -30.67 27.40
C GLY C 119 -10.75 -30.96 26.75
N ALA C 120 -11.83 -30.24 27.13
CA ALA C 120 -13.14 -30.46 26.50
C ALA C 120 -13.37 -29.65 25.19
N GLY C 121 -12.39 -28.85 24.79
CA GLY C 121 -12.52 -28.05 23.58
C GLY C 121 -13.46 -26.87 23.80
N SER C 122 -14.18 -26.46 22.75
CA SER C 122 -15.09 -25.33 22.86
C SER C 122 -16.49 -25.77 23.20
N LEU C 123 -17.34 -24.82 23.60
CA LEU C 123 -18.73 -25.09 23.88
C LEU C 123 -19.46 -25.56 22.60
N GLN C 124 -19.04 -25.10 21.41
CA GLN C 124 -19.60 -25.57 20.17
C GLN C 124 -19.26 -27.05 19.97
N ASP C 125 -17.99 -27.45 20.21
CA ASP C 125 -17.61 -28.88 20.11
C ASP C 125 -18.45 -29.73 21.06
N ILE C 126 -18.77 -29.20 22.23
CA ILE C 126 -19.55 -29.92 23.22
C ILE C 126 -21.03 -30.02 22.85
N TYR C 127 -21.73 -28.88 22.60
CA TYR C 127 -23.16 -28.92 22.32
C TYR C 127 -23.50 -29.66 21.00
N GLN C 128 -22.51 -29.85 20.09
CA GLN C 128 -22.74 -30.60 18.86
C GLN C 128 -22.96 -32.10 19.14
N VAL C 129 -22.49 -32.59 20.29
CA VAL C 129 -22.66 -33.97 20.73
C VAL C 129 -23.78 -34.06 21.79
N THR C 130 -23.78 -33.11 22.70
CA THR C 130 -24.60 -33.08 23.90
C THR C 130 -26.02 -32.51 23.69
N GLY C 131 -26.16 -31.64 22.71
CA GLY C 131 -27.40 -30.92 22.50
C GLY C 131 -27.47 -29.70 23.40
N SER C 132 -28.64 -29.10 23.48
CA SER C 132 -28.88 -27.90 24.25
C SER C 132 -28.32 -27.91 25.71
N LEU C 133 -27.89 -26.73 26.19
CA LEU C 133 -27.41 -26.60 27.56
C LEU C 133 -28.59 -26.22 28.44
N SER C 134 -28.52 -26.54 29.75
CA SER C 134 -29.56 -26.14 30.68
C SER C 134 -29.41 -24.64 30.99
N GLU C 135 -30.48 -24.01 31.49
CA GLU C 135 -30.42 -22.59 31.86
C GLU C 135 -29.32 -22.31 32.90
N LEU C 136 -29.17 -23.17 33.90
CA LEU C 136 -28.15 -22.97 34.94
C LEU C 136 -26.72 -23.10 34.39
N GLN C 137 -26.51 -24.01 33.41
CA GLN C 137 -25.20 -24.18 32.78
C GLN C 137 -24.87 -22.92 31.96
N ILE C 138 -25.86 -22.39 31.23
CA ILE C 138 -25.70 -21.18 30.43
C ILE C 138 -25.41 -20.00 31.33
N SER C 139 -26.07 -19.92 32.51
CA SER C 139 -25.88 -18.83 33.47
C SER C 139 -24.47 -18.86 34.06
N TYR C 140 -23.89 -20.05 34.24
CA TYR C 140 -22.52 -20.16 34.74
C TYR C 140 -21.55 -19.67 33.66
N VAL C 141 -21.75 -20.13 32.42
CA VAL C 141 -20.93 -19.76 31.27
C VAL C 141 -20.94 -18.26 31.08
N CYS C 142 -22.14 -17.64 31.11
CA CYS C 142 -22.31 -16.20 30.97
C CYS C 142 -21.59 -15.43 32.04
N ARG C 143 -21.70 -15.88 33.31
CA ARG C 143 -20.99 -15.20 34.40
C ARG C 143 -19.47 -15.22 34.17
N GLU C 144 -18.92 -16.41 33.84
CA GLU C 144 -17.48 -16.58 33.57
C GLU C 144 -17.01 -15.75 32.38
N VAL C 145 -17.80 -15.71 31.30
CA VAL C 145 -17.45 -14.90 30.13
C VAL C 145 -17.46 -13.41 30.51
N LEU C 146 -18.47 -12.95 31.28
CA LEU C 146 -18.53 -11.56 31.73
C LEU C 146 -17.35 -11.21 32.63
N GLN C 147 -16.84 -12.15 33.45
CA GLN C 147 -15.64 -11.87 34.25
C GLN C 147 -14.45 -11.59 33.33
N GLY C 148 -14.28 -12.42 32.30
CA GLY C 148 -13.21 -12.23 31.32
C GLY C 148 -13.39 -10.95 30.53
N LEU C 149 -14.66 -10.64 30.13
CA LEU C 149 -15.01 -9.46 29.36
C LEU C 149 -14.75 -8.21 30.15
N ALA C 150 -15.16 -8.20 31.43
CA ALA C 150 -14.92 -7.06 32.32
C ALA C 150 -13.42 -6.81 32.47
N TYR C 151 -12.63 -7.87 32.58
CA TYR C 151 -11.17 -7.74 32.68
C TYR C 151 -10.62 -7.14 31.38
N LEU C 152 -10.94 -7.74 30.20
CA LEU C 152 -10.47 -7.28 28.90
C LEU C 152 -10.80 -5.82 28.65
N HIS C 153 -12.03 -5.42 28.95
CA HIS C 153 -12.50 -4.05 28.75
C HIS C 153 -11.80 -3.09 29.70
N SER C 154 -11.52 -3.52 30.94
CA SER C 154 -10.79 -2.72 31.92
C SER C 154 -9.33 -2.45 31.43
N GLN C 155 -8.77 -3.33 30.60
CA GLN C 155 -7.44 -3.17 30.03
C GLN C 155 -7.46 -2.48 28.65
N LYS C 156 -8.63 -1.97 28.22
CA LYS C 156 -8.86 -1.30 26.94
C LYS C 156 -8.74 -2.26 25.77
N LYS C 157 -9.22 -3.50 25.95
CA LYS C 157 -9.23 -4.53 24.91
C LYS C 157 -10.66 -4.91 24.55
N ILE C 158 -10.86 -5.38 23.32
CA ILE C 158 -12.15 -5.82 22.86
C ILE C 158 -11.95 -7.19 22.27
N HIS C 159 -12.81 -8.17 22.60
CA HIS C 159 -12.67 -9.50 22.03
C HIS C 159 -13.12 -9.49 20.55
N ARG C 160 -14.36 -9.03 20.29
CA ARG C 160 -14.97 -8.88 18.98
C ARG C 160 -15.33 -10.21 18.29
N ASP C 161 -15.11 -11.35 18.96
CA ASP C 161 -15.44 -12.64 18.35
C ASP C 161 -16.02 -13.60 19.38
N ILE C 162 -16.81 -13.08 20.34
CA ILE C 162 -17.47 -13.87 21.36
C ILE C 162 -18.52 -14.76 20.68
N LYS C 163 -18.40 -16.08 20.91
CA LYS C 163 -19.28 -17.09 20.36
C LYS C 163 -18.93 -18.45 20.98
N GLY C 164 -19.79 -19.45 20.84
CA GLY C 164 -19.59 -20.78 21.41
C GLY C 164 -18.26 -21.41 21.03
N ALA C 165 -17.82 -21.21 19.77
CA ALA C 165 -16.56 -21.74 19.28
C ALA C 165 -15.36 -21.11 20.01
N ASN C 166 -15.51 -19.90 20.57
CA ASN C 166 -14.38 -19.24 21.23
C ASN C 166 -14.42 -19.27 22.76
N ILE C 167 -15.31 -20.08 23.34
CA ILE C 167 -15.40 -20.23 24.76
C ILE C 167 -15.00 -21.65 25.04
N LEU C 168 -13.82 -21.85 25.63
CA LEU C 168 -13.31 -23.18 25.88
C LEU C 168 -13.60 -23.65 27.29
N ILE C 169 -13.72 -24.96 27.46
CA ILE C 169 -14.00 -25.62 28.72
C ILE C 169 -12.86 -26.59 29.03
N ASN C 170 -12.18 -26.44 30.19
CA ASN C 170 -11.13 -27.38 30.56
C ASN C 170 -11.76 -28.61 31.28
N ASP C 171 -10.93 -29.61 31.60
CA ASP C 171 -11.42 -30.86 32.22
C ASP C 171 -12.09 -30.61 33.59
N ALA C 172 -11.76 -29.50 34.24
CA ALA C 172 -12.36 -29.16 35.53
C ALA C 172 -13.66 -28.35 35.39
N GLY C 173 -14.19 -28.20 34.18
CA GLY C 173 -15.41 -27.45 33.94
C GLY C 173 -15.24 -25.94 34.01
N GLU C 174 -14.00 -25.47 33.90
CA GLU C 174 -13.72 -24.04 33.94
C GLU C 174 -13.79 -23.45 32.52
N VAL C 175 -14.12 -22.14 32.44
CA VAL C 175 -14.35 -21.40 31.21
C VAL C 175 -13.19 -20.46 30.87
N ARG C 176 -12.72 -20.50 29.60
CA ARG C 176 -11.63 -19.63 29.11
C ARG C 176 -12.00 -19.04 27.74
N LEU C 177 -11.82 -17.72 27.57
CA LEU C 177 -12.04 -17.07 26.28
C LEU C 177 -10.80 -17.31 25.44
N ALA C 178 -11.00 -17.63 24.14
CA ALA C 178 -9.89 -17.89 23.24
C ALA C 178 -10.04 -17.10 21.91
N ASP C 179 -9.00 -17.12 21.08
CA ASP C 179 -8.93 -16.56 19.74
C ASP C 179 -9.08 -15.05 19.70
N PHE C 180 -7.96 -14.39 19.95
CA PHE C 180 -7.86 -12.94 19.81
C PHE C 180 -7.43 -12.57 18.36
N GLY C 181 -7.76 -13.42 17.39
CA GLY C 181 -7.41 -13.21 15.99
C GLY C 181 -8.09 -12.01 15.38
N ILE C 182 -9.42 -11.94 15.51
CA ILE C 182 -10.20 -10.83 14.99
C ILE C 182 -9.78 -9.55 15.72
N SER C 183 -9.62 -9.63 17.04
CA SER C 183 -9.19 -8.51 17.85
C SER C 183 -7.85 -7.93 17.38
N ALA C 184 -6.87 -8.80 17.05
CA ALA C 184 -5.56 -8.40 16.58
C ALA C 184 -5.67 -7.78 15.18
N GLN C 185 -6.48 -8.38 14.30
CA GLN C 185 -6.67 -7.85 12.94
C GLN C 185 -7.24 -6.45 12.95
N ILE C 186 -8.25 -6.21 13.81
CA ILE C 186 -8.87 -4.90 13.93
C ILE C 186 -7.87 -3.89 14.44
N GLY C 187 -7.07 -4.26 15.44
CA GLY C 187 -6.05 -3.43 16.04
C GLY C 187 -5.01 -3.02 15.02
N ALA C 188 -4.56 -3.99 14.21
CA ALA C 188 -3.61 -3.78 13.13
C ALA C 188 -4.19 -2.86 12.04
N GLU C 189 -5.47 -3.08 11.69
CA GLU C 189 -6.18 -2.27 10.70
C GLU C 189 -6.28 -0.82 11.17
N LEU C 190 -6.59 -0.60 12.46
CA LEU C 190 -6.70 0.72 13.06
C LEU C 190 -5.35 1.44 13.13
N ALA C 191 -4.27 0.70 13.39
CA ALA C 191 -2.93 1.29 13.41
C ALA C 191 -2.54 1.73 11.99
N ARG C 192 -2.92 0.95 10.96
CA ARG C 192 -2.67 1.26 9.57
C ARG C 192 -3.50 2.48 9.08
N ARG C 193 -4.62 2.79 9.75
CA ARG C 193 -5.46 3.96 9.44
C ARG C 193 -4.72 5.22 9.86
N LEU C 194 -4.20 5.22 11.10
CA LEU C 194 -3.43 6.29 11.70
C LEU C 194 -2.16 6.62 10.87
N GLU C 195 -1.66 5.65 10.08
CA GLU C 195 -0.46 5.83 9.26
C GLU C 195 -0.75 6.41 7.86
N PHE C 196 -1.92 6.11 7.29
CA PHE C 196 -2.27 6.58 5.95
C PHE C 196 -3.44 7.56 5.91
N ILE C 197 -3.69 8.25 7.04
CA ILE C 197 -4.79 9.20 7.19
C ILE C 197 -4.61 10.48 6.31
N GLY C 198 -3.38 10.92 6.08
CA GLY C 198 -3.12 12.14 5.29
C GLY C 198 -3.31 13.41 6.10
N THR C 199 -3.23 14.61 5.47
CA THR C 199 -3.43 15.87 6.21
C THR C 199 -4.83 15.93 6.83
N PRO C 200 -4.93 16.30 8.09
CA PRO C 200 -6.24 16.28 8.75
C PRO C 200 -6.96 17.62 8.91
N TYR C 201 -6.43 18.71 8.36
CA TYR C 201 -6.98 20.05 8.62
C TYR C 201 -8.38 20.29 8.10
N TRP C 202 -8.84 19.56 7.06
CA TRP C 202 -10.21 19.72 6.55
C TRP C 202 -11.16 18.58 6.98
N MET C 203 -10.67 17.69 7.80
CA MET C 203 -11.37 16.51 8.23
C MET C 203 -12.34 16.80 9.40
N ALA C 204 -13.58 16.40 9.26
CA ALA C 204 -14.61 16.56 10.31
C ALA C 204 -14.20 15.75 11.57
N PRO C 205 -14.65 16.15 12.78
CA PRO C 205 -14.28 15.41 14.00
C PRO C 205 -14.67 13.94 14.02
N GLU C 206 -15.86 13.58 13.53
CA GLU C 206 -16.31 12.19 13.50
C GLU C 206 -15.49 11.33 12.53
N VAL C 207 -14.85 11.95 11.51
CA VAL C 207 -13.99 11.21 10.59
C VAL C 207 -12.69 10.91 11.33
N ALA C 208 -12.14 11.92 12.03
CA ALA C 208 -10.94 11.78 12.85
C ALA C 208 -11.18 10.68 13.94
N ALA C 209 -12.32 10.74 14.63
CA ALA C 209 -12.70 9.76 15.66
C ALA C 209 -12.72 8.31 15.15
N VAL C 210 -13.37 8.02 13.98
CA VAL C 210 -13.38 6.64 13.50
C VAL C 210 -11.99 6.19 13.05
N ALA C 211 -11.12 7.12 12.59
CA ALA C 211 -9.77 6.74 12.16
C ALA C 211 -8.88 6.34 13.35
N LEU C 212 -9.10 6.95 14.52
CA LEU C 212 -8.31 6.64 15.71
C LEU C 212 -8.95 5.55 16.59
N LYS C 213 -10.28 5.58 16.76
CA LYS C 213 -11.03 4.68 17.65
C LYS C 213 -11.85 3.57 17.00
N GLY C 214 -12.33 3.76 15.78
CA GLY C 214 -13.02 2.69 15.07
C GLY C 214 -14.49 2.73 14.70
N GLY C 215 -15.28 3.55 15.36
CA GLY C 215 -16.71 3.60 15.04
C GLY C 215 -17.62 2.77 15.94
N TYR C 216 -17.03 1.87 16.76
CA TYR C 216 -17.78 1.11 17.76
C TYR C 216 -16.93 0.88 19.02
N ASN C 217 -17.55 0.46 20.11
CA ASN C 217 -16.82 0.23 21.35
C ASN C 217 -16.98 -1.21 21.90
N GLU C 218 -16.31 -1.50 23.03
CA GLU C 218 -16.27 -2.79 23.71
C GLU C 218 -17.66 -3.36 24.02
N LEU C 219 -18.70 -2.53 23.98
CA LEU C 219 -20.07 -2.98 24.26
C LEU C 219 -20.58 -3.95 23.21
N CYS C 220 -19.96 -4.03 22.03
CA CYS C 220 -20.28 -5.01 21.00
C CYS C 220 -20.16 -6.44 21.56
N ASP C 221 -19.23 -6.67 22.52
CA ASP C 221 -19.03 -7.99 23.16
C ASP C 221 -20.22 -8.40 24.03
N ILE C 222 -20.95 -7.41 24.59
CA ILE C 222 -22.13 -7.70 25.41
C ILE C 222 -23.23 -8.26 24.55
N TRP C 223 -23.38 -7.72 23.30
CA TRP C 223 -24.38 -8.17 22.36
C TRP C 223 -24.03 -9.59 21.97
N SER C 224 -22.75 -9.84 21.58
CA SER C 224 -22.32 -11.17 21.17
C SER C 224 -22.56 -12.23 22.23
N LEU C 225 -22.43 -11.89 23.49
CA LEU C 225 -22.68 -12.82 24.59
C LEU C 225 -24.18 -13.15 24.67
N GLY C 226 -25.05 -12.17 24.40
CA GLY C 226 -26.49 -12.39 24.32
C GLY C 226 -26.83 -13.40 23.23
N ILE C 227 -26.25 -13.21 22.03
CA ILE C 227 -26.45 -14.16 20.93
C ILE C 227 -25.86 -15.53 21.30
N THR C 228 -24.72 -15.54 21.99
CA THR C 228 -24.06 -16.78 22.40
C THR C 228 -24.93 -17.54 23.39
N ALA C 229 -25.61 -16.83 24.28
CA ALA C 229 -26.51 -17.46 25.25
C ALA C 229 -27.67 -18.14 24.54
N ILE C 230 -28.17 -17.51 23.44
CA ILE C 230 -29.21 -18.09 22.60
C ILE C 230 -28.67 -19.29 21.85
N GLU C 231 -27.45 -19.19 21.31
CA GLU C 231 -26.77 -20.28 20.59
C GLU C 231 -26.61 -21.53 21.50
N LEU C 232 -26.23 -21.33 22.78
CA LEU C 232 -26.08 -22.44 23.73
C LEU C 232 -27.42 -23.11 24.05
N ALA C 233 -28.51 -22.33 24.02
CA ALA C 233 -29.84 -22.76 24.31
C ALA C 233 -30.53 -23.43 23.12
N GLU C 234 -30.22 -22.97 21.89
CA GLU C 234 -30.94 -23.45 20.70
C GLU C 234 -30.11 -24.11 19.62
N LEU C 235 -28.80 -24.28 19.83
CA LEU C 235 -27.83 -24.92 18.92
C LEU C 235 -27.46 -24.09 17.69
N GLN C 236 -28.11 -22.96 17.49
CA GLN C 236 -27.81 -22.06 16.40
C GLN C 236 -27.99 -20.64 16.88
N PRO C 237 -27.20 -19.70 16.36
CA PRO C 237 -27.46 -18.28 16.66
C PRO C 237 -28.72 -17.86 15.88
N PRO C 238 -29.41 -16.78 16.31
CA PRO C 238 -30.62 -16.35 15.59
C PRO C 238 -30.33 -16.01 14.11
N LEU C 239 -31.28 -16.39 13.22
CA LEU C 239 -31.26 -16.16 11.77
C LEU C 239 -30.15 -16.92 11.04
N PHE C 240 -29.64 -18.02 11.63
CA PHE C 240 -28.56 -18.82 11.06
C PHE C 240 -28.87 -19.38 9.68
N ASP C 241 -30.16 -19.59 9.35
CA ASP C 241 -30.51 -20.10 8.03
C ASP C 241 -30.80 -18.97 7.00
N VAL C 242 -30.57 -17.70 7.39
CA VAL C 242 -30.77 -16.53 6.54
C VAL C 242 -29.39 -16.11 6.00
N HIS C 243 -29.33 -15.71 4.72
CA HIS C 243 -28.08 -15.32 4.06
C HIS C 243 -27.32 -14.24 4.83
N PRO C 244 -26.01 -14.42 5.01
CA PRO C 244 -25.24 -13.47 5.83
C PRO C 244 -25.37 -12.01 5.44
N LEU C 245 -25.46 -11.70 4.14
CA LEU C 245 -25.59 -10.33 3.68
C LEU C 245 -26.97 -9.75 4.02
N ARG C 246 -28.01 -10.58 3.95
CA ARG C 246 -29.36 -10.16 4.32
C ARG C 246 -29.42 -9.83 5.81
N VAL C 247 -28.76 -10.65 6.64
CA VAL C 247 -28.69 -10.44 8.09
C VAL C 247 -28.00 -9.10 8.38
N LEU C 248 -26.84 -8.86 7.75
CA LEU C 248 -26.09 -7.61 7.90
C LEU C 248 -26.95 -6.40 7.52
N PHE C 249 -27.68 -6.49 6.40
CA PHE C 249 -28.55 -5.41 5.94
C PHE C 249 -29.71 -5.13 6.89
N LEU C 250 -30.38 -6.20 7.38
CA LEU C 250 -31.50 -6.07 8.30
C LEU C 250 -31.12 -5.35 9.60
N MET C 251 -29.94 -5.67 10.14
CA MET C 251 -29.43 -5.07 11.38
C MET C 251 -29.23 -3.55 11.32
N THR C 252 -28.87 -3.01 10.15
CA THR C 252 -28.65 -1.57 9.99
C THR C 252 -29.93 -0.74 9.95
N LYS C 253 -31.08 -1.37 9.64
CA LYS C 253 -32.35 -0.64 9.57
C LYS C 253 -32.75 -0.08 10.92
N SER C 254 -33.39 1.12 10.93
CA SER C 254 -33.83 1.73 12.18
C SER C 254 -35.09 1.07 12.80
N GLY C 255 -35.56 -0.02 12.20
CA GLY C 255 -36.68 -0.81 12.70
C GLY C 255 -36.28 -2.23 13.06
N TYR C 256 -34.97 -2.54 13.08
CA TYR C 256 -34.49 -3.87 13.42
C TYR C 256 -34.83 -4.21 14.87
N GLN C 257 -35.45 -5.37 15.08
CA GLN C 257 -35.78 -5.80 16.42
C GLN C 257 -34.78 -6.85 16.89
N PRO C 258 -34.20 -6.66 18.09
CA PRO C 258 -33.26 -7.67 18.62
C PRO C 258 -33.88 -9.06 18.73
N PRO C 259 -33.06 -10.13 18.60
CA PRO C 259 -33.63 -11.49 18.72
C PRO C 259 -34.12 -11.86 20.12
N ARG C 260 -34.85 -12.96 20.19
CA ARG C 260 -35.36 -13.49 21.46
C ARG C 260 -35.36 -15.03 21.44
N LEU C 261 -35.49 -15.67 22.60
CA LEU C 261 -35.55 -17.12 22.67
C LEU C 261 -36.88 -17.60 22.04
N LYS C 262 -36.82 -18.67 21.23
CA LYS C 262 -37.99 -19.22 20.56
C LYS C 262 -39.03 -19.81 21.53
N GLU C 263 -38.63 -20.78 22.39
CA GLU C 263 -39.55 -21.43 23.34
C GLU C 263 -39.64 -20.65 24.65
N LYS C 264 -40.57 -19.70 24.75
CA LYS C 264 -40.75 -18.87 25.94
C LYS C 264 -40.92 -19.65 27.26
N GLY C 265 -41.71 -20.72 27.21
CA GLY C 265 -42.02 -21.54 28.38
C GLY C 265 -40.87 -22.36 28.91
N LYS C 266 -39.85 -22.60 28.09
CA LYS C 266 -38.69 -23.39 28.49
C LYS C 266 -37.72 -22.61 29.39
N TRP C 267 -37.80 -21.27 29.44
CA TRP C 267 -36.83 -20.46 30.19
C TRP C 267 -37.49 -19.51 31.16
N SER C 268 -36.75 -19.15 32.22
CA SER C 268 -37.25 -18.24 33.24
C SER C 268 -37.29 -16.79 32.77
N ALA C 269 -38.05 -15.94 33.50
CA ALA C 269 -38.15 -14.53 33.21
C ALA C 269 -36.77 -13.85 33.32
N ALA C 270 -35.93 -14.29 34.27
CA ALA C 270 -34.59 -13.74 34.43
C ALA C 270 -33.69 -13.99 33.22
N PHE C 271 -33.81 -15.17 32.56
CA PHE C 271 -33.02 -15.49 31.36
C PHE C 271 -33.57 -14.64 30.21
N HIS C 272 -34.91 -14.58 30.06
CA HIS C 272 -35.55 -13.74 29.04
C HIS C 272 -35.17 -12.27 29.20
N ASN C 273 -35.00 -11.78 30.44
CA ASN C 273 -34.59 -10.41 30.71
C ASN C 273 -33.10 -10.23 30.42
N PHE C 274 -32.26 -11.25 30.72
CA PHE C 274 -30.83 -11.18 30.44
C PHE C 274 -30.59 -10.97 28.95
N ILE C 275 -31.34 -11.72 28.12
CA ILE C 275 -31.31 -11.66 26.66
C ILE C 275 -31.75 -10.28 26.14
N LYS C 276 -32.86 -9.75 26.67
CA LYS C 276 -33.38 -8.43 26.28
C LYS C 276 -32.38 -7.30 26.60
N VAL C 277 -31.75 -7.39 27.77
CA VAL C 277 -30.83 -6.38 28.24
C VAL C 277 -29.46 -6.46 27.54
N THR C 278 -28.91 -7.68 27.34
CA THR C 278 -27.64 -7.81 26.60
C THR C 278 -27.84 -7.39 25.13
N LEU C 279 -29.00 -7.75 24.55
CA LEU C 279 -29.31 -7.40 23.18
C LEU C 279 -30.01 -6.02 23.04
N THR C 280 -29.53 -5.01 23.78
CA THR C 280 -30.04 -3.65 23.66
C THR C 280 -29.49 -3.13 22.34
N LYS C 281 -30.36 -2.79 21.37
CA LYS C 281 -29.94 -2.34 20.04
C LYS C 281 -29.01 -1.12 20.07
N SER C 282 -29.29 -0.16 20.95
CA SER C 282 -28.47 1.03 21.08
C SER C 282 -27.25 0.80 21.96
N PRO C 283 -26.04 0.99 21.40
CA PRO C 283 -24.83 0.84 22.23
C PRO C 283 -24.70 1.87 23.34
N LYS C 284 -25.52 2.94 23.33
CA LYS C 284 -25.51 3.92 24.41
C LYS C 284 -26.25 3.40 25.65
N LYS C 285 -27.26 2.54 25.46
CA LYS C 285 -28.01 1.98 26.59
C LYS C 285 -27.57 0.56 26.99
N ARG C 286 -26.72 -0.10 26.19
CA ARG C 286 -26.28 -1.46 26.49
C ARG C 286 -25.39 -1.45 27.70
N PRO C 287 -25.76 -2.24 28.74
CA PRO C 287 -24.97 -2.20 29.97
C PRO C 287 -23.58 -2.78 29.81
N SER C 288 -22.63 -2.28 30.62
CA SER C 288 -21.26 -2.75 30.61
C SER C 288 -21.18 -4.22 31.15
N ALA C 289 -20.00 -4.87 31.03
CA ALA C 289 -19.82 -6.21 31.53
C ALA C 289 -19.92 -6.21 33.05
N THR C 290 -19.31 -5.21 33.72
CA THR C 290 -19.38 -5.10 35.17
C THR C 290 -20.84 -4.91 35.64
N LYS C 291 -21.64 -4.13 34.88
CA LYS C 291 -23.04 -3.95 35.23
C LYS C 291 -23.77 -5.28 35.08
N MET C 292 -23.49 -6.01 33.98
CA MET C 292 -24.12 -7.31 33.73
C MET C 292 -23.77 -8.35 34.81
N LEU C 293 -22.65 -8.20 35.51
CA LEU C 293 -22.29 -9.13 36.57
C LEU C 293 -23.24 -9.09 37.78
N SER C 294 -23.99 -7.97 37.93
CA SER C 294 -25.01 -7.80 38.97
C SER C 294 -26.38 -8.30 38.54
N HIS C 295 -26.55 -8.71 37.29
CA HIS C 295 -27.82 -9.22 36.81
C HIS C 295 -28.15 -10.53 37.52
N GLN C 296 -29.45 -10.74 37.81
CA GLN C 296 -30.03 -11.85 38.53
C GLN C 296 -29.59 -13.17 37.97
N LEU C 297 -29.54 -13.31 36.64
CA LEU C 297 -29.18 -14.58 36.00
C LEU C 297 -27.79 -15.08 36.37
N VAL C 298 -26.82 -14.17 36.47
CA VAL C 298 -25.45 -14.54 36.73
C VAL C 298 -25.00 -14.29 38.16
N SER C 299 -25.81 -13.59 38.98
CA SER C 299 -25.44 -13.41 40.40
C SER C 299 -26.14 -14.42 41.34
N GLN C 300 -26.92 -15.39 40.77
CA GLN C 300 -27.60 -16.52 41.43
C GLN C 300 -26.64 -17.32 42.32
N PRO C 301 -27.15 -17.93 43.39
CA PRO C 301 -26.26 -18.67 44.31
C PRO C 301 -25.72 -20.06 43.91
N GLY C 302 -26.36 -20.79 43.00
CA GLY C 302 -25.87 -22.15 42.69
C GLY C 302 -24.96 -22.29 41.48
N LEU C 303 -24.32 -21.20 41.06
CA LEU C 303 -23.50 -21.26 39.85
C LEU C 303 -22.04 -21.63 40.09
N ASN C 304 -21.65 -22.81 39.64
CA ASN C 304 -20.26 -23.26 39.76
C ASN C 304 -19.90 -24.28 38.66
N ARG C 305 -18.62 -24.63 38.56
CA ARG C 305 -18.06 -25.56 37.57
C ARG C 305 -18.70 -26.95 37.61
N GLY C 306 -19.39 -27.31 38.69
CA GLY C 306 -20.07 -28.60 38.78
C GLY C 306 -21.14 -28.74 37.72
N LEU C 307 -21.81 -27.62 37.38
CA LEU C 307 -22.82 -27.58 36.31
C LEU C 307 -22.23 -27.98 34.95
N ILE C 308 -20.97 -27.58 34.68
CA ILE C 308 -20.26 -27.94 33.45
C ILE C 308 -19.69 -29.35 33.56
N LEU C 309 -19.28 -29.78 34.77
CA LEU C 309 -18.87 -31.18 34.98
C LEU C 309 -20.07 -32.14 34.64
N ASP C 310 -21.33 -31.71 34.90
CA ASP C 310 -22.52 -32.49 34.53
C ASP C 310 -22.64 -32.54 32.99
N LEU C 311 -22.38 -31.41 32.32
CA LEU C 311 -22.39 -31.33 30.87
C LEU C 311 -21.35 -32.30 30.28
N LEU C 312 -20.13 -32.29 30.81
CA LEU C 312 -19.05 -33.17 30.35
C LEU C 312 -19.35 -34.66 30.59
N ASP C 313 -20.04 -35.00 31.70
CA ASP C 313 -20.42 -36.39 31.96
C ASP C 313 -21.42 -36.86 30.90
N LYS C 314 -22.33 -35.97 30.48
CA LYS C 314 -23.32 -36.23 29.44
C LYS C 314 -22.63 -36.53 28.09
N LEU C 315 -21.49 -35.87 27.80
CA LEU C 315 -20.63 -36.03 26.62
C LEU C 315 -20.07 -37.47 26.56
N LYS C 316 -19.41 -37.93 27.64
CA LYS C 316 -18.79 -39.25 27.72
C LYS C 316 -19.81 -40.40 27.65
N ASP D 29 47.16 48.93 -4.97
CA ASP D 29 46.77 48.73 -3.58
C ASP D 29 47.92 49.10 -2.65
N PRO D 30 47.68 49.98 -1.67
CA PRO D 30 48.77 50.39 -0.76
C PRO D 30 49.22 49.30 0.22
N ASP D 31 48.31 48.40 0.63
CA ASP D 31 48.66 47.35 1.58
C ASP D 31 48.89 45.98 0.91
N ILE D 32 49.32 46.00 -0.35
CA ILE D 32 49.56 44.77 -1.10
C ILE D 32 50.87 44.09 -0.66
N PHE D 33 51.05 42.82 -1.02
CA PHE D 33 52.26 42.09 -0.70
C PHE D 33 52.97 41.84 -2.01
N ASN D 34 54.17 42.40 -2.18
CA ASN D 34 54.93 42.23 -3.41
C ASN D 34 55.81 40.99 -3.40
N ARG D 35 55.20 39.83 -3.17
CA ARG D 35 55.90 38.55 -3.12
C ARG D 35 55.08 37.41 -3.76
N ASP D 36 55.72 36.24 -3.95
CA ASP D 36 55.07 35.08 -4.51
C ASP D 36 54.03 34.58 -3.51
N PRO D 37 52.75 34.43 -3.93
CA PRO D 37 51.73 33.93 -2.99
C PRO D 37 52.00 32.49 -2.54
N ARG D 38 52.73 31.72 -3.36
CA ARG D 38 53.14 30.35 -3.07
C ARG D 38 54.11 30.25 -1.87
N ASP D 39 54.65 31.38 -1.38
CA ASP D 39 55.46 31.39 -0.16
C ASP D 39 54.56 31.20 1.09
N HIS D 40 53.26 31.54 0.99
CA HIS D 40 52.30 31.41 2.07
C HIS D 40 51.23 30.35 1.84
N TYR D 41 50.95 30.01 0.56
CA TYR D 41 49.91 29.03 0.26
C TYR D 41 50.35 27.90 -0.67
N ASP D 42 49.71 26.74 -0.54
CA ASP D 42 49.91 25.59 -1.42
C ASP D 42 48.73 25.60 -2.41
N LEU D 43 48.99 25.61 -3.73
CA LEU D 43 47.94 25.63 -4.74
C LEU D 43 47.33 24.25 -4.91
N LEU D 44 46.03 24.11 -4.70
CA LEU D 44 45.38 22.81 -4.78
C LEU D 44 44.69 22.51 -6.13
N GLN D 45 43.69 23.33 -6.55
CA GLN D 45 43.01 23.08 -7.84
C GLN D 45 42.27 24.30 -8.36
N ARG D 46 42.14 24.39 -9.68
CA ARG D 46 41.43 25.50 -10.29
C ARG D 46 39.94 25.20 -10.15
N LEU D 47 39.20 26.06 -9.45
CA LEU D 47 37.78 25.86 -9.19
C LEU D 47 36.84 26.64 -10.12
N GLY D 48 37.37 27.26 -11.15
CA GLY D 48 36.59 28.08 -12.04
C GLY D 48 36.94 29.54 -11.87
N GLY D 49 36.02 30.42 -12.20
CA GLY D 49 36.26 31.85 -12.09
C GLY D 49 35.00 32.66 -11.98
N GLY D 50 35.18 33.93 -11.64
CA GLY D 50 34.05 34.84 -11.53
C GLY D 50 33.86 35.58 -12.83
N THR D 51 33.50 36.87 -12.75
CA THR D 51 33.34 37.75 -13.90
C THR D 51 34.65 37.80 -14.71
N TYR D 52 35.78 37.90 -14.00
CA TYR D 52 37.12 37.88 -14.58
C TYR D 52 38.09 37.14 -13.62
N GLY D 53 39.27 36.77 -14.10
CA GLY D 53 40.25 36.07 -13.28
C GLY D 53 39.94 34.61 -12.98
N GLU D 54 40.96 33.85 -12.58
CA GLU D 54 40.79 32.44 -12.26
C GLU D 54 40.94 32.19 -10.76
N VAL D 55 39.94 31.58 -10.14
CA VAL D 55 39.96 31.29 -8.71
C VAL D 55 40.53 29.88 -8.45
N PHE D 56 41.42 29.77 -7.46
CA PHE D 56 42.05 28.50 -7.11
C PHE D 56 41.76 28.16 -5.66
N LYS D 57 41.68 26.88 -5.35
CA LYS D 57 41.55 26.43 -3.96
C LYS D 57 42.99 26.42 -3.41
N ALA D 58 43.22 27.02 -2.23
CA ALA D 58 44.57 27.05 -1.67
C ALA D 58 44.59 26.79 -0.17
N ARG D 59 45.68 26.25 0.33
CA ARG D 59 45.81 25.96 1.76
C ARG D 59 46.94 26.78 2.39
N ASP D 60 46.67 27.45 3.51
CA ASP D 60 47.64 28.24 4.27
C ASP D 60 48.70 27.26 4.79
N LYS D 61 49.98 27.54 4.53
CA LYS D 61 51.08 26.65 4.93
C LYS D 61 51.25 26.47 6.45
N VAL D 62 51.13 27.55 7.24
CA VAL D 62 51.29 27.45 8.69
C VAL D 62 50.01 27.00 9.39
N SER D 63 48.89 27.62 9.05
CA SER D 63 47.63 27.32 9.72
C SER D 63 46.85 26.14 9.20
N GLY D 64 46.98 25.84 7.91
CA GLY D 64 46.21 24.77 7.30
C GLY D 64 44.83 25.21 6.81
N ASP D 65 44.46 26.47 7.05
CA ASP D 65 43.18 27.04 6.63
C ASP D 65 43.03 27.06 5.12
N LEU D 66 41.80 26.94 4.64
CA LEU D 66 41.53 26.97 3.20
C LEU D 66 41.10 28.34 2.78
N VAL D 67 41.63 28.80 1.66
CA VAL D 67 41.31 30.10 1.08
C VAL D 67 41.01 29.95 -0.43
N ALA D 68 40.35 30.96 -1.03
CA ALA D 68 40.12 31.02 -2.46
C ALA D 68 41.06 32.10 -2.99
N LEU D 69 41.88 31.79 -3.99
CA LEU D 69 42.83 32.75 -4.55
C LEU D 69 42.43 33.16 -5.97
N LYS D 70 42.00 34.40 -6.13
CA LYS D 70 41.57 34.91 -7.43
C LYS D 70 42.75 35.54 -8.20
N MET D 71 43.28 34.82 -9.17
CA MET D 71 44.39 35.31 -9.97
C MET D 71 43.95 36.05 -11.23
N VAL D 72 44.27 37.35 -11.31
CA VAL D 72 43.98 38.18 -12.48
C VAL D 72 45.31 38.60 -13.10
N LYS D 73 45.54 38.20 -14.35
CA LYS D 73 46.74 38.52 -15.12
C LYS D 73 46.88 40.03 -15.30
N MET D 74 48.04 40.61 -14.98
CA MET D 74 48.27 42.04 -15.14
C MET D 74 49.45 42.32 -16.07
N ASP D 79 44.88 47.98 -18.13
CA ASP D 79 44.53 49.04 -17.18
C ASP D 79 44.36 48.49 -15.75
N VAL D 80 44.83 49.25 -14.77
CA VAL D 80 44.78 48.86 -13.35
C VAL D 80 43.57 49.47 -12.58
N SER D 81 42.69 50.19 -13.28
CA SER D 81 41.51 50.86 -12.72
C SER D 81 40.50 49.93 -12.03
N THR D 82 39.99 48.87 -12.72
CA THR D 82 38.98 47.98 -12.17
C THR D 82 39.52 47.17 -10.98
N LEU D 83 40.74 46.63 -11.11
CA LEU D 83 41.37 45.84 -10.04
C LEU D 83 41.69 46.66 -8.80
N GLN D 84 41.87 47.98 -8.93
CA GLN D 84 42.12 48.84 -7.78
C GLN D 84 40.82 49.00 -7.00
N LYS D 85 39.70 49.26 -7.71
CA LYS D 85 38.40 49.44 -7.07
C LYS D 85 37.86 48.16 -6.45
N GLU D 86 38.16 46.99 -7.05
CA GLU D 86 37.71 45.73 -6.46
C GLU D 86 38.33 45.51 -5.08
N ILE D 87 39.67 45.66 -4.98
CA ILE D 87 40.38 45.54 -3.70
C ILE D 87 39.88 46.57 -2.69
N LEU D 88 39.63 47.80 -3.16
CA LEU D 88 39.12 48.89 -2.35
C LEU D 88 37.75 48.54 -1.76
N ILE D 89 36.84 47.94 -2.56
CA ILE D 89 35.52 47.54 -2.03
C ILE D 89 35.68 46.41 -0.99
N LEU D 90 36.50 45.40 -1.31
CA LEU D 90 36.75 44.27 -0.40
C LEU D 90 37.34 44.71 0.96
N LYS D 91 38.32 45.64 0.95
CA LYS D 91 38.96 46.17 2.17
C LYS D 91 38.00 46.94 3.08
N THR D 92 37.12 47.75 2.48
CA THR D 92 36.24 48.62 3.27
C THR D 92 34.88 48.03 3.59
N CYS D 93 34.49 46.92 2.97
CA CYS D 93 33.18 46.33 3.25
C CYS D 93 33.30 45.05 4.05
N ARG D 94 33.26 45.22 5.38
CA ARG D 94 33.36 44.20 6.42
C ARG D 94 31.96 43.91 7.00
N HIS D 95 31.35 42.80 6.59
CA HIS D 95 30.02 42.44 7.09
C HIS D 95 29.90 40.92 7.16
N ALA D 96 29.06 40.41 8.09
CA ALA D 96 28.88 38.96 8.22
C ALA D 96 28.11 38.31 7.03
N ASN D 97 27.58 39.12 6.12
CA ASN D 97 26.92 38.63 4.90
C ASN D 97 27.73 38.98 3.63
N ILE D 98 29.03 39.27 3.79
CA ILE D 98 29.93 39.59 2.69
C ILE D 98 31.15 38.70 2.85
N VAL D 99 31.62 38.06 1.76
CA VAL D 99 32.77 37.15 1.78
C VAL D 99 34.00 37.82 2.44
N ALA D 100 34.70 37.11 3.33
CA ALA D 100 35.86 37.68 4.00
C ALA D 100 37.03 37.82 3.04
N TYR D 101 37.72 38.95 3.14
CA TYR D 101 38.89 39.26 2.33
C TYR D 101 40.13 39.16 3.24
N HIS D 102 41.20 38.54 2.76
CA HIS D 102 42.43 38.42 3.54
C HIS D 102 43.48 39.44 3.05
N GLY D 103 44.02 39.24 1.85
CA GLY D 103 44.99 40.17 1.31
C GLY D 103 45.16 40.07 -0.19
N SER D 104 46.21 40.69 -0.74
CA SER D 104 46.48 40.64 -2.16
C SER D 104 47.99 40.49 -2.43
N TYR D 105 48.35 39.79 -3.51
CA TYR D 105 49.75 39.54 -3.83
C TYR D 105 50.07 39.92 -5.28
N LEU D 106 51.21 40.61 -5.50
CA LEU D 106 51.63 40.95 -6.86
C LEU D 106 53.00 40.31 -7.14
N TRP D 107 53.06 39.40 -8.12
CA TRP D 107 54.29 38.69 -8.45
C TRP D 107 54.22 38.15 -9.87
N LEU D 108 55.23 38.47 -10.70
CA LEU D 108 55.33 38.05 -12.09
C LEU D 108 54.13 38.53 -12.94
N GLN D 109 53.74 39.80 -12.75
CA GLN D 109 52.64 40.46 -13.44
C GLN D 109 51.32 39.70 -13.22
N LYS D 110 51.04 39.31 -11.98
CA LYS D 110 49.83 38.57 -11.62
C LYS D 110 49.28 39.02 -10.28
N LEU D 111 48.04 39.51 -10.27
CA LEU D 111 47.38 39.91 -9.03
C LEU D 111 46.66 38.69 -8.43
N TRP D 112 46.74 38.51 -7.11
CA TRP D 112 46.11 37.37 -6.44
C TRP D 112 45.27 37.91 -5.29
N ILE D 113 43.94 37.86 -5.39
CA ILE D 113 43.08 38.35 -4.32
C ILE D 113 42.72 37.16 -3.41
N CYS D 114 43.08 37.22 -2.13
CA CYS D 114 42.85 36.10 -1.21
C CYS D 114 41.57 36.26 -0.42
N MET D 115 40.66 35.30 -0.54
CA MET D 115 39.35 35.40 0.10
C MET D 115 38.93 34.13 0.82
N GLU D 116 37.87 34.23 1.63
CA GLU D 116 37.29 33.15 2.39
C GLU D 116 36.86 31.99 1.49
N PHE D 117 37.20 30.74 1.89
CA PHE D 117 36.81 29.57 1.15
C PHE D 117 35.55 28.97 1.77
N CYS D 118 34.56 28.63 0.92
CA CYS D 118 33.30 28.04 1.35
C CYS D 118 33.18 26.66 0.73
N GLY D 119 33.34 25.61 1.54
CA GLY D 119 33.30 24.23 1.11
C GLY D 119 32.09 23.86 0.28
N ALA D 120 30.90 24.37 0.67
CA ALA D 120 29.68 24.10 -0.12
C ALA D 120 29.64 24.84 -1.46
N GLY D 121 30.36 25.96 -1.57
CA GLY D 121 30.38 26.76 -2.79
C GLY D 121 29.20 27.71 -2.85
N SER D 122 28.70 27.98 -4.06
CA SER D 122 27.58 28.90 -4.24
C SER D 122 26.21 28.23 -4.10
N LEU D 123 25.13 29.00 -4.01
CA LEU D 123 23.78 28.44 -3.98
C LEU D 123 23.45 27.73 -5.31
N GLN D 124 24.06 28.16 -6.43
CA GLN D 124 23.86 27.51 -7.71
C GLN D 124 24.55 26.14 -7.68
N ASP D 125 25.78 26.05 -7.11
CA ASP D 125 26.49 24.76 -6.98
C ASP D 125 25.64 23.76 -6.15
N ILE D 126 24.98 24.28 -5.11
CA ILE D 126 24.12 23.49 -4.25
C ILE D 126 22.80 23.06 -4.92
N TYR D 127 21.97 24.01 -5.44
CA TYR D 127 20.70 23.61 -6.03
C TYR D 127 20.89 22.71 -7.24
N GLN D 128 22.08 22.73 -7.91
CA GLN D 128 22.31 21.82 -9.03
C GLN D 128 22.40 20.36 -8.59
N VAL D 129 22.62 20.10 -7.29
CA VAL D 129 22.70 18.74 -6.74
C VAL D 129 21.45 18.43 -5.92
N THR D 130 21.08 19.34 -5.03
CA THR D 130 19.96 19.29 -4.10
C THR D 130 18.57 19.42 -4.78
N GLY D 131 18.50 20.19 -5.86
CA GLY D 131 17.22 20.54 -6.46
C GLY D 131 16.67 21.81 -5.81
N SER D 132 15.40 22.14 -6.07
CA SER D 132 14.72 23.33 -5.56
C SER D 132 14.93 23.59 -4.07
N LEU D 133 15.16 24.87 -3.68
CA LEU D 133 15.20 25.17 -2.23
C LEU D 133 13.73 25.29 -1.75
N SER D 134 13.49 24.98 -0.45
CA SER D 134 12.16 25.12 0.11
C SER D 134 11.85 26.61 0.27
N GLU D 135 10.57 26.98 0.44
CA GLU D 135 10.19 28.36 0.64
C GLU D 135 10.84 28.97 1.89
N LEU D 136 10.99 28.17 2.96
CA LEU D 136 11.64 28.68 4.17
C LEU D 136 13.13 28.92 3.93
N GLN D 137 13.79 27.98 3.23
CA GLN D 137 15.21 28.15 2.92
C GLN D 137 15.44 29.39 2.03
N ILE D 138 14.54 29.66 1.05
CA ILE D 138 14.66 30.83 0.18
C ILE D 138 14.45 32.09 0.99
N SER D 139 13.45 32.10 1.88
CA SER D 139 13.14 33.25 2.73
C SER D 139 14.35 33.64 3.60
N TYR D 140 15.07 32.65 4.09
CA TYR D 140 16.22 32.86 4.91
C TYR D 140 17.38 33.48 4.11
N VAL D 141 17.59 32.98 2.87
CA VAL D 141 18.61 33.48 1.96
C VAL D 141 18.28 34.93 1.63
N CYS D 142 17.02 35.23 1.35
CA CYS D 142 16.59 36.57 1.04
C CYS D 142 16.81 37.53 2.21
N ARG D 143 16.56 37.09 3.44
CA ARG D 143 16.79 37.97 4.61
C ARG D 143 18.27 38.34 4.73
N GLU D 144 19.15 37.32 4.67
CA GLU D 144 20.59 37.44 4.75
C GLU D 144 21.15 38.30 3.62
N VAL D 145 20.66 38.11 2.39
CA VAL D 145 21.13 38.91 1.26
C VAL D 145 20.70 40.35 1.46
N LEU D 146 19.44 40.56 1.91
CA LEU D 146 18.96 41.93 2.19
C LEU D 146 19.81 42.64 3.26
N GLN D 147 20.34 41.92 4.27
CA GLN D 147 21.19 42.53 5.30
C GLN D 147 22.52 42.97 4.69
N GLY D 148 23.09 42.14 3.82
CA GLY D 148 24.33 42.47 3.13
C GLY D 148 24.15 43.67 2.21
N LEU D 149 23.00 43.71 1.50
CA LEU D 149 22.65 44.78 0.61
C LEU D 149 22.36 46.08 1.38
N ALA D 150 21.66 46.03 2.51
CA ALA D 150 21.38 47.23 3.30
C ALA D 150 22.71 47.85 3.80
N TYR D 151 23.69 47.01 4.14
CA TYR D 151 25.02 47.47 4.55
C TYR D 151 25.74 48.09 3.35
N LEU D 152 25.80 47.38 2.21
CA LEU D 152 26.47 47.87 1.01
C LEU D 152 25.89 49.19 0.55
N HIS D 153 24.57 49.32 0.60
CA HIS D 153 23.87 50.53 0.16
C HIS D 153 24.11 51.72 1.12
N SER D 154 24.32 51.44 2.41
CA SER D 154 24.63 52.50 3.38
C SER D 154 26.07 53.02 3.18
N GLN D 155 26.98 52.16 2.68
CA GLN D 155 28.37 52.51 2.37
C GLN D 155 28.53 53.02 0.91
N LYS D 156 27.41 53.38 0.24
CA LYS D 156 27.34 53.89 -1.13
C LYS D 156 27.89 52.91 -2.18
N LYS D 157 27.80 51.61 -1.89
CA LYS D 157 28.25 50.59 -2.83
C LYS D 157 27.04 49.84 -3.42
N ILE D 158 27.19 49.37 -4.66
CA ILE D 158 26.15 48.63 -5.33
C ILE D 158 26.78 47.33 -5.79
N HIS D 159 26.17 46.17 -5.45
CA HIS D 159 26.73 44.91 -5.90
C HIS D 159 26.64 44.79 -7.43
N ARG D 160 25.44 45.00 -7.99
CA ARG D 160 25.18 44.92 -9.43
C ARG D 160 25.23 43.49 -10.00
N ASP D 161 25.62 42.46 -9.22
CA ASP D 161 25.68 41.09 -9.77
C ASP D 161 25.06 40.02 -8.84
N ILE D 162 23.91 40.34 -8.22
CA ILE D 162 23.20 39.43 -7.33
C ILE D 162 22.58 38.30 -8.13
N LYS D 163 23.01 37.08 -7.83
CA LYS D 163 22.51 35.84 -8.45
C LYS D 163 22.93 34.65 -7.56
N GLY D 164 22.34 33.48 -7.79
CA GLY D 164 22.67 32.27 -7.04
C GLY D 164 24.16 31.95 -7.02
N ALA D 165 24.84 32.19 -8.16
CA ALA D 165 26.28 31.96 -8.32
C ALA D 165 27.14 32.87 -7.42
N ASN D 166 26.60 34.03 -7.03
CA ASN D 166 27.36 34.98 -6.25
C ASN D 166 26.98 35.03 -4.78
N ILE D 167 26.20 34.02 -4.30
CA ILE D 167 25.82 33.92 -2.91
C ILE D 167 26.39 32.61 -2.40
N LEU D 168 27.43 32.70 -1.57
CA LEU D 168 28.12 31.54 -1.05
C LEU D 168 27.63 31.09 0.29
N ILE D 169 27.83 29.80 0.60
CA ILE D 169 27.44 29.22 1.87
C ILE D 169 28.66 28.56 2.50
N ASN D 170 29.08 29.03 3.69
CA ASN D 170 30.22 28.39 4.35
C ASN D 170 29.77 27.18 5.20
N ASP D 171 30.71 26.36 5.69
CA ASP D 171 30.38 25.19 6.52
C ASP D 171 29.58 25.54 7.79
N ALA D 172 29.55 26.82 8.21
CA ALA D 172 28.76 27.23 9.36
C ALA D 172 27.32 27.67 9.01
N GLY D 173 26.89 27.47 7.76
CA GLY D 173 25.55 27.86 7.33
C GLY D 173 25.38 29.36 7.13
N GLU D 174 26.49 30.10 6.96
CA GLU D 174 26.37 31.55 6.74
C GLU D 174 26.23 31.88 5.26
N VAL D 175 25.45 32.91 4.97
CA VAL D 175 25.16 33.36 3.62
C VAL D 175 26.01 34.59 3.30
N ARG D 176 26.93 34.47 2.32
CA ARG D 176 27.87 35.55 1.98
C ARG D 176 27.86 35.97 0.52
N LEU D 177 27.73 37.28 0.24
CA LEU D 177 27.78 37.81 -1.12
C LEU D 177 29.23 37.88 -1.56
N ALA D 178 29.51 37.44 -2.79
CA ALA D 178 30.86 37.41 -3.34
C ALA D 178 30.90 38.05 -4.77
N ASP D 179 32.11 38.11 -5.41
CA ASP D 179 32.36 38.63 -6.75
C ASP D 179 31.90 40.06 -6.95
N PHE D 180 32.72 41.00 -6.50
CA PHE D 180 32.48 42.41 -6.72
C PHE D 180 33.11 42.87 -8.04
N GLY D 181 33.28 41.97 -9.00
CA GLY D 181 33.87 42.26 -10.31
C GLY D 181 33.07 43.23 -11.14
N ILE D 182 31.74 43.00 -11.31
CA ILE D 182 30.89 43.93 -12.07
C ILE D 182 30.88 45.28 -11.37
N SER D 183 30.72 45.27 -10.04
CA SER D 183 30.74 46.46 -9.19
C SER D 183 32.05 47.29 -9.42
N ALA D 184 33.20 46.61 -9.46
CA ALA D 184 34.47 47.27 -9.68
C ALA D 184 34.54 47.88 -11.08
N GLN D 185 34.15 47.13 -12.13
CA GLN D 185 34.15 47.58 -13.52
C GLN D 185 33.28 48.82 -13.67
N ILE D 186 32.12 48.86 -13.00
CA ILE D 186 31.16 49.96 -13.03
C ILE D 186 31.76 51.23 -12.40
N GLY D 187 32.43 51.05 -11.26
CA GLY D 187 33.09 52.14 -10.55
C GLY D 187 34.28 52.70 -11.33
N ALA D 188 34.92 51.85 -12.14
CA ALA D 188 36.04 52.25 -12.99
C ALA D 188 35.56 53.05 -14.21
N GLU D 189 34.35 52.77 -14.71
CA GLU D 189 33.76 53.51 -15.83
C GLU D 189 33.26 54.87 -15.33
N LEU D 190 32.68 54.90 -14.11
CA LEU D 190 32.21 56.13 -13.48
C LEU D 190 33.39 57.09 -13.16
N ALA D 191 34.59 56.54 -12.92
CA ALA D 191 35.76 57.36 -12.64
C ALA D 191 36.58 57.71 -13.91
N ARG D 192 35.95 57.67 -15.09
CA ARG D 192 36.61 58.01 -16.35
C ARG D 192 35.90 59.16 -17.07
N GLY D 198 33.08 67.91 -18.07
CA GLY D 198 33.37 69.33 -18.21
C GLY D 198 32.33 70.21 -17.54
N THR D 199 32.22 71.49 -17.95
CA THR D 199 31.22 72.39 -17.36
C THR D 199 29.82 71.89 -17.65
N PRO D 200 28.89 72.08 -16.71
CA PRO D 200 27.53 71.54 -16.90
C PRO D 200 26.46 72.57 -17.19
N TYR D 201 26.83 73.84 -17.47
CA TYR D 201 25.84 74.91 -17.62
C TYR D 201 24.88 74.78 -18.79
N TRP D 202 25.28 74.10 -19.87
CA TRP D 202 24.43 73.95 -21.06
C TRP D 202 23.74 72.55 -21.14
N MET D 203 23.93 71.71 -20.11
CA MET D 203 23.37 70.36 -20.06
C MET D 203 21.89 70.35 -19.76
N ALA D 204 21.17 69.41 -20.35
CA ALA D 204 19.77 69.22 -20.05
C ALA D 204 19.68 68.54 -18.65
N PRO D 205 18.59 68.72 -17.87
CA PRO D 205 18.53 68.11 -16.54
C PRO D 205 18.71 66.59 -16.54
N GLU D 206 18.22 65.89 -17.58
CA GLU D 206 18.43 64.44 -17.67
C GLU D 206 19.91 64.08 -17.95
N VAL D 207 20.66 64.95 -18.66
CA VAL D 207 22.09 64.77 -18.92
C VAL D 207 22.89 65.02 -17.62
N ALA D 208 22.47 66.02 -16.83
CA ALA D 208 23.09 66.31 -15.54
C ALA D 208 22.77 65.20 -14.51
N ALA D 209 21.63 64.52 -14.66
CA ALA D 209 21.22 63.43 -13.77
C ALA D 209 22.10 62.20 -13.99
N VAL D 210 22.33 61.77 -15.26
CA VAL D 210 23.19 60.61 -15.50
C VAL D 210 24.68 60.94 -15.23
N ALA D 211 25.06 62.22 -15.20
CA ALA D 211 26.42 62.61 -14.87
C ALA D 211 26.65 62.45 -13.35
N LEU D 212 25.62 62.70 -12.52
CA LEU D 212 25.76 62.58 -11.08
C LEU D 212 25.14 61.30 -10.50
N LYS D 213 24.59 60.39 -11.33
CA LYS D 213 23.96 59.16 -10.79
C LYS D 213 24.29 57.88 -11.59
N GLY D 214 24.42 57.97 -12.91
CA GLY D 214 24.78 56.82 -13.74
C GLY D 214 23.73 56.13 -14.60
N GLY D 215 22.47 56.56 -14.49
CA GLY D 215 21.39 55.95 -15.26
C GLY D 215 20.45 55.10 -14.44
N TYR D 216 20.95 54.56 -13.33
CA TYR D 216 20.18 53.73 -12.40
C TYR D 216 20.76 53.87 -10.98
N ASN D 217 20.16 53.23 -9.97
CA ASN D 217 20.68 53.32 -8.60
C ASN D 217 20.77 51.92 -7.93
N GLU D 218 20.97 51.87 -6.61
CA GLU D 218 21.11 50.68 -5.81
C GLU D 218 19.87 49.79 -5.77
N LEU D 219 18.70 50.35 -6.11
CA LEU D 219 17.48 49.56 -6.14
C LEU D 219 17.54 48.45 -7.19
N CYS D 220 18.52 48.51 -8.13
CA CYS D 220 18.76 47.46 -9.13
C CYS D 220 19.09 46.11 -8.44
N ASP D 221 19.70 46.16 -7.26
CA ASP D 221 20.07 45.00 -6.44
C ASP D 221 18.82 44.29 -5.85
N ILE D 222 17.75 45.07 -5.59
CA ILE D 222 16.47 44.58 -5.05
C ILE D 222 15.74 43.77 -6.12
N TRP D 223 15.77 44.23 -7.38
CA TRP D 223 15.19 43.49 -8.50
C TRP D 223 15.96 42.18 -8.67
N SER D 224 17.30 42.22 -8.70
CA SER D 224 18.14 41.03 -8.86
C SER D 224 17.89 40.00 -7.79
N LEU D 225 17.62 40.43 -6.54
CA LEU D 225 17.31 39.50 -5.46
C LEU D 225 16.00 38.76 -5.74
N GLY D 226 15.00 39.50 -6.25
CA GLY D 226 13.72 38.95 -6.65
C GLY D 226 13.88 37.91 -7.76
N ILE D 227 14.78 38.18 -8.71
CA ILE D 227 15.06 37.22 -9.77
C ILE D 227 15.71 35.99 -9.18
N THR D 228 16.65 36.20 -8.24
CA THR D 228 17.36 35.16 -7.54
C THR D 228 16.41 34.26 -6.72
N ALA D 229 15.36 34.83 -6.11
CA ALA D 229 14.41 34.03 -5.35
C ALA D 229 13.66 33.08 -6.30
N ILE D 230 13.38 33.51 -7.55
CA ILE D 230 12.75 32.64 -8.55
C ILE D 230 13.75 31.56 -8.94
N GLU D 231 15.02 31.95 -9.18
CA GLU D 231 16.10 31.03 -9.52
C GLU D 231 16.27 29.91 -8.48
N LEU D 232 16.28 30.24 -7.18
CA LEU D 232 16.41 29.24 -6.12
C LEU D 232 15.19 28.30 -6.09
N ALA D 233 14.00 28.82 -6.40
CA ALA D 233 12.75 28.04 -6.45
C ALA D 233 12.60 27.20 -7.73
N GLU D 234 13.10 27.67 -8.88
CA GLU D 234 12.90 27.01 -10.18
C GLU D 234 14.14 26.51 -10.89
N LEU D 235 15.34 26.63 -10.27
CA LEU D 235 16.63 26.17 -10.78
C LEU D 235 17.21 27.00 -11.93
N GLN D 236 16.56 28.08 -12.32
CA GLN D 236 17.07 28.98 -13.35
C GLN D 236 16.26 30.28 -13.29
N PRO D 237 16.84 31.41 -13.71
CA PRO D 237 16.06 32.67 -13.73
C PRO D 237 15.07 32.63 -14.89
N PRO D 238 14.03 33.49 -14.86
CA PRO D 238 13.08 33.52 -15.98
C PRO D 238 13.77 33.81 -17.31
N LEU D 239 13.27 33.18 -18.41
CA LEU D 239 13.76 33.31 -19.78
C LEU D 239 15.21 32.77 -19.98
N PHE D 240 15.77 31.99 -19.04
CA PHE D 240 17.16 31.48 -19.12
C PHE D 240 17.46 30.67 -20.37
N ASP D 241 16.42 30.07 -20.95
CA ASP D 241 16.41 29.27 -22.18
C ASP D 241 16.47 30.13 -23.45
N VAL D 242 16.32 31.45 -23.33
CA VAL D 242 16.27 32.37 -24.45
C VAL D 242 17.57 33.10 -24.63
N HIS D 243 18.04 33.25 -25.89
CA HIS D 243 19.27 33.98 -26.22
C HIS D 243 19.34 35.34 -25.53
N PRO D 244 20.45 35.67 -24.87
CA PRO D 244 20.52 36.95 -24.12
C PRO D 244 20.18 38.23 -24.89
N LEU D 245 20.49 38.29 -26.21
CA LEU D 245 20.15 39.48 -27.01
C LEU D 245 18.64 39.61 -27.13
N ARG D 246 17.95 38.48 -27.32
CA ARG D 246 16.51 38.47 -27.42
C ARG D 246 15.89 38.87 -26.07
N VAL D 247 16.47 38.43 -24.95
CA VAL D 247 15.95 38.81 -23.62
C VAL D 247 16.20 40.32 -23.36
N LEU D 248 17.35 40.83 -23.79
CA LEU D 248 17.66 42.26 -23.66
C LEU D 248 16.63 43.14 -24.38
N PHE D 249 16.27 42.77 -25.61
CA PHE D 249 15.27 43.44 -26.44
C PHE D 249 13.90 43.44 -25.72
N LEU D 250 13.46 42.26 -25.22
CA LEU D 250 12.19 42.11 -24.52
C LEU D 250 12.08 42.97 -23.27
N MET D 251 13.12 42.96 -22.43
CA MET D 251 13.23 43.68 -21.17
C MET D 251 13.04 45.18 -21.31
N THR D 252 13.48 45.74 -22.44
CA THR D 252 13.44 47.18 -22.63
C THR D 252 12.20 47.68 -23.39
N LYS D 253 11.30 46.79 -23.83
CA LYS D 253 10.07 47.20 -24.49
C LYS D 253 9.14 47.82 -23.44
N SER D 254 8.24 48.71 -23.88
CA SER D 254 7.31 49.36 -22.97
C SER D 254 6.36 48.33 -22.33
N GLY D 255 5.91 47.34 -23.11
CA GLY D 255 4.99 46.33 -22.59
C GLY D 255 5.57 45.25 -21.70
N TYR D 256 6.87 45.31 -21.33
CA TYR D 256 7.49 44.27 -20.50
C TYR D 256 6.91 44.16 -19.09
N GLN D 257 6.41 42.98 -18.74
CA GLN D 257 5.86 42.76 -17.42
C GLN D 257 6.87 42.04 -16.55
N PRO D 258 6.98 42.41 -15.27
CA PRO D 258 7.87 41.69 -14.36
C PRO D 258 7.52 40.20 -14.29
N PRO D 259 8.53 39.34 -14.23
CA PRO D 259 8.24 37.91 -14.16
C PRO D 259 7.60 37.49 -12.84
N ARG D 260 7.06 36.29 -12.84
CA ARG D 260 6.39 35.71 -11.69
C ARG D 260 6.79 34.23 -11.57
N LEU D 261 6.50 33.61 -10.43
CA LEU D 261 6.71 32.19 -10.25
C LEU D 261 5.76 31.43 -11.19
N LYS D 262 6.30 30.41 -11.85
CA LYS D 262 5.58 29.52 -12.75
C LYS D 262 4.45 28.80 -12.03
N GLU D 263 4.74 28.21 -10.86
CA GLU D 263 3.71 27.51 -10.08
C GLU D 263 3.04 28.49 -9.09
N LYS D 264 1.77 28.24 -8.79
CA LYS D 264 0.98 29.17 -7.97
C LYS D 264 0.67 28.66 -6.56
N GLY D 265 -0.12 27.58 -6.46
CA GLY D 265 -0.59 27.04 -5.18
C GLY D 265 0.45 26.59 -4.18
N LYS D 266 1.58 26.10 -4.67
CA LYS D 266 2.73 25.57 -3.91
C LYS D 266 3.46 26.64 -3.09
N TRP D 267 3.39 27.89 -3.53
CA TRP D 267 4.08 28.99 -2.88
C TRP D 267 3.07 29.83 -2.13
N SER D 268 3.39 30.20 -0.90
CA SER D 268 2.48 31.03 -0.10
C SER D 268 2.24 32.41 -0.72
N ALA D 269 1.17 33.09 -0.26
CA ALA D 269 0.87 34.43 -0.75
C ALA D 269 1.99 35.42 -0.40
N ALA D 270 2.68 35.20 0.73
CA ALA D 270 3.79 36.06 1.14
C ALA D 270 4.98 35.98 0.14
N PHE D 271 5.30 34.76 -0.35
CA PHE D 271 6.39 34.55 -1.32
C PHE D 271 6.03 35.19 -2.66
N HIS D 272 4.79 34.99 -3.17
CA HIS D 272 4.36 35.64 -4.41
C HIS D 272 4.44 37.18 -4.27
N ASN D 273 4.02 37.71 -3.09
CA ASN D 273 4.04 39.14 -2.81
C ASN D 273 5.48 39.71 -2.74
N PHE D 274 6.39 39.02 -2.05
CA PHE D 274 7.81 39.40 -1.98
C PHE D 274 8.40 39.52 -3.41
N ILE D 275 8.08 38.55 -4.30
CA ILE D 275 8.53 38.57 -5.69
C ILE D 275 7.94 39.80 -6.36
N LYS D 276 6.63 40.00 -6.24
CA LYS D 276 5.95 41.13 -6.87
C LYS D 276 6.52 42.50 -6.47
N VAL D 277 6.81 42.74 -5.18
CA VAL D 277 7.30 44.04 -4.73
C VAL D 277 8.80 44.24 -5.06
N THR D 278 9.65 43.18 -4.93
CA THR D 278 11.06 43.28 -5.34
C THR D 278 11.14 43.53 -6.86
N LEU D 279 10.21 42.93 -7.61
CA LEU D 279 10.16 43.11 -9.05
C LEU D 279 9.25 44.25 -9.48
N THR D 280 9.31 45.38 -8.77
CA THR D 280 8.54 46.56 -9.15
C THR D 280 9.26 47.15 -10.38
N LYS D 281 8.55 47.33 -11.49
CA LYS D 281 9.18 47.83 -12.71
C LYS D 281 9.80 49.24 -12.55
N SER D 282 9.03 50.15 -11.95
CA SER D 282 9.47 51.52 -11.70
C SER D 282 10.48 51.54 -10.55
N PRO D 283 11.72 51.98 -10.83
CA PRO D 283 12.73 52.04 -9.76
C PRO D 283 12.41 53.10 -8.69
N LYS D 284 11.58 54.10 -9.01
CA LYS D 284 11.19 55.13 -8.02
C LYS D 284 10.30 54.54 -6.91
N LYS D 285 9.50 53.51 -7.26
CA LYS D 285 8.60 52.83 -6.33
C LYS D 285 9.13 51.50 -5.78
N ARG D 286 10.33 51.04 -6.24
CA ARG D 286 10.86 49.77 -5.76
C ARG D 286 11.38 49.97 -4.37
N PRO D 287 10.96 49.11 -3.43
CA PRO D 287 11.41 49.30 -2.04
C PRO D 287 12.89 49.05 -1.82
N SER D 288 13.44 49.69 -0.78
CA SER D 288 14.84 49.57 -0.43
C SER D 288 15.10 48.25 0.31
N ALA D 289 16.37 47.90 0.54
CA ALA D 289 16.76 46.71 1.27
C ALA D 289 16.27 46.73 2.71
N THR D 290 16.28 47.93 3.33
CA THR D 290 15.82 48.07 4.71
C THR D 290 14.31 47.95 4.74
N LYS D 291 13.58 48.58 3.81
CA LYS D 291 12.12 48.45 3.75
C LYS D 291 11.71 47.00 3.51
N MET D 292 12.41 46.30 2.57
CA MET D 292 12.17 44.90 2.28
C MET D 292 12.38 44.02 3.50
N LEU D 293 13.35 44.37 4.37
CA LEU D 293 13.61 43.58 5.58
C LEU D 293 12.39 43.52 6.54
N SER D 294 11.42 44.45 6.39
CA SER D 294 10.20 44.38 7.20
C SER D 294 9.05 43.63 6.49
N HIS D 295 9.32 42.97 5.35
CA HIS D 295 8.32 42.19 4.64
C HIS D 295 8.06 40.90 5.40
N GLN D 296 6.82 40.45 5.42
CA GLN D 296 6.37 39.25 6.11
C GLN D 296 7.24 38.02 5.81
N LEU D 297 7.66 37.83 4.52
CA LEU D 297 8.45 36.66 4.15
C LEU D 297 9.77 36.57 4.90
N VAL D 298 10.47 37.69 5.07
CA VAL D 298 11.78 37.70 5.72
C VAL D 298 11.72 38.07 7.21
N SER D 299 10.60 38.64 7.68
CA SER D 299 10.44 38.97 9.10
C SER D 299 9.76 37.84 9.91
N GLN D 300 9.54 36.65 9.28
CA GLN D 300 8.95 35.43 9.85
C GLN D 300 9.71 35.00 11.11
N PRO D 301 9.05 34.27 12.03
CA PRO D 301 9.73 33.86 13.28
C PRO D 301 10.72 32.71 13.16
N GLY D 302 10.36 31.69 12.38
CA GLY D 302 11.17 30.49 12.26
C GLY D 302 12.37 30.53 11.32
N LEU D 303 12.86 31.71 10.98
CA LEU D 303 14.00 31.85 10.09
C LEU D 303 15.34 31.88 10.85
N ASN D 304 16.03 30.74 10.85
CA ASN D 304 17.32 30.59 11.51
C ASN D 304 18.31 29.87 10.56
N ARG D 305 19.60 29.80 10.93
CA ARG D 305 20.62 29.13 10.13
C ARG D 305 20.42 27.61 10.03
N GLY D 306 19.53 27.04 10.84
CA GLY D 306 19.20 25.62 10.82
C GLY D 306 18.68 25.19 9.46
N LEU D 307 17.95 26.08 8.77
CA LEU D 307 17.44 25.88 7.41
C LEU D 307 18.58 25.60 6.42
N ILE D 308 19.69 26.34 6.53
CA ILE D 308 20.85 26.16 5.64
C ILE D 308 21.67 24.94 6.00
N LEU D 309 21.76 24.63 7.29
CA LEU D 309 22.45 23.43 7.75
C LEU D 309 21.71 22.17 7.26
N ASP D 310 20.36 22.23 7.18
CA ASP D 310 19.56 21.14 6.60
C ASP D 310 19.93 20.96 5.12
N LEU D 311 20.08 22.07 4.40
CA LEU D 311 20.49 22.06 3.01
C LEU D 311 21.86 21.42 2.85
N LEU D 312 22.82 21.78 3.72
CA LEU D 312 24.19 21.25 3.74
C LEU D 312 24.20 19.74 4.06
N ASP D 313 23.32 19.29 4.97
CA ASP D 313 23.22 17.87 5.30
C ASP D 313 22.69 17.10 4.09
N LYS D 314 21.70 17.67 3.38
CA LYS D 314 21.10 17.12 2.17
C LYS D 314 22.15 16.93 1.06
N LEU D 315 23.15 17.84 1.00
CA LEU D 315 24.27 17.81 0.04
C LEU D 315 25.18 16.59 0.24
N LYS D 316 25.40 16.18 1.50
CA LYS D 316 26.28 15.06 1.79
C LYS D 316 25.59 13.69 1.68
N PHE E 33 44.13 -5.18 13.46
CA PHE E 33 45.42 -5.00 12.77
C PHE E 33 46.58 -5.30 13.69
N ASN E 34 47.49 -6.19 13.29
CA ASN E 34 48.67 -6.52 14.08
C ASN E 34 49.85 -5.64 13.69
N ARG E 35 49.58 -4.35 13.44
CA ARG E 35 50.56 -3.34 13.07
C ARG E 35 50.77 -2.32 14.21
N ASP E 36 51.90 -1.61 14.18
CA ASP E 36 52.21 -0.57 15.15
C ASP E 36 51.40 0.67 14.76
N PRO E 37 50.60 1.25 15.68
CA PRO E 37 49.81 2.43 15.32
C PRO E 37 50.64 3.67 14.98
N ARG E 38 51.86 3.77 15.52
CA ARG E 38 52.78 4.87 15.24
C ARG E 38 53.21 4.89 13.77
N ASP E 39 53.16 3.74 13.08
CA ASP E 39 53.47 3.69 11.65
C ASP E 39 52.33 4.27 10.79
N HIS E 40 51.26 4.83 11.41
CA HIS E 40 50.09 5.35 10.73
C HIS E 40 49.60 6.67 11.33
N TYR E 41 49.86 6.90 12.62
CA TYR E 41 49.40 8.12 13.29
C TYR E 41 50.46 8.81 14.14
N ASP E 42 50.51 10.13 14.12
CA ASP E 42 51.42 10.90 14.97
C ASP E 42 50.72 11.23 16.29
N LEU E 43 51.17 10.67 17.42
CA LEU E 43 50.57 10.98 18.72
C LEU E 43 50.84 12.45 19.10
N LEU E 44 49.82 13.20 19.49
CA LEU E 44 49.98 14.63 19.80
C LEU E 44 49.84 15.02 21.29
N GLN E 45 48.77 14.56 21.97
CA GLN E 45 48.49 14.99 23.34
C GLN E 45 47.63 13.97 24.06
N ARG E 46 48.04 13.57 25.27
CA ARG E 46 47.23 12.68 26.10
C ARG E 46 46.07 13.54 26.61
N LEU E 47 44.82 13.23 26.21
CA LEU E 47 43.67 14.05 26.60
C LEU E 47 42.89 13.52 27.81
N GLY E 48 43.21 12.34 28.30
CA GLY E 48 42.53 11.78 29.47
C GLY E 48 42.49 10.27 29.48
N GLY E 50 38.98 6.97 29.15
CA GLY E 50 37.61 6.58 29.45
C GLY E 50 37.48 5.96 30.83
N THR E 51 36.71 4.87 30.95
CA THR E 51 36.55 4.14 32.22
C THR E 51 37.93 3.61 32.66
N TYR E 52 38.68 3.06 31.69
CA TYR E 52 40.03 2.54 31.84
C TYR E 52 40.89 3.02 30.65
N GLY E 53 42.20 2.83 30.73
CA GLY E 53 43.10 3.20 29.65
C GLY E 53 43.29 4.70 29.47
N GLU E 54 44.14 5.08 28.51
CA GLU E 54 44.42 6.49 28.27
C GLU E 54 44.17 6.87 26.81
N VAL E 55 43.42 7.96 26.59
CA VAL E 55 43.08 8.42 25.25
C VAL E 55 44.04 9.51 24.78
N PHE E 56 44.53 9.39 23.53
CA PHE E 56 45.48 10.30 22.94
C PHE E 56 44.91 10.91 21.69
N LYS E 57 45.05 12.22 21.53
CA LYS E 57 44.66 12.91 20.31
C LYS E 57 45.81 12.63 19.33
N ALA E 58 45.51 12.11 18.15
CA ALA E 58 46.54 11.79 17.16
C ALA E 58 46.15 12.28 15.76
N ARG E 59 47.13 12.44 14.87
CA ARG E 59 46.86 12.90 13.50
C ARG E 59 47.21 11.79 12.51
N ASP E 60 46.33 11.55 11.51
CA ASP E 60 46.56 10.52 10.49
C ASP E 60 47.74 10.98 9.64
N LYS E 61 48.78 10.16 9.51
CA LYS E 61 49.97 10.55 8.74
C LYS E 61 49.68 10.71 7.24
N VAL E 62 48.73 9.95 6.70
CA VAL E 62 48.38 10.03 5.28
C VAL E 62 47.30 11.09 5.01
N SER E 63 46.17 11.01 5.71
CA SER E 63 45.03 11.90 5.50
C SER E 63 45.15 13.28 6.17
N GLY E 64 45.76 13.30 7.35
CA GLY E 64 45.84 14.52 8.17
C GLY E 64 44.64 14.70 9.09
N ASP E 65 43.73 13.69 9.11
CA ASP E 65 42.52 13.65 9.91
C ASP E 65 42.86 13.43 11.37
N LEU E 66 42.25 14.21 12.27
CA LEU E 66 42.45 14.02 13.71
C LEU E 66 41.61 12.81 14.16
N VAL E 67 42.22 11.91 14.94
CA VAL E 67 41.57 10.74 15.50
C VAL E 67 41.87 10.64 17.02
N ALA E 68 41.10 9.82 17.74
CA ALA E 68 41.33 9.59 19.15
C ALA E 68 41.80 8.15 19.30
N LEU E 69 42.92 7.92 19.99
CA LEU E 69 43.46 6.58 20.17
C LEU E 69 43.38 6.17 21.62
N LYS E 70 42.64 5.09 21.91
CA LYS E 70 42.49 4.60 23.27
C LYS E 70 43.49 3.48 23.55
N MET E 71 44.46 3.71 24.42
CA MET E 71 45.45 2.69 24.76
C MET E 71 45.06 1.95 26.02
N THR E 82 36.79 -8.30 28.68
CA THR E 82 36.27 -6.93 28.65
C THR E 82 36.73 -6.20 27.39
N LEU E 83 38.02 -6.31 27.05
CA LEU E 83 38.55 -5.63 25.87
C LEU E 83 38.00 -6.21 24.55
N GLN E 84 37.70 -7.51 24.52
CA GLN E 84 37.12 -8.15 23.34
C GLN E 84 35.65 -7.70 23.17
N LYS E 85 34.94 -7.52 24.29
CA LYS E 85 33.56 -7.04 24.31
C LYS E 85 33.48 -5.61 23.79
N GLU E 86 34.47 -4.75 24.15
CA GLU E 86 34.49 -3.36 23.72
C GLU E 86 34.60 -3.21 22.21
N ILE E 87 35.54 -3.95 21.59
CA ILE E 87 35.73 -3.92 20.15
C ILE E 87 34.47 -4.44 19.44
N LEU E 88 33.86 -5.50 20.01
CA LEU E 88 32.63 -6.11 19.51
C LEU E 88 31.50 -5.07 19.46
N ILE E 89 31.31 -4.30 20.55
CA ILE E 89 30.27 -3.27 20.61
C ILE E 89 30.49 -2.18 19.57
N LEU E 90 31.70 -1.60 19.53
CA LEU E 90 32.06 -0.51 18.61
C LEU E 90 31.97 -0.90 17.14
N LYS E 91 32.39 -2.12 16.79
CA LYS E 91 32.34 -2.61 15.42
C LYS E 91 30.90 -2.96 15.01
N THR E 92 30.14 -3.61 15.92
CA THR E 92 28.73 -3.93 15.62
C THR E 92 27.82 -2.69 15.69
N CYS E 93 28.40 -1.48 15.84
CA CYS E 93 27.67 -0.23 15.88
C CYS E 93 28.03 0.64 14.68
N ARG E 94 27.00 1.23 14.05
CA ARG E 94 27.11 2.16 12.93
C ARG E 94 25.84 3.00 13.03
N HIS E 95 25.94 4.19 13.61
CA HIS E 95 24.79 5.08 13.73
C HIS E 95 25.28 6.54 13.75
N ALA E 96 24.45 7.48 13.27
CA ALA E 96 24.82 8.90 13.23
C ALA E 96 25.09 9.49 14.63
N ASN E 97 24.54 8.87 15.69
CA ASN E 97 24.74 9.35 17.06
C ASN E 97 25.70 8.52 17.89
N ILE E 98 26.45 7.62 17.27
CA ILE E 98 27.46 6.84 17.96
C ILE E 98 28.81 7.19 17.33
N VAL E 99 29.82 7.51 18.16
CA VAL E 99 31.15 7.88 17.70
C VAL E 99 31.74 6.79 16.77
N ALA E 100 32.25 7.22 15.60
CA ALA E 100 32.79 6.32 14.58
C ALA E 100 33.97 5.45 15.03
N TYR E 101 34.05 4.22 14.50
CA TYR E 101 35.11 3.26 14.84
C TYR E 101 35.94 2.94 13.60
N HIS E 102 37.21 3.37 13.57
CA HIS E 102 38.05 3.18 12.40
C HIS E 102 38.90 1.90 12.41
N GLY E 103 39.35 1.45 13.57
CA GLY E 103 40.14 0.22 13.66
C GLY E 103 40.77 -0.05 15.01
N SER E 104 41.41 -1.20 15.17
CA SER E 104 42.08 -1.58 16.42
C SER E 104 43.46 -2.14 16.10
N TYR E 105 44.47 -1.68 16.82
CA TYR E 105 45.85 -2.09 16.62
C TYR E 105 46.41 -2.85 17.83
N LEU E 106 46.89 -4.07 17.61
CA LEU E 106 47.51 -4.86 18.68
C LEU E 106 49.01 -4.95 18.37
N TRP E 107 49.85 -4.34 19.22
CA TRP E 107 51.29 -4.32 18.97
C TRP E 107 52.10 -4.54 20.25
N LYS E 110 50.38 -3.55 24.45
CA LYS E 110 49.54 -2.35 24.34
C LYS E 110 48.53 -2.46 23.20
N LEU E 111 47.23 -2.33 23.52
CA LEU E 111 46.17 -2.39 22.51
C LEU E 111 45.66 -0.97 22.25
N TRP E 112 45.38 -0.61 20.98
CA TRP E 112 44.96 0.74 20.62
C TRP E 112 43.64 0.76 19.84
N ILE E 113 42.62 1.46 20.33
CA ILE E 113 41.34 1.54 19.63
C ILE E 113 41.20 2.90 18.99
N CYS E 114 41.03 2.94 17.68
CA CYS E 114 40.92 4.18 16.93
C CYS E 114 39.46 4.61 16.74
N MET E 115 39.13 5.78 17.27
CA MET E 115 37.78 6.35 17.19
C MET E 115 37.80 7.73 16.54
N GLU E 116 36.64 8.28 16.23
CA GLU E 116 36.51 9.62 15.64
C GLU E 116 36.89 10.67 16.70
N PHE E 117 37.63 11.71 16.30
CA PHE E 117 37.99 12.78 17.23
C PHE E 117 36.97 13.89 17.10
N CYS E 118 36.18 14.10 18.15
CA CYS E 118 35.17 15.15 18.13
C CYS E 118 35.77 16.42 18.69
N GLY E 119 36.07 17.35 17.77
CA GLY E 119 36.76 18.62 18.00
C GLY E 119 36.42 19.44 19.22
N ALA E 120 35.14 19.60 19.54
CA ALA E 120 34.74 20.38 20.73
C ALA E 120 34.80 19.58 22.06
N GLY E 121 35.14 18.29 21.99
CA GLY E 121 35.21 17.43 23.16
C GLY E 121 33.84 17.05 23.67
N SER E 122 33.77 16.75 24.96
CA SER E 122 32.50 16.36 25.58
C SER E 122 31.65 17.56 25.98
N LEU E 123 30.35 17.32 26.28
CA LEU E 123 29.48 18.39 26.75
C LEU E 123 29.96 18.93 28.09
N GLN E 124 30.57 18.09 28.94
CA GLN E 124 31.11 18.54 30.23
C GLN E 124 32.27 19.55 30.00
N ASP E 125 33.15 19.24 29.05
CA ASP E 125 34.27 20.12 28.66
C ASP E 125 33.76 21.50 28.26
N ILE E 126 32.62 21.53 27.54
CA ILE E 126 31.96 22.71 27.03
C ILE E 126 31.24 23.49 28.14
N TYR E 127 30.33 22.86 28.91
CA TYR E 127 29.58 23.59 29.93
C TYR E 127 30.49 24.12 31.06
N GLN E 128 31.66 23.50 31.29
CA GLN E 128 32.61 24.01 32.30
C GLN E 128 33.18 25.38 31.89
N VAL E 129 33.13 25.70 30.58
CA VAL E 129 33.59 27.00 30.06
C VAL E 129 32.40 27.94 29.78
N THR E 130 31.38 27.41 29.17
CA THR E 130 30.25 28.11 28.64
C THR E 130 29.16 28.41 29.68
N GLY E 131 29.05 27.59 30.72
CA GLY E 131 27.97 27.70 31.68
C GLY E 131 26.76 26.89 31.22
N SER E 132 25.62 27.08 31.87
CA SER E 132 24.37 26.37 31.59
C SER E 132 23.93 26.36 30.13
N LEU E 133 23.49 25.21 29.63
CA LEU E 133 22.94 25.14 28.25
C LEU E 133 21.48 25.62 28.28
N SER E 134 21.01 26.22 27.18
CA SER E 134 19.61 26.64 27.09
C SER E 134 18.71 25.40 27.04
N GLU E 135 17.40 25.58 27.27
CA GLU E 135 16.46 24.46 27.21
C GLU E 135 16.40 23.86 25.81
N LEU E 136 16.49 24.70 24.76
CA LEU E 136 16.47 24.24 23.38
C LEU E 136 17.72 23.42 23.04
N GLN E 137 18.88 23.84 23.58
CA GLN E 137 20.12 23.10 23.35
C GLN E 137 20.03 21.75 24.03
N ILE E 138 19.52 21.70 25.27
CA ILE E 138 19.37 20.45 26.01
C ILE E 138 18.40 19.53 25.27
N SER E 139 17.28 20.07 24.79
CA SER E 139 16.29 19.33 24.01
C SER E 139 16.90 18.66 22.76
N TYR E 140 17.76 19.37 22.02
CA TYR E 140 18.43 18.79 20.86
C TYR E 140 19.38 17.67 21.30
N VAL E 141 20.09 17.89 22.42
CA VAL E 141 21.01 16.87 22.94
C VAL E 141 20.25 15.61 23.33
N CYS E 142 19.19 15.75 24.10
CA CYS E 142 18.37 14.64 24.57
C CYS E 142 17.80 13.86 23.40
N ARG E 143 17.30 14.54 22.34
CA ARG E 143 16.77 13.87 21.15
C ARG E 143 17.87 13.07 20.46
N GLU E 144 19.08 13.64 20.32
CA GLU E 144 20.18 12.93 19.66
C GLU E 144 20.63 11.74 20.49
N VAL E 145 20.70 11.90 21.81
CA VAL E 145 21.10 10.80 22.69
C VAL E 145 20.02 9.72 22.65
N LEU E 146 18.73 10.11 22.72
CA LEU E 146 17.55 9.23 22.63
C LEU E 146 17.56 8.45 21.33
N GLN E 147 17.97 9.09 20.21
CA GLN E 147 18.08 8.39 18.92
C GLN E 147 19.17 7.34 18.97
N GLY E 148 20.30 7.65 19.62
CA GLY E 148 21.41 6.73 19.76
C GLY E 148 21.12 5.59 20.72
N LEU E 149 20.33 5.88 21.75
CA LEU E 149 19.92 4.90 22.76
C LEU E 149 18.88 3.95 22.16
N ALA E 150 17.94 4.46 21.35
CA ALA E 150 16.95 3.59 20.67
C ALA E 150 17.67 2.63 19.73
N TYR E 151 18.69 3.11 19.01
CA TYR E 151 19.48 2.23 18.15
C TYR E 151 20.25 1.21 18.98
N LEU E 152 20.91 1.63 20.07
CA LEU E 152 21.69 0.70 20.90
C LEU E 152 20.79 -0.37 21.52
N HIS E 153 19.62 0.04 22.03
CA HIS E 153 18.67 -0.87 22.67
C HIS E 153 18.07 -1.86 21.69
N SER E 154 17.92 -1.46 20.41
CA SER E 154 17.43 -2.35 19.35
C SER E 154 18.43 -3.45 19.00
N GLN E 155 19.73 -3.24 19.30
CA GLN E 155 20.78 -4.23 19.05
C GLN E 155 21.16 -4.98 20.33
N LYS E 156 20.28 -4.97 21.36
CA LYS E 156 20.49 -5.61 22.66
C LYS E 156 21.69 -5.04 23.42
N LYS E 157 22.01 -3.75 23.22
CA LYS E 157 23.15 -3.14 23.92
C LYS E 157 22.70 -2.09 24.93
N ILE E 158 23.37 -2.03 26.09
CA ILE E 158 23.07 -1.03 27.11
C ILE E 158 24.32 -0.17 27.31
N HIS E 159 24.23 1.16 27.12
CA HIS E 159 25.39 2.04 27.31
C HIS E 159 25.88 1.98 28.78
N ARG E 160 24.99 2.26 29.73
CA ARG E 160 25.30 2.19 31.17
C ARG E 160 26.21 3.33 31.70
N ASP E 161 26.59 4.28 30.84
CA ASP E 161 27.42 5.38 31.30
C ASP E 161 27.06 6.69 30.65
N ILE E 162 25.74 6.91 30.46
CA ILE E 162 25.23 8.16 29.92
C ILE E 162 25.46 9.32 30.93
N LYS E 163 26.15 10.35 30.45
CA LYS E 163 26.53 11.55 31.18
C LYS E 163 27.17 12.56 30.20
N GLY E 164 27.30 13.81 30.64
CA GLY E 164 27.90 14.89 29.88
C GLY E 164 29.27 14.58 29.33
N ALA E 165 30.13 13.95 30.16
CA ALA E 165 31.49 13.57 29.75
C ALA E 165 31.51 12.54 28.61
N ASN E 166 30.45 11.73 28.47
CA ASN E 166 30.38 10.72 27.41
C ASN E 166 29.51 11.14 26.19
N ILE E 167 29.10 12.41 26.14
CA ILE E 167 28.33 12.93 25.02
C ILE E 167 29.28 13.92 24.32
N LEU E 168 29.82 13.52 23.16
CA LEU E 168 30.77 14.35 22.44
C LEU E 168 30.10 15.20 21.40
N ILE E 169 30.72 16.32 21.08
CA ILE E 169 30.24 17.22 20.04
C ILE E 169 31.34 17.34 18.95
N ASN E 170 30.98 17.19 17.67
CA ASN E 170 31.95 17.41 16.58
C ASN E 170 31.93 18.88 16.11
N ASP E 171 32.83 19.27 15.17
CA ASP E 171 32.84 20.65 14.69
C ASP E 171 31.53 21.05 13.99
N ALA E 172 30.73 20.09 13.51
CA ALA E 172 29.44 20.40 12.87
C ALA E 172 28.26 20.56 13.85
N GLY E 173 28.51 20.41 15.16
CA GLY E 173 27.45 20.50 16.16
C GLY E 173 26.64 19.23 16.34
N GLU E 174 27.12 18.12 15.79
CA GLU E 174 26.45 16.84 15.90
C GLU E 174 26.81 16.14 17.22
N VAL E 175 25.93 15.23 17.66
CA VAL E 175 26.06 14.49 18.92
C VAL E 175 26.49 13.03 18.70
N ARG E 176 27.54 12.59 19.41
CA ARG E 176 28.05 11.23 19.31
C ARG E 176 28.24 10.69 20.73
N LEU E 177 27.70 9.47 20.99
CA LEU E 177 27.83 8.78 22.26
C LEU E 177 29.19 8.11 22.26
N ALA E 178 29.89 8.19 23.39
CA ALA E 178 31.23 7.64 23.50
C ALA E 178 31.42 6.85 24.80
N ASP E 179 32.49 6.05 24.84
CA ASP E 179 32.92 5.27 25.98
C ASP E 179 31.96 4.14 26.34
N PHE E 180 32.22 2.98 25.72
CA PHE E 180 31.48 1.75 26.01
C PHE E 180 32.33 0.84 26.91
N GLY E 181 33.06 1.43 27.86
CA GLY E 181 33.92 0.71 28.79
C GLY E 181 33.12 0.03 29.88
N ILE E 182 32.16 0.76 30.48
CA ILE E 182 31.30 0.17 31.51
C ILE E 182 30.33 -0.85 30.88
N SER E 183 29.96 -0.65 29.59
CA SER E 183 29.11 -1.54 28.81
C SER E 183 29.84 -2.85 28.54
N ALA E 184 31.14 -2.77 28.18
CA ALA E 184 31.96 -3.95 27.91
C ALA E 184 32.28 -4.71 29.17
N GLN E 185 32.50 -4.00 30.29
CA GLN E 185 32.80 -4.65 31.58
C GLN E 185 31.59 -5.44 32.11
N ILE E 186 30.37 -4.96 31.84
CA ILE E 186 29.15 -5.63 32.25
C ILE E 186 28.87 -6.84 31.36
N GLY E 187 29.14 -6.70 30.06
CA GLY E 187 28.97 -7.80 29.12
C GLY E 187 29.93 -8.96 29.40
N ALA E 188 31.11 -8.65 29.94
CA ALA E 188 32.10 -9.66 30.28
C ALA E 188 31.77 -10.32 31.62
N GLU E 189 31.28 -9.53 32.59
CA GLU E 189 30.90 -10.06 33.90
C GLU E 189 29.62 -10.92 33.79
N LEU E 190 28.70 -10.54 32.89
CA LEU E 190 27.47 -11.30 32.69
C LEU E 190 27.75 -12.63 32.02
N ALA E 191 28.69 -12.67 31.07
CA ALA E 191 29.06 -13.92 30.39
C ALA E 191 29.77 -14.88 31.36
N ARG E 192 30.55 -14.35 32.30
CA ARG E 192 31.24 -15.14 33.32
C ARG E 192 30.28 -15.64 34.42
N ARG E 193 29.10 -14.99 34.58
CA ARG E 193 28.07 -15.39 35.54
C ARG E 193 27.40 -16.68 35.04
N LEU E 194 27.07 -16.73 33.73
CA LEU E 194 26.47 -17.90 33.08
C LEU E 194 27.45 -19.07 33.01
N GLU E 195 28.74 -18.77 32.84
CA GLU E 195 29.78 -19.79 32.75
C GLU E 195 29.94 -20.51 34.10
N PHE E 196 29.95 -19.75 35.20
CA PHE E 196 30.14 -20.32 36.54
C PHE E 196 28.83 -20.46 37.32
N ILE E 197 27.68 -20.47 36.65
CA ILE E 197 26.39 -20.56 37.31
C ILE E 197 26.26 -21.84 38.16
N GLY E 198 26.73 -22.97 37.62
CA GLY E 198 26.67 -24.23 38.33
C GLY E 198 25.27 -24.82 38.36
N THR E 199 25.11 -25.89 39.10
CA THR E 199 23.84 -26.61 39.21
C THR E 199 22.71 -25.74 39.78
N PRO E 200 21.54 -25.68 39.09
CA PRO E 200 20.47 -24.77 39.53
C PRO E 200 19.35 -25.29 40.44
N TYR E 201 19.24 -26.60 40.65
CA TYR E 201 18.08 -27.20 41.34
C TYR E 201 17.75 -26.65 42.74
N TRP E 202 18.77 -26.23 43.51
CA TRP E 202 18.58 -25.72 44.85
C TRP E 202 18.59 -24.17 44.89
N MET E 203 18.76 -23.49 43.74
CA MET E 203 18.81 -22.03 43.69
C MET E 203 17.49 -21.38 43.82
N ALA E 204 17.43 -20.27 44.58
CA ALA E 204 16.21 -19.45 44.65
C ALA E 204 15.99 -18.82 43.25
N PRO E 205 14.72 -18.59 42.85
CA PRO E 205 14.49 -18.05 41.49
C PRO E 205 15.14 -16.69 41.22
N GLU E 206 15.34 -15.85 42.25
CA GLU E 206 16.03 -14.57 42.07
C GLU E 206 17.54 -14.77 41.81
N VAL E 207 18.13 -15.85 42.32
CA VAL E 207 19.53 -16.17 42.10
C VAL E 207 19.70 -16.58 40.63
N ALA E 208 18.80 -17.41 40.12
CA ALA E 208 18.81 -17.86 38.72
C ALA E 208 18.50 -16.69 37.77
N ALA E 209 17.60 -15.77 38.18
CA ALA E 209 17.24 -14.60 37.39
C ALA E 209 18.41 -13.64 37.19
N VAL E 210 19.14 -13.27 38.26
CA VAL E 210 20.26 -12.33 38.11
C VAL E 210 21.45 -12.91 37.33
N ALA E 211 21.55 -14.25 37.25
CA ALA E 211 22.61 -14.88 36.45
C ALA E 211 22.22 -14.92 34.96
N LEU E 212 20.92 -14.96 34.64
CA LEU E 212 20.41 -14.98 33.27
C LEU E 212 20.15 -13.57 32.70
N LYS E 213 19.69 -12.63 33.56
CA LYS E 213 19.29 -11.27 33.19
C LYS E 213 20.25 -10.15 33.63
N GLY E 214 20.79 -10.24 34.84
CA GLY E 214 21.74 -9.24 35.33
C GLY E 214 21.34 -8.44 36.57
N GLY E 215 20.06 -8.14 36.69
CA GLY E 215 19.58 -7.34 37.82
C GLY E 215 18.91 -6.04 37.41
N TYR E 216 19.03 -5.65 36.14
CA TYR E 216 18.41 -4.45 35.55
C TYR E 216 18.43 -4.51 34.02
N ASN E 217 17.70 -3.61 33.34
CA ASN E 217 17.67 -3.62 31.88
C ASN E 217 18.06 -2.25 31.25
N GLU E 218 17.97 -2.13 29.91
CA GLU E 218 18.28 -0.95 29.09
C GLU E 218 17.59 0.34 29.56
N LEU E 219 16.54 0.22 30.39
CA LEU E 219 15.83 1.40 30.88
C LEU E 219 16.67 2.23 31.88
N CYS E 220 17.79 1.68 32.37
CA CYS E 220 18.70 2.41 33.23
C CYS E 220 19.33 3.61 32.49
N ASP E 221 19.48 3.53 31.14
CA ASP E 221 20.00 4.60 30.29
C ASP E 221 19.06 5.81 30.24
N ILE E 222 17.74 5.56 30.33
CA ILE E 222 16.72 6.61 30.30
C ILE E 222 16.86 7.47 31.54
N TRP E 223 17.02 6.82 32.71
CA TRP E 223 17.25 7.52 33.97
C TRP E 223 18.55 8.36 33.87
N SER E 224 19.63 7.78 33.37
CA SER E 224 20.90 8.50 33.18
C SER E 224 20.75 9.71 32.28
N LEU E 225 19.93 9.63 31.23
CA LEU E 225 19.68 10.79 30.37
C LEU E 225 18.91 11.89 31.12
N GLY E 226 18.02 11.50 32.04
CA GLY E 226 17.28 12.45 32.87
C GLY E 226 18.20 13.15 33.84
N ILE E 227 19.14 12.40 34.44
CA ILE E 227 20.16 13.01 35.31
C ILE E 227 21.05 13.96 34.48
N THR E 228 21.44 13.52 33.26
CA THR E 228 22.26 14.32 32.34
C THR E 228 21.58 15.64 31.97
N ALA E 229 20.25 15.61 31.73
CA ALA E 229 19.48 16.82 31.45
C ALA E 229 19.59 17.81 32.60
N ILE E 230 19.55 17.33 33.85
CA ILE E 230 19.72 18.18 35.02
C ILE E 230 21.14 18.76 35.03
N GLU E 231 22.17 17.91 34.80
CA GLU E 231 23.59 18.30 34.74
C GLU E 231 23.85 19.40 33.69
N LEU E 232 23.23 19.27 32.50
CA LEU E 232 23.41 20.27 31.44
C LEU E 232 22.76 21.61 31.80
N ALA E 233 21.70 21.55 32.59
CA ALA E 233 20.97 22.72 33.04
C ALA E 233 21.61 23.35 34.27
N GLU E 234 22.24 22.57 35.14
CA GLU E 234 22.75 23.06 36.42
C GLU E 234 24.24 22.93 36.67
N LEU E 235 25.04 22.51 35.67
CA LEU E 235 26.50 22.35 35.79
C LEU E 235 26.95 21.13 36.62
N GLN E 236 26.02 20.39 37.21
CA GLN E 236 26.37 19.19 37.99
C GLN E 236 25.15 18.31 38.21
N PRO E 237 25.37 16.99 38.36
CA PRO E 237 24.23 16.12 38.63
C PRO E 237 23.73 16.29 40.08
N PRO E 238 22.48 15.88 40.39
CA PRO E 238 21.99 16.02 41.78
C PRO E 238 22.85 15.26 42.78
N LEU E 239 23.00 15.83 43.97
CA LEU E 239 23.78 15.23 45.06
C LEU E 239 25.29 15.15 44.78
N PHE E 240 25.78 15.83 43.70
CA PHE E 240 27.20 15.80 43.34
C PHE E 240 28.14 16.16 44.49
N ASP E 241 27.76 17.16 45.31
CA ASP E 241 28.59 17.57 46.44
C ASP E 241 28.56 16.55 47.59
N VAL E 242 27.49 15.77 47.71
CA VAL E 242 27.36 14.76 48.74
C VAL E 242 28.34 13.60 48.46
N HIS E 243 28.86 12.98 49.53
CA HIS E 243 29.83 11.88 49.48
C HIS E 243 29.31 10.73 48.60
N PRO E 244 30.10 10.25 47.64
CA PRO E 244 29.61 9.20 46.73
C PRO E 244 29.06 7.94 47.41
N LEU E 245 29.72 7.48 48.49
CA LEU E 245 29.27 6.30 49.24
C LEU E 245 27.91 6.58 49.90
N ARG E 246 27.74 7.80 50.43
CA ARG E 246 26.48 8.21 51.05
C ARG E 246 25.36 8.31 50.01
N VAL E 247 25.68 8.82 48.81
CA VAL E 247 24.72 8.93 47.71
C VAL E 247 24.24 7.55 47.28
N LEU E 248 25.16 6.57 47.22
CA LEU E 248 24.82 5.19 46.89
C LEU E 248 23.82 4.62 47.88
N PHE E 249 24.01 4.90 49.18
CA PHE E 249 23.10 4.44 50.23
C PHE E 249 21.75 5.14 50.13
N LEU E 250 21.74 6.46 49.91
CA LEU E 250 20.51 7.25 49.80
C LEU E 250 19.56 6.77 48.70
N MET E 251 20.12 6.32 47.57
CA MET E 251 19.30 5.83 46.46
C MET E 251 18.69 4.47 46.74
N THR E 252 19.36 3.63 47.53
CA THR E 252 18.85 2.29 47.85
C THR E 252 17.71 2.35 48.86
N LYS E 253 17.77 3.30 49.80
CA LYS E 253 16.76 3.55 50.85
C LYS E 253 15.36 3.66 50.22
N SER E 254 14.35 2.99 50.84
CA SER E 254 12.97 2.97 50.34
C SER E 254 12.31 4.35 50.21
N GLY E 255 12.78 5.33 50.96
CA GLY E 255 12.25 6.68 50.89
C GLY E 255 12.97 7.57 49.89
N TYR E 256 13.60 6.97 48.88
CA TYR E 256 14.32 7.76 47.87
C TYR E 256 13.37 8.48 46.92
N GLN E 257 13.54 9.78 46.83
CA GLN E 257 12.73 10.63 45.98
C GLN E 257 13.52 11.07 44.73
N PRO E 258 13.04 10.72 43.51
CA PRO E 258 13.76 11.12 42.29
C PRO E 258 13.97 12.62 42.22
N PRO E 259 15.15 13.06 41.72
CA PRO E 259 15.44 14.49 41.72
C PRO E 259 14.63 15.34 40.71
N ARG E 260 14.66 16.66 40.92
CA ARG E 260 13.96 17.63 40.09
C ARG E 260 14.86 18.85 39.83
N LEU E 261 14.49 19.69 38.86
CA LEU E 261 15.20 20.91 38.54
C LEU E 261 15.08 21.91 39.72
N LYS E 262 16.18 22.60 40.07
CA LYS E 262 16.18 23.56 41.18
C LYS E 262 15.26 24.78 40.91
N GLU E 263 15.59 25.60 39.90
CA GLU E 263 14.80 26.77 39.58
C GLU E 263 13.61 26.38 38.72
N LYS E 264 12.42 26.28 39.32
CA LYS E 264 11.18 25.89 38.67
C LYS E 264 10.75 26.79 37.48
N GLY E 265 10.71 28.11 37.70
CA GLY E 265 10.28 29.05 36.68
C GLY E 265 11.18 29.21 35.47
N LYS E 266 12.45 28.80 35.59
CA LYS E 266 13.43 28.92 34.54
C LYS E 266 13.19 27.95 33.36
N TRP E 267 12.46 26.85 33.60
CA TRP E 267 12.25 25.84 32.57
C TRP E 267 10.76 25.60 32.27
N SER E 268 10.44 25.30 31.01
CA SER E 268 9.07 25.06 30.57
C SER E 268 8.46 23.77 31.15
N ALA E 269 7.12 23.66 31.12
CA ALA E 269 6.40 22.49 31.61
C ALA E 269 6.83 21.20 30.90
N ALA E 270 7.17 21.32 29.61
CA ALA E 270 7.63 20.21 28.79
C ALA E 270 8.99 19.66 29.28
N PHE E 271 9.83 20.50 29.90
CA PHE E 271 11.13 20.07 30.42
C PHE E 271 10.97 19.43 31.79
N HIS E 272 10.12 20.03 32.65
CA HIS E 272 9.85 19.45 33.97
C HIS E 272 9.22 18.05 33.82
N ASN E 273 8.32 17.90 32.83
CA ASN E 273 7.65 16.64 32.53
C ASN E 273 8.63 15.60 31.97
N PHE E 274 9.56 16.03 31.09
CA PHE E 274 10.58 15.13 30.54
C PHE E 274 11.45 14.57 31.68
N ILE E 275 11.77 15.42 32.67
CA ILE E 275 12.53 15.01 33.84
C ILE E 275 11.75 13.97 34.65
N LYS E 276 10.47 14.27 34.96
CA LYS E 276 9.61 13.38 35.74
C LYS E 276 9.46 11.98 35.16
N VAL E 277 9.21 11.88 33.85
CA VAL E 277 9.00 10.58 33.22
C VAL E 277 10.32 9.82 33.01
N THR E 278 11.44 10.50 32.66
CA THR E 278 12.73 9.78 32.53
C THR E 278 13.21 9.32 33.92
N LEU E 279 12.99 10.14 34.95
CA LEU E 279 13.36 9.78 36.31
C LEU E 279 12.24 9.01 37.05
N THR E 280 11.61 8.05 36.35
CA THR E 280 10.57 7.23 36.97
C THR E 280 11.26 6.15 37.74
N LYS E 281 11.23 6.28 39.07
CA LYS E 281 11.85 5.40 40.06
C LYS E 281 11.69 3.91 39.75
N SER E 282 10.48 3.49 39.36
CA SER E 282 10.22 2.08 39.03
C SER E 282 10.64 1.75 37.59
N PRO E 283 11.55 0.79 37.42
CA PRO E 283 12.01 0.44 36.06
C PRO E 283 10.97 -0.20 35.15
N LYS E 284 9.91 -0.78 35.71
CA LYS E 284 8.84 -1.38 34.90
C LYS E 284 7.90 -0.31 34.32
N LYS E 285 7.85 0.89 34.94
CA LYS E 285 7.02 2.00 34.51
C LYS E 285 7.80 3.04 33.67
N ARG E 286 9.15 3.03 33.74
CA ARG E 286 10.01 3.97 33.02
C ARG E 286 9.91 3.83 31.51
N PRO E 287 9.52 4.90 30.81
CA PRO E 287 9.38 4.82 29.34
C PRO E 287 10.63 4.42 28.58
N SER E 288 10.43 3.72 27.45
CA SER E 288 11.53 3.29 26.58
C SER E 288 12.10 4.46 25.75
N ALA E 289 13.26 4.26 25.10
CA ALA E 289 13.87 5.30 24.28
C ALA E 289 12.95 5.73 23.12
N THR E 290 12.39 4.78 22.35
CA THR E 290 11.49 5.11 21.23
C THR E 290 10.23 5.81 21.73
N LYS E 291 9.73 5.45 22.93
CA LYS E 291 8.56 6.10 23.49
C LYS E 291 8.91 7.53 23.85
N MET E 292 10.08 7.74 24.49
CA MET E 292 10.56 9.07 24.86
C MET E 292 10.75 9.99 23.66
N LEU E 293 11.12 9.42 22.50
CA LEU E 293 11.31 10.17 21.26
C LEU E 293 10.07 10.94 20.77
N SER E 294 8.87 10.59 21.27
CA SER E 294 7.65 11.31 20.90
C SER E 294 7.15 12.30 21.97
N HIS E 295 7.94 12.52 23.03
CA HIS E 295 7.60 13.46 24.10
C HIS E 295 7.74 14.88 23.55
N GLN E 296 6.88 15.81 24.00
CA GLN E 296 6.87 17.20 23.54
C GLN E 296 8.25 17.87 23.42
N LEU E 297 9.07 17.76 24.48
CA LEU E 297 10.40 18.38 24.54
C LEU E 297 11.34 17.98 23.39
N VAL E 298 11.37 16.70 23.03
CA VAL E 298 12.25 16.24 21.96
C VAL E 298 11.55 16.14 20.60
N SER E 299 10.23 16.40 20.53
CA SER E 299 9.50 16.36 19.26
C SER E 299 9.38 17.76 18.58
N GLN E 300 9.82 18.83 19.28
CA GLN E 300 9.82 20.23 18.82
C GLN E 300 10.39 20.37 17.41
N PRO E 301 9.90 21.35 16.63
CA PRO E 301 10.35 21.48 15.24
C PRO E 301 11.71 22.19 15.01
N GLY E 302 12.03 23.17 15.82
CA GLY E 302 13.25 23.96 15.65
C GLY E 302 14.53 23.40 16.25
N LEU E 303 14.59 22.08 16.45
CA LEU E 303 15.79 21.45 17.02
C LEU E 303 16.73 20.94 15.93
N ASN E 304 17.95 21.49 15.88
CA ASN E 304 18.99 21.04 14.94
C ASN E 304 20.42 21.40 15.39
N ARG E 305 21.46 20.86 14.72
CA ARG E 305 22.88 21.10 15.01
C ARG E 305 23.23 22.58 15.18
N GLY E 306 22.48 23.47 14.51
CA GLY E 306 22.66 24.91 14.61
C GLY E 306 22.59 25.43 16.03
N LEU E 307 21.76 24.80 16.89
CA LEU E 307 21.69 25.20 18.32
C LEU E 307 23.01 24.91 19.03
N ILE E 308 23.66 23.82 18.67
CA ILE E 308 24.96 23.47 19.24
C ILE E 308 26.07 24.33 18.61
N LEU E 309 25.94 24.74 17.33
CA LEU E 309 26.89 25.67 16.72
C LEU E 309 26.89 27.00 17.48
N ASP E 310 25.72 27.43 18.00
CA ASP E 310 25.60 28.63 18.82
C ASP E 310 26.39 28.47 20.13
N LEU E 311 26.35 27.26 20.73
CA LEU E 311 27.07 26.93 21.97
C LEU E 311 28.59 26.96 21.70
N LEU E 312 29.01 26.43 20.53
CA LEU E 312 30.42 26.42 20.10
C LEU E 312 30.91 27.83 19.81
N ASP E 313 30.02 28.72 19.35
CA ASP E 313 30.36 30.13 19.11
C ASP E 313 30.65 30.77 20.48
N LYS E 314 29.82 30.48 21.49
CA LYS E 314 29.99 30.96 22.85
C LYS E 314 31.27 30.42 23.48
N LEU E 315 31.65 29.18 23.14
CA LEU E 315 32.88 28.52 23.60
C LEU E 315 34.11 29.36 23.24
N LYS E 316 34.10 29.98 22.05
CA LYS E 316 35.20 30.81 21.57
C LYS E 316 35.25 32.17 22.27
N SER F 81 -5.61 -65.64 -8.83
CA SER F 81 -6.96 -65.61 -8.27
C SER F 81 -7.44 -64.16 -8.10
N THR F 82 -6.56 -63.29 -7.58
CA THR F 82 -6.86 -61.88 -7.34
C THR F 82 -6.83 -61.11 -8.66
N LEU F 83 -5.77 -61.31 -9.47
CA LEU F 83 -5.65 -60.68 -10.78
C LEU F 83 -6.74 -61.13 -11.77
N GLN F 84 -7.51 -62.19 -11.43
CA GLN F 84 -8.60 -62.68 -12.25
C GLN F 84 -9.86 -61.89 -11.91
N LYS F 85 -10.16 -61.73 -10.59
CA LYS F 85 -11.32 -60.96 -10.13
C LYS F 85 -11.14 -59.44 -10.42
N GLU F 86 -9.89 -58.99 -10.57
CA GLU F 86 -9.54 -57.62 -10.93
C GLU F 86 -10.01 -57.39 -12.37
N ILE F 87 -9.73 -58.35 -13.27
CA ILE F 87 -10.11 -58.32 -14.69
C ILE F 87 -11.61 -58.51 -14.84
N LEU F 88 -12.21 -59.39 -14.02
CA LEU F 88 -13.66 -59.64 -14.02
C LEU F 88 -14.41 -58.38 -13.66
N ILE F 89 -13.88 -57.58 -12.71
CA ILE F 89 -14.50 -56.31 -12.32
C ILE F 89 -14.35 -55.30 -13.45
N LEU F 90 -13.13 -55.12 -13.96
CA LEU F 90 -12.82 -54.18 -15.03
C LEU F 90 -13.62 -54.39 -16.33
N LYS F 91 -13.66 -55.65 -16.83
CA LYS F 91 -14.39 -55.98 -18.06
C LYS F 91 -15.89 -55.86 -17.90
N THR F 92 -16.44 -56.23 -16.73
CA THR F 92 -17.88 -56.12 -16.49
C THR F 92 -18.33 -54.70 -16.10
N CYS F 93 -17.38 -53.76 -15.93
CA CYS F 93 -17.71 -52.37 -15.58
C CYS F 93 -17.76 -51.53 -16.83
N ARG F 94 -18.94 -51.05 -17.17
CA ARG F 94 -19.13 -50.19 -18.32
C ARG F 94 -19.77 -48.92 -17.78
N HIS F 95 -18.95 -47.94 -17.39
CA HIS F 95 -19.48 -46.70 -16.84
C HIS F 95 -18.57 -45.52 -17.09
N ALA F 96 -19.18 -44.36 -17.35
CA ALA F 96 -18.48 -43.11 -17.60
C ALA F 96 -17.65 -42.63 -16.39
N ASN F 97 -18.01 -43.06 -15.17
CA ASN F 97 -17.26 -42.66 -13.99
C ASN F 97 -16.29 -43.75 -13.48
N ILE F 98 -15.90 -44.66 -14.36
CA ILE F 98 -14.93 -45.72 -14.07
C ILE F 98 -13.86 -45.68 -15.18
N VAL F 99 -12.59 -45.85 -14.83
CA VAL F 99 -11.51 -45.85 -15.83
C VAL F 99 -11.74 -46.90 -16.94
N ALA F 100 -11.49 -46.53 -18.21
CA ALA F 100 -11.71 -47.42 -19.35
C ALA F 100 -10.70 -48.57 -19.42
N TYR F 101 -11.18 -49.78 -19.71
CA TYR F 101 -10.35 -50.99 -19.80
C TYR F 101 -10.34 -51.47 -21.25
N HIS F 102 -9.16 -51.82 -21.79
CA HIS F 102 -9.06 -52.26 -23.19
C HIS F 102 -8.48 -53.66 -23.38
N GLY F 103 -8.49 -54.49 -22.35
CA GLY F 103 -7.97 -55.84 -22.45
C GLY F 103 -6.62 -56.03 -21.79
N CYS F 114 -4.31 -52.96 -19.63
CA CYS F 114 -4.45 -51.79 -20.49
C CYS F 114 -5.62 -50.92 -20.03
N MET F 115 -5.31 -49.76 -19.45
CA MET F 115 -6.35 -48.84 -18.97
C MET F 115 -6.28 -47.47 -19.67
N GLU F 116 -7.26 -46.59 -19.39
CA GLU F 116 -7.30 -45.24 -19.92
C GLU F 116 -6.21 -44.41 -19.25
N PHE F 117 -5.46 -43.62 -20.03
CA PHE F 117 -4.43 -42.75 -19.48
C PHE F 117 -5.08 -41.39 -19.22
N CYS F 118 -5.56 -41.17 -17.98
CA CYS F 118 -6.20 -39.91 -17.61
C CYS F 118 -5.12 -38.84 -17.50
N GLY F 119 -5.23 -37.84 -18.38
CA GLY F 119 -4.31 -36.72 -18.52
C GLY F 119 -3.82 -36.05 -17.25
N ALA F 120 -4.75 -35.57 -16.41
CA ALA F 120 -4.37 -34.88 -15.17
C ALA F 120 -3.95 -35.81 -14.02
N GLY F 121 -3.89 -37.11 -14.26
CA GLY F 121 -3.51 -38.06 -13.22
C GLY F 121 -4.57 -38.16 -12.16
N SER F 122 -4.17 -38.41 -10.91
CA SER F 122 -5.11 -38.52 -9.81
C SER F 122 -5.49 -37.15 -9.22
N LEU F 123 -6.55 -37.10 -8.39
CA LEU F 123 -6.92 -35.89 -7.69
C LEU F 123 -5.83 -35.54 -6.64
N GLN F 124 -5.09 -36.55 -6.12
CA GLN F 124 -3.99 -36.29 -5.18
C GLN F 124 -2.85 -35.64 -5.92
N ASP F 125 -2.52 -36.10 -7.15
CA ASP F 125 -1.46 -35.50 -7.98
C ASP F 125 -1.75 -34.00 -8.21
N ILE F 126 -3.03 -33.69 -8.47
CA ILE F 126 -3.52 -32.34 -8.68
C ILE F 126 -3.48 -31.47 -7.41
N TYR F 127 -4.17 -31.85 -6.30
CA TYR F 127 -4.20 -30.98 -5.11
C TYR F 127 -2.82 -30.75 -4.48
N GLN F 128 -1.80 -31.55 -4.85
CA GLN F 128 -0.45 -31.32 -4.33
C GLN F 128 0.29 -30.18 -5.08
N VAL F 129 -0.32 -29.63 -6.17
CA VAL F 129 0.20 -28.52 -6.97
C VAL F 129 -0.75 -27.30 -6.78
N THR F 130 -2.05 -27.47 -7.12
CA THR F 130 -3.06 -26.41 -7.03
C THR F 130 -3.49 -26.06 -5.60
N GLY F 131 -3.19 -26.93 -4.65
CA GLY F 131 -3.65 -26.72 -3.28
C GLY F 131 -5.10 -27.11 -3.12
N SER F 132 -5.78 -26.52 -2.15
CA SER F 132 -7.17 -26.88 -1.86
C SER F 132 -8.13 -26.68 -3.02
N LEU F 133 -9.00 -27.69 -3.25
CA LEU F 133 -10.04 -27.63 -4.28
C LEU F 133 -11.19 -26.77 -3.74
N SER F 134 -11.87 -26.00 -4.61
CA SER F 134 -13.01 -25.19 -4.15
C SER F 134 -14.21 -26.07 -3.77
N GLU F 135 -15.13 -25.56 -2.96
CA GLU F 135 -16.32 -26.32 -2.55
C GLU F 135 -17.13 -26.83 -3.75
N LEU F 136 -17.28 -25.99 -4.78
CA LEU F 136 -18.02 -26.36 -6.00
C LEU F 136 -17.32 -27.47 -6.78
N GLN F 137 -15.99 -27.45 -6.79
CA GLN F 137 -15.17 -28.46 -7.45
C GLN F 137 -15.27 -29.77 -6.69
N ILE F 138 -15.26 -29.71 -5.33
CA ILE F 138 -15.40 -30.90 -4.49
C ILE F 138 -16.77 -31.53 -4.73
N SER F 139 -17.83 -30.69 -4.74
CA SER F 139 -19.22 -31.10 -4.95
C SER F 139 -19.38 -31.84 -6.27
N TYR F 140 -18.77 -31.32 -7.36
CA TYR F 140 -18.87 -31.98 -8.66
C TYR F 140 -18.22 -33.37 -8.60
N VAL F 141 -17.00 -33.46 -8.02
CA VAL F 141 -16.25 -34.72 -7.84
C VAL F 141 -17.10 -35.74 -7.09
N CYS F 142 -17.73 -35.33 -5.98
CA CYS F 142 -18.59 -36.23 -5.19
C CYS F 142 -19.79 -36.73 -5.98
N ARG F 143 -20.43 -35.87 -6.79
CA ARG F 143 -21.59 -36.30 -7.59
C ARG F 143 -21.16 -37.37 -8.61
N GLU F 144 -20.02 -37.16 -9.26
CA GLU F 144 -19.46 -38.10 -10.22
C GLU F 144 -19.03 -39.43 -9.58
N VAL F 145 -18.41 -39.37 -8.39
CA VAL F 145 -18.02 -40.57 -7.66
C VAL F 145 -19.28 -41.33 -7.23
N LEU F 146 -20.34 -40.62 -6.82
CA LEU F 146 -21.59 -41.26 -6.42
C LEU F 146 -22.25 -41.98 -7.58
N GLN F 147 -22.15 -41.44 -8.80
CA GLN F 147 -22.71 -42.09 -9.99
C GLN F 147 -21.97 -43.40 -10.32
N GLY F 148 -20.65 -43.40 -10.11
CA GLY F 148 -19.83 -44.60 -10.32
C GLY F 148 -20.03 -45.62 -9.22
N LEU F 149 -20.22 -45.16 -7.99
CA LEU F 149 -20.45 -46.02 -6.84
C LEU F 149 -21.83 -46.66 -6.92
N ALA F 150 -22.89 -45.89 -7.26
CA ALA F 150 -24.26 -46.41 -7.41
C ALA F 150 -24.32 -47.50 -8.50
N TYR F 151 -23.54 -47.32 -9.56
CA TYR F 151 -23.43 -48.30 -10.62
C TYR F 151 -22.78 -49.57 -10.10
N LEU F 152 -21.59 -49.44 -9.45
CA LEU F 152 -20.82 -50.53 -8.87
C LEU F 152 -21.65 -51.31 -7.87
N HIS F 153 -22.40 -50.62 -7.01
CA HIS F 153 -23.20 -51.23 -5.97
C HIS F 153 -24.39 -51.99 -6.55
N SER F 154 -24.98 -51.50 -7.67
CA SER F 154 -26.07 -52.18 -8.37
C SER F 154 -25.57 -53.50 -9.01
N GLN F 155 -24.27 -53.57 -9.37
CA GLN F 155 -23.65 -54.80 -9.86
C GLN F 155 -23.07 -55.65 -8.69
N LYS F 156 -23.46 -55.34 -7.43
CA LYS F 156 -23.02 -55.98 -6.20
C LYS F 156 -21.49 -56.01 -6.07
N LYS F 157 -20.85 -54.87 -6.33
CA LYS F 157 -19.40 -54.72 -6.25
C LYS F 157 -19.05 -53.58 -5.30
N ILE F 158 -17.95 -53.72 -4.55
CA ILE F 158 -17.51 -52.71 -3.60
C ILE F 158 -16.11 -52.25 -3.99
N HIS F 159 -15.84 -50.94 -3.92
CA HIS F 159 -14.52 -50.42 -4.30
C HIS F 159 -13.54 -50.66 -3.16
N ARG F 160 -13.96 -50.34 -1.93
CA ARG F 160 -13.19 -50.50 -0.69
C ARG F 160 -11.96 -49.59 -0.57
N ASP F 161 -11.62 -48.84 -1.62
CA ASP F 161 -10.44 -47.96 -1.58
C ASP F 161 -10.71 -46.56 -2.16
N ILE F 162 -11.86 -45.94 -1.83
CA ILE F 162 -12.21 -44.61 -2.30
C ILE F 162 -11.34 -43.57 -1.60
N LYS F 163 -10.56 -42.78 -2.39
CA LYS F 163 -9.63 -41.75 -1.92
C LYS F 163 -9.11 -40.91 -3.12
N GLY F 164 -8.48 -39.78 -2.84
CA GLY F 164 -7.96 -38.88 -3.88
C GLY F 164 -7.00 -39.53 -4.85
N ALA F 165 -6.19 -40.48 -4.35
CA ALA F 165 -5.27 -41.23 -5.21
C ALA F 165 -6.02 -42.10 -6.22
N ASN F 166 -7.24 -42.53 -5.88
CA ASN F 166 -8.03 -43.43 -6.72
C ASN F 166 -9.17 -42.75 -7.50
N ILE F 167 -9.15 -41.42 -7.59
CA ILE F 167 -10.13 -40.68 -8.37
C ILE F 167 -9.33 -39.90 -9.41
N LEU F 168 -9.36 -40.36 -10.65
CA LEU F 168 -8.57 -39.75 -11.72
C LEU F 168 -9.39 -38.73 -12.54
N ILE F 169 -8.70 -37.78 -13.17
CA ILE F 169 -9.30 -36.73 -13.98
C ILE F 169 -8.71 -36.76 -15.38
N ASN F 170 -9.54 -37.03 -16.42
CA ASN F 170 -9.01 -37.05 -17.78
C ASN F 170 -8.94 -35.62 -18.39
N ASP F 171 -8.30 -35.48 -19.57
CA ASP F 171 -8.15 -34.19 -20.26
C ASP F 171 -9.48 -33.45 -20.47
N ALA F 172 -10.59 -34.20 -20.60
CA ALA F 172 -11.91 -33.66 -20.82
C ALA F 172 -12.68 -33.28 -19.54
N GLY F 173 -12.00 -33.24 -18.40
CA GLY F 173 -12.60 -32.90 -17.11
C GLY F 173 -13.45 -34.00 -16.49
N GLU F 174 -13.35 -35.23 -17.01
CA GLU F 174 -14.17 -36.34 -16.49
C GLU F 174 -13.59 -37.01 -15.24
N VAL F 175 -14.49 -37.48 -14.38
CA VAL F 175 -14.15 -38.12 -13.11
C VAL F 175 -14.25 -39.65 -13.22
N ARG F 176 -13.12 -40.36 -13.02
CA ARG F 176 -13.03 -41.82 -13.15
C ARG F 176 -12.49 -42.51 -11.91
N LEU F 177 -13.18 -43.53 -11.41
CA LEU F 177 -12.68 -44.33 -10.28
C LEU F 177 -11.66 -45.34 -10.83
N ALA F 178 -10.52 -45.43 -10.17
CA ALA F 178 -9.47 -46.33 -10.60
C ALA F 178 -8.97 -47.19 -9.42
N ASP F 179 -8.16 -48.21 -9.73
CA ASP F 179 -7.50 -49.08 -8.76
C ASP F 179 -8.45 -49.99 -8.02
N PHE F 180 -8.82 -51.10 -8.66
CA PHE F 180 -9.63 -52.11 -8.02
C PHE F 180 -8.75 -53.18 -7.32
N GLY F 181 -7.52 -52.80 -6.94
CA GLY F 181 -6.54 -53.67 -6.28
C GLY F 181 -6.94 -54.20 -4.92
N ILE F 182 -7.57 -53.35 -4.10
CA ILE F 182 -8.07 -53.77 -2.79
C ILE F 182 -9.36 -54.58 -2.99
N SER F 183 -10.24 -54.11 -3.89
CA SER F 183 -11.50 -54.79 -4.18
C SER F 183 -11.26 -56.22 -4.66
N ALA F 184 -10.30 -56.41 -5.58
CA ALA F 184 -10.01 -57.73 -6.12
C ALA F 184 -9.46 -58.67 -5.04
N GLN F 185 -8.50 -58.19 -4.22
CA GLN F 185 -7.89 -58.97 -3.15
C GLN F 185 -8.89 -59.38 -2.09
N ILE F 186 -9.78 -58.45 -1.71
CA ILE F 186 -10.78 -58.67 -0.66
C ILE F 186 -11.89 -59.60 -1.16
N GLY F 187 -12.30 -59.42 -2.41
CA GLY F 187 -13.32 -60.26 -3.02
C GLY F 187 -12.84 -61.69 -3.26
N ALA F 188 -11.54 -61.87 -3.51
CA ALA F 188 -10.96 -63.19 -3.73
C ALA F 188 -10.80 -63.92 -2.40
N GLU F 189 -10.35 -63.21 -1.35
CA GLU F 189 -10.16 -63.80 -0.03
C GLU F 189 -11.50 -64.19 0.59
N LEU F 190 -12.51 -63.32 0.46
CA LEU F 190 -13.85 -63.61 1.00
C LEU F 190 -14.50 -64.81 0.29
N ALA F 191 -14.14 -65.06 -0.98
CA ALA F 191 -14.66 -66.20 -1.73
C ALA F 191 -14.00 -67.48 -1.23
N ARG F 192 -12.68 -67.44 -0.95
CA ARG F 192 -11.92 -68.56 -0.42
C ARG F 192 -12.42 -68.95 0.97
N ARG F 193 -12.74 -67.95 1.81
CA ARG F 193 -13.24 -68.21 3.16
C ARG F 193 -14.68 -68.75 3.15
N LEU F 194 -15.49 -68.35 2.15
CA LEU F 194 -16.86 -68.86 2.04
C LEU F 194 -16.89 -70.26 1.40
N GLU F 195 -15.91 -70.58 0.55
CA GLU F 195 -15.82 -71.89 -0.10
C GLU F 195 -15.38 -72.98 0.90
N PHE F 196 -14.53 -72.63 1.86
CA PHE F 196 -14.00 -73.60 2.81
C PHE F 196 -14.51 -73.49 4.27
N ILE F 197 -15.63 -72.78 4.53
CA ILE F 197 -16.13 -72.68 5.92
C ILE F 197 -16.59 -74.01 6.49
N GLY F 198 -17.08 -74.89 5.63
CA GLY F 198 -17.57 -76.20 6.03
C GLY F 198 -18.90 -76.13 6.72
N THR F 199 -19.23 -77.20 7.43
CA THR F 199 -20.48 -77.34 8.17
C THR F 199 -20.73 -76.17 9.15
N PRO F 200 -21.94 -75.58 9.10
CA PRO F 200 -22.22 -74.40 9.93
C PRO F 200 -23.01 -74.61 11.23
N TYR F 201 -23.50 -75.82 11.51
CA TYR F 201 -24.41 -76.13 12.62
C TYR F 201 -23.92 -75.75 14.03
N TRP F 202 -22.59 -75.77 14.27
CA TRP F 202 -22.04 -75.42 15.60
C TRP F 202 -21.50 -73.96 15.66
N MET F 203 -21.57 -73.22 14.55
CA MET F 203 -21.05 -71.85 14.45
C MET F 203 -21.91 -70.84 15.15
N ALA F 204 -21.25 -69.91 15.86
CA ALA F 204 -21.95 -68.81 16.50
C ALA F 204 -22.47 -67.87 15.37
N PRO F 205 -23.60 -67.16 15.59
CA PRO F 205 -24.12 -66.26 14.52
C PRO F 205 -23.13 -65.25 13.98
N GLU F 206 -22.26 -64.71 14.83
CA GLU F 206 -21.28 -63.71 14.38
C GLU F 206 -20.14 -64.35 13.54
N VAL F 207 -19.86 -65.66 13.74
CA VAL F 207 -18.89 -66.38 12.91
C VAL F 207 -19.51 -66.64 11.52
N ALA F 208 -20.80 -67.01 11.50
CA ALA F 208 -21.52 -67.24 10.25
C ALA F 208 -21.67 -65.93 9.45
N ALA F 209 -21.88 -64.80 10.17
CA ALA F 209 -22.01 -63.47 9.55
C ALA F 209 -20.74 -63.04 8.82
N VAL F 210 -19.55 -63.25 9.42
CA VAL F 210 -18.30 -62.88 8.75
C VAL F 210 -17.88 -63.87 7.63
N ALA F 211 -18.53 -65.03 7.56
CA ALA F 211 -18.28 -65.99 6.50
C ALA F 211 -19.13 -65.59 5.26
N LEU F 212 -20.34 -65.04 5.47
CA LEU F 212 -21.26 -64.62 4.40
C LEU F 212 -21.13 -63.16 3.93
N LYS F 213 -21.22 -62.19 4.86
CA LYS F 213 -21.16 -60.78 4.49
C LYS F 213 -19.79 -60.12 4.72
N GLY F 214 -18.88 -60.81 5.39
CA GLY F 214 -17.52 -60.33 5.62
C GLY F 214 -17.34 -59.30 6.73
N GLY F 215 -18.44 -58.83 7.30
CA GLY F 215 -18.38 -57.84 8.37
C GLY F 215 -18.88 -56.46 7.99
N TYR F 216 -18.90 -56.15 6.69
CA TYR F 216 -19.38 -54.86 6.22
C TYR F 216 -20.05 -54.96 4.84
N ASN F 217 -20.79 -53.91 4.45
CA ASN F 217 -21.45 -53.86 3.15
C ASN F 217 -20.87 -52.71 2.26
N GLU F 218 -21.48 -52.45 1.09
CA GLU F 218 -21.09 -51.42 0.13
C GLU F 218 -21.17 -50.00 0.68
N LEU F 219 -21.97 -49.78 1.76
CA LEU F 219 -22.09 -48.46 2.39
C LEU F 219 -20.76 -47.95 2.95
N CYS F 220 -19.72 -48.83 3.02
CA CYS F 220 -18.38 -48.41 3.43
C CYS F 220 -17.82 -47.37 2.41
N ASP F 221 -18.23 -47.44 1.13
CA ASP F 221 -17.82 -46.50 0.08
C ASP F 221 -18.40 -45.09 0.28
N ILE F 222 -19.55 -44.99 0.98
CA ILE F 222 -20.18 -43.70 1.27
C ILE F 222 -19.35 -42.96 2.35
N TRP F 223 -18.84 -43.70 3.35
CA TRP F 223 -17.98 -43.13 4.37
C TRP F 223 -16.65 -42.71 3.74
N SER F 224 -16.06 -43.57 2.89
CA SER F 224 -14.81 -43.23 2.25
C SER F 224 -14.91 -41.99 1.34
N LEU F 225 -16.10 -41.74 0.76
CA LEU F 225 -16.31 -40.55 -0.06
C LEU F 225 -16.35 -39.31 0.84
N GLY F 226 -17.01 -39.43 2.01
CA GLY F 226 -17.08 -38.39 3.01
C GLY F 226 -15.70 -37.91 3.44
N ILE F 227 -14.77 -38.86 3.65
CA ILE F 227 -13.38 -38.57 4.02
C ILE F 227 -12.62 -37.99 2.84
N THR F 228 -12.91 -38.48 1.63
CA THR F 228 -12.28 -37.98 0.40
C THR F 228 -12.66 -36.51 0.19
N ALA F 229 -13.93 -36.14 0.45
CA ALA F 229 -14.37 -34.74 0.32
C ALA F 229 -13.53 -33.85 1.27
N ILE F 230 -13.30 -34.35 2.51
CA ILE F 230 -12.47 -33.70 3.52
C ILE F 230 -11.02 -33.57 3.02
N GLU F 231 -10.48 -34.64 2.49
CA GLU F 231 -9.13 -34.67 1.96
C GLU F 231 -8.92 -33.67 0.78
N LEU F 232 -9.95 -33.48 -0.08
CA LEU F 232 -9.83 -32.55 -1.21
C LEU F 232 -9.74 -31.08 -0.69
N ALA F 233 -10.40 -30.78 0.43
CA ALA F 233 -10.42 -29.47 1.07
C ALA F 233 -9.21 -29.19 1.95
N GLU F 234 -8.73 -30.19 2.69
CA GLU F 234 -7.64 -29.98 3.65
C GLU F 234 -6.28 -30.52 3.23
N LEU F 235 -6.19 -31.14 2.05
CA LEU F 235 -4.97 -31.75 1.49
C LEU F 235 -4.51 -33.01 2.23
N GLN F 236 -5.26 -33.45 3.24
CA GLN F 236 -4.99 -34.64 4.04
C GLN F 236 -6.29 -35.11 4.69
N PRO F 237 -6.49 -36.43 4.81
CA PRO F 237 -7.70 -36.94 5.50
C PRO F 237 -7.63 -36.67 7.01
N PRO F 238 -8.76 -36.74 7.73
CA PRO F 238 -8.72 -36.49 9.18
C PRO F 238 -7.88 -37.54 9.91
N LEU F 239 -7.15 -37.10 10.95
CA LEU F 239 -6.25 -37.93 11.77
C LEU F 239 -5.03 -38.42 10.98
N PHE F 240 -4.65 -37.71 9.89
CA PHE F 240 -3.52 -38.07 9.02
C PHE F 240 -2.19 -38.17 9.75
N ASP F 241 -2.03 -37.40 10.82
CA ASP F 241 -0.79 -37.38 11.58
C ASP F 241 -0.82 -38.30 12.81
N VAL F 242 -1.98 -38.86 13.17
CA VAL F 242 -2.16 -39.78 14.28
C VAL F 242 -1.73 -41.19 13.82
N HIS F 243 -1.02 -41.96 14.67
CA HIS F 243 -0.53 -43.30 14.33
C HIS F 243 -1.61 -44.21 13.77
N PRO F 244 -1.32 -44.88 12.64
CA PRO F 244 -2.35 -45.74 12.01
C PRO F 244 -3.09 -46.72 12.92
N LEU F 245 -2.37 -47.43 13.84
CA LEU F 245 -2.97 -48.39 14.77
C LEU F 245 -3.93 -47.70 15.76
N ARG F 246 -3.54 -46.52 16.26
CA ARG F 246 -4.33 -45.75 17.23
C ARG F 246 -5.64 -45.32 16.61
N VAL F 247 -5.61 -44.88 15.34
CA VAL F 247 -6.79 -44.47 14.61
C VAL F 247 -7.82 -45.62 14.52
N LEU F 248 -7.34 -46.85 14.20
CA LEU F 248 -8.20 -48.03 14.15
C LEU F 248 -8.91 -48.27 15.49
N PHE F 249 -8.15 -48.23 16.61
CA PHE F 249 -8.71 -48.42 17.96
C PHE F 249 -9.69 -47.33 18.35
N LEU F 250 -9.38 -46.08 17.98
CA LEU F 250 -10.25 -44.94 18.27
C LEU F 250 -11.62 -45.10 17.58
N MET F 251 -11.63 -45.59 16.32
CA MET F 251 -12.86 -45.82 15.55
C MET F 251 -13.75 -46.92 16.14
N THR F 252 -13.16 -47.86 16.89
CA THR F 252 -13.94 -48.95 17.49
C THR F 252 -14.52 -48.59 18.87
N LYS F 253 -13.93 -47.59 19.56
CA LYS F 253 -14.40 -47.16 20.88
C LYS F 253 -15.86 -46.67 20.81
N SER F 254 -16.67 -47.04 21.82
CA SER F 254 -18.10 -46.72 21.84
C SER F 254 -18.42 -45.21 21.92
N GLY F 255 -17.42 -44.36 22.14
CA GLY F 255 -17.61 -42.93 22.18
C GLY F 255 -16.99 -42.20 21.00
N TYR F 256 -16.83 -42.90 19.86
CA TYR F 256 -16.20 -42.32 18.67
C TYR F 256 -17.01 -41.23 17.99
N GLN F 257 -16.36 -40.09 17.77
CA GLN F 257 -16.95 -38.96 17.08
C GLN F 257 -16.44 -38.94 15.63
N PRO F 258 -17.36 -39.00 14.65
CA PRO F 258 -16.93 -38.94 13.25
C PRO F 258 -16.22 -37.63 12.90
N PRO F 259 -15.36 -37.64 11.86
CA PRO F 259 -14.60 -36.43 11.53
C PRO F 259 -15.42 -35.20 11.11
N ARG F 260 -14.78 -34.04 11.12
CA ARG F 260 -15.41 -32.77 10.75
C ARG F 260 -14.39 -31.87 10.02
N LEU F 261 -14.90 -30.87 9.28
CA LEU F 261 -14.05 -29.92 8.59
C LEU F 261 -13.35 -29.00 9.60
N LYS F 262 -12.07 -28.69 9.35
CA LYS F 262 -11.24 -27.86 10.22
C LYS F 262 -11.44 -26.35 10.06
N GLU F 263 -12.47 -25.90 9.30
CA GLU F 263 -12.79 -24.48 9.09
C GLU F 263 -14.28 -24.28 8.78
N LYS F 266 -14.88 -20.55 5.69
CA LYS F 266 -14.39 -21.11 4.44
C LYS F 266 -15.42 -22.01 3.77
N TRP F 267 -16.09 -22.88 4.55
CA TRP F 267 -17.08 -23.80 3.98
C TRP F 267 -18.51 -23.47 4.36
N SER F 268 -19.46 -23.86 3.50
CA SER F 268 -20.87 -23.61 3.74
C SER F 268 -21.50 -24.72 4.60
N ALA F 269 -22.75 -24.48 5.07
CA ALA F 269 -23.53 -25.45 5.84
C ALA F 269 -23.94 -26.67 5.00
N ALA F 270 -24.03 -26.52 3.66
CA ALA F 270 -24.37 -27.64 2.80
C ALA F 270 -23.18 -28.63 2.75
N PHE F 271 -21.94 -28.10 2.66
CA PHE F 271 -20.73 -28.92 2.68
C PHE F 271 -20.59 -29.62 4.05
N HIS F 272 -20.96 -28.93 5.14
CA HIS F 272 -20.94 -29.51 6.46
C HIS F 272 -21.97 -30.63 6.57
N ASN F 273 -23.21 -30.39 6.12
CA ASN F 273 -24.26 -31.42 6.18
C ASN F 273 -23.96 -32.64 5.31
N PHE F 274 -23.33 -32.44 4.14
CA PHE F 274 -22.96 -33.54 3.25
C PHE F 274 -21.93 -34.45 3.97
N ILE F 275 -20.96 -33.83 4.63
CA ILE F 275 -19.91 -34.52 5.36
C ILE F 275 -20.44 -35.18 6.66
N LYS F 276 -21.63 -34.82 7.13
CA LYS F 276 -22.23 -35.45 8.29
C LYS F 276 -23.10 -36.65 7.93
N VAL F 277 -23.80 -36.63 6.77
CA VAL F 277 -24.62 -37.78 6.37
C VAL F 277 -23.75 -38.91 5.80
N THR F 278 -22.70 -38.55 5.03
CA THR F 278 -21.76 -39.54 4.50
C THR F 278 -20.93 -40.14 5.64
N LEU F 279 -20.55 -39.32 6.63
CA LEU F 279 -19.78 -39.78 7.77
C LEU F 279 -20.64 -40.18 8.95
N THR F 280 -21.74 -40.91 8.68
CA THR F 280 -22.63 -41.40 9.72
C THR F 280 -21.94 -42.61 10.32
N LYS F 281 -21.75 -42.62 11.65
CA LYS F 281 -21.07 -43.72 12.34
C LYS F 281 -21.80 -45.06 12.19
N SER F 282 -23.13 -45.04 12.22
CA SER F 282 -23.92 -46.27 12.09
C SER F 282 -24.12 -46.71 10.65
N PRO F 283 -23.61 -47.90 10.28
CA PRO F 283 -23.81 -48.39 8.91
C PRO F 283 -25.28 -48.59 8.53
N LYS F 284 -26.13 -48.92 9.52
CA LYS F 284 -27.56 -49.09 9.26
C LYS F 284 -28.29 -47.74 9.02
N LYS F 285 -27.65 -46.61 9.35
CA LYS F 285 -28.21 -45.27 9.21
C LYS F 285 -27.59 -44.44 8.06
N ARG F 286 -26.44 -44.87 7.52
CA ARG F 286 -25.74 -44.16 6.44
C ARG F 286 -26.49 -44.32 5.10
N PRO F 287 -26.76 -43.21 4.40
CA PRO F 287 -27.53 -43.31 3.14
C PRO F 287 -26.75 -43.96 2.00
N SER F 288 -27.48 -44.54 1.03
CA SER F 288 -26.85 -45.18 -0.13
C SER F 288 -26.34 -44.14 -1.18
N ALA F 289 -25.67 -44.59 -2.25
CA ALA F 289 -25.17 -43.69 -3.29
C ALA F 289 -26.29 -42.97 -4.05
N THR F 290 -27.41 -43.66 -4.33
CA THR F 290 -28.54 -43.04 -5.01
C THR F 290 -29.21 -42.00 -4.10
N LYS F 291 -29.29 -42.30 -2.79
CA LYS F 291 -29.86 -41.41 -1.77
C LYS F 291 -28.96 -40.18 -1.58
N MET F 292 -27.65 -40.37 -1.65
CA MET F 292 -26.71 -39.27 -1.50
C MET F 292 -26.67 -38.32 -2.70
N LEU F 293 -27.05 -38.81 -3.89
CA LEU F 293 -27.09 -37.99 -5.10
C LEU F 293 -28.16 -36.87 -5.05
N SER F 294 -29.13 -36.97 -4.12
CA SER F 294 -30.17 -35.95 -3.96
C SER F 294 -29.81 -34.85 -2.95
N HIS F 295 -28.63 -34.94 -2.29
CA HIS F 295 -28.18 -33.94 -1.32
C HIS F 295 -27.94 -32.58 -1.99
N GLN F 296 -28.30 -31.49 -1.31
CA GLN F 296 -28.17 -30.08 -1.72
C GLN F 296 -26.78 -29.73 -2.34
N LEU F 297 -25.71 -30.35 -1.84
CA LEU F 297 -24.36 -30.10 -2.32
C LEU F 297 -24.11 -30.68 -3.72
N VAL F 298 -24.68 -31.85 -4.02
CA VAL F 298 -24.48 -32.48 -5.32
C VAL F 298 -25.68 -32.36 -6.27
N SER F 299 -26.79 -31.74 -5.83
CA SER F 299 -27.98 -31.60 -6.66
C SER F 299 -28.09 -30.28 -7.40
N GLN F 300 -27.31 -29.26 -7.00
CA GLN F 300 -27.31 -27.95 -7.67
C GLN F 300 -27.04 -28.07 -9.18
N PRO F 301 -27.99 -27.65 -10.03
CA PRO F 301 -27.85 -27.85 -11.49
C PRO F 301 -26.65 -27.16 -12.18
N GLY F 302 -25.94 -26.30 -11.47
CA GLY F 302 -24.76 -25.63 -12.02
C GLY F 302 -23.48 -26.41 -11.78
N LEU F 303 -23.58 -27.74 -11.69
CA LEU F 303 -22.40 -28.59 -11.49
C LEU F 303 -22.03 -29.27 -12.80
N ASN F 304 -20.86 -28.93 -13.34
CA ASN F 304 -20.41 -29.51 -14.61
C ASN F 304 -18.88 -29.53 -14.74
N ARG F 305 -18.39 -30.23 -15.77
CA ARG F 305 -16.99 -30.41 -16.15
C ARG F 305 -16.16 -29.11 -16.15
N GLY F 306 -16.81 -27.97 -16.37
CA GLY F 306 -16.14 -26.67 -16.40
C GLY F 306 -15.34 -26.36 -15.14
N LEU F 307 -15.89 -26.75 -13.98
CA LEU F 307 -15.23 -26.57 -12.68
C LEU F 307 -13.90 -27.32 -12.66
N ILE F 308 -13.87 -28.53 -13.23
CA ILE F 308 -12.65 -29.31 -13.28
C ILE F 308 -11.69 -28.82 -14.36
N LEU F 309 -12.24 -28.32 -15.47
CA LEU F 309 -11.41 -27.76 -16.53
C LEU F 309 -10.69 -26.50 -16.06
N ASP F 310 -11.32 -25.70 -15.17
CA ASP F 310 -10.72 -24.51 -14.55
C ASP F 310 -9.52 -24.94 -13.70
N LEU F 311 -9.69 -26.01 -12.91
CA LEU F 311 -8.66 -26.59 -12.04
C LEU F 311 -7.49 -27.11 -12.88
N LEU F 312 -7.81 -27.75 -14.01
CA LEU F 312 -6.83 -28.30 -14.93
C LEU F 312 -6.03 -27.16 -15.61
N ASP F 313 -6.71 -26.08 -15.99
CA ASP F 313 -6.08 -24.91 -16.62
C ASP F 313 -5.22 -24.11 -15.62
N LYS F 314 -5.62 -24.12 -14.33
CA LYS F 314 -4.90 -23.47 -13.23
C LYS F 314 -3.50 -24.05 -13.08
N LEU F 315 -3.35 -25.38 -13.29
CA LEU F 315 -2.08 -26.09 -13.22
C LEU F 315 -1.05 -25.58 -14.24
N LYS F 316 -1.52 -25.00 -15.35
CA LYS F 316 -0.65 -24.47 -16.40
C LYS F 316 -0.13 -23.07 -16.06
C1 Y3O G . -6.88 15.24 -9.40
C4 Y3O G . -6.80 18.85 -8.50
C5 Y3O G . -6.74 17.47 -8.38
C3 Y3O G . -6.93 19.43 -9.75
C7 Y3O G . -6.93 17.25 -10.78
C11 Y3O G . -5.99 22.66 -14.19
C6 Y3O G . -6.81 16.67 -9.52
C13 Y3O G . -6.52 20.47 -12.73
C8 Y3O G . -7.00 18.64 -10.90
C9 Y3O G . -7.15 19.25 -12.24
C12 Y3O G . -7.13 20.76 -13.95
C14 Y3O G . -5.52 21.42 -12.32
C10 Y3O G . -8.05 18.89 -13.20
C17 Y3O G . -2.57 20.87 -9.22
C16 Y3O G . -3.45 19.72 -9.67
C2 Y3O G . -3.92 22.39 -10.71
C18 Y3O G . -3.32 22.20 -9.32
C15 Y3O G . -3.97 19.91 -11.10
C19 Y3O G . -2.88 19.76 -12.14
N1 Y3O G . -6.96 14.10 -9.33
N4 Y3O G . -6.91 21.85 -14.71
N3 Y3O G . -5.28 22.52 -13.06
N2 Y3O G . -8.05 19.77 -14.21
N5 Y3O G . -4.66 21.22 -11.21
N6 Y3O G . -2.40 23.33 -9.01
CL1 Y3O G . -9.20 17.63 -13.25
C1 Y3O H . -6.51 -19.35 -43.91
C4 Y3O H . -9.48 -20.62 -42.08
C5 Y3O H . -8.69 -19.84 -42.91
C3 Y3O H . -8.92 -21.65 -41.33
C7 Y3O H . -6.77 -21.15 -42.27
C11 Y3O H . -7.96 -26.62 -38.98
C6 Y3O H . -7.33 -20.11 -43.01
C13 Y3O H . -7.48 -24.32 -40.28
C8 Y3O H . -7.56 -21.91 -41.42
C9 Y3O H . -6.94 -22.99 -40.59
C12 Y3O H . -6.69 -24.81 -39.24
C14 Y3O H . -8.55 -25.18 -40.66
C10 Y3O H . -5.86 -22.83 -39.78
C17 Y3O H . -10.92 -24.71 -44.17
C16 Y3O H . -9.68 -23.83 -43.91
C2 Y3O H . -10.57 -25.81 -41.95
C18 Y3O H . -11.58 -25.12 -42.87
C15 Y3O H . -8.69 -24.56 -43.01
C19 Y3O H . -8.01 -25.73 -43.69
N1 Y3O H . -5.83 -18.76 -44.63
N4 Y3O H . -6.90 -25.93 -38.56
N3 Y3O H . -8.80 -26.33 -39.98
N2 Y3O H . -5.70 -23.89 -38.98
N5 Y3O H . -9.37 -24.96 -41.77
N6 Y3O H . -12.72 -26.04 -43.13
CL1 Y3O H . -4.81 -21.52 -39.55
C1 Y3O I . -6.69 -19.82 18.18
C4 Y3O I . -9.88 -21.49 19.11
C5 Y3O I . -8.98 -20.66 18.46
C3 Y3O I . -9.45 -22.38 20.09
C7 Y3O I . -7.18 -21.64 19.74
C11 Y3O I . -8.66 -26.89 23.26
C6 Y3O I . -7.62 -20.74 18.78
C13 Y3O I . -8.09 -24.68 21.86
C8 Y3O I . -8.09 -22.45 20.42
C9 Y3O I . -7.62 -23.34 21.52
C12 Y3O I . -7.51 -25.00 23.08
C14 Y3O I . -8.99 -25.66 21.35
C10 Y3O I . -6.76 -22.98 22.52
C17 Y3O I . -10.39 -25.91 17.31
C16 Y3O I . -9.32 -24.90 17.71
C2 Y3O I . -10.58 -26.59 19.72
C18 Y3O I . -11.35 -26.19 18.47
C15 Y3O I . -8.57 -25.35 18.97
C19 Y3O I . -7.62 -26.51 18.72
N1 Y3O I . -5.92 -19.10 17.73
N4 Y3O I . -7.75 -26.10 23.82
N3 Y3O I . -9.30 -26.74 22.10
N2 Y3O I . -6.70 -23.96 23.45
N5 Y3O I . -9.53 -25.62 20.05
N6 Y3O I . -12.29 -27.28 18.09
CL1 Y3O I . -5.84 -21.59 22.77
C1 Y3O J . 35.05 35.49 -7.84
C4 Y3O J . 32.06 33.47 -6.94
C5 Y3O J . 32.89 34.35 -7.60
C3 Y3O J . 32.54 32.76 -5.85
C7 Y3O J . 34.70 33.78 -6.11
C11 Y3O J . 34.30 28.30 -2.80
C6 Y3O J . 34.22 34.52 -7.19
C13 Y3O J . 34.25 30.70 -4.00
C8 Y3O J . 33.87 32.90 -5.44
C9 Y3O J . 34.38 32.13 -4.26
C12 Y3O J . 34.69 30.50 -2.71
C14 Y3O J . 33.85 29.51 -4.68
C10 Y3O J . 34.94 32.67 -3.15
C17 Y3O J . 32.85 29.37 -8.85
C16 Y3O J . 33.60 30.55 -8.22
C2 Y3O J . 32.57 28.43 -6.50
C18 Y3O J . 31.90 28.73 -7.84
C15 Y3O J . 34.37 30.12 -6.98
C19 Y3O J . 35.56 29.22 -7.28
N1 Y3O J . 35.70 36.27 -8.37
N4 Y3O J . 34.72 29.32 -2.05
N3 Y3O J . 33.88 28.31 -4.07
N2 Y3O J . 35.10 31.70 -2.21
N5 Y3O J . 33.44 29.50 -6.02
N6 Y3O J . 31.32 27.48 -8.41
CL1 Y3O J . 35.46 34.25 -2.85
C1 Y3O K . 36.73 6.53 25.84
C4 Y3O K . 35.10 9.86 26.23
C5 Y3O K . 35.52 8.56 26.50
C3 Y3O K . 35.48 10.47 25.05
C7 Y3O K . 36.72 8.52 24.41
C11 Y3O K . 37.45 14.24 21.45
C6 Y3O K . 36.33 7.89 25.59
C13 Y3O K . 37.03 11.87 22.63
C8 Y3O K . 36.29 9.81 24.14
C9 Y3O K . 36.67 10.47 22.85
C12 Y3O K . 37.02 12.06 21.27
C14 Y3O K . 37.35 13.05 23.40
C10 Y3O K . 36.55 9.90 21.61
C17 Y3O K . 38.33 13.06 27.58
C16 Y3O K . 38.25 11.76 26.76
C2 Y3O K . 37.64 14.33 25.50
C18 Y3O K . 37.41 14.13 27.00
C15 Y3O K . 38.47 11.99 25.26
C19 Y3O K . 39.91 12.28 24.89
N1 Y3O K . 37.03 5.45 26.07
N4 Y3O K . 37.21 13.22 20.62
N3 Y3O K . 37.54 14.23 22.78
N2 Y3O K . 36.73 10.85 20.68
N5 Y3O K . 37.56 13.05 24.78
N6 Y3O K . 37.60 15.42 27.70
CL1 Y3O K . 36.30 8.30 21.08
#